data_1ZNL
# 
_entry.id   1ZNL 
# 
_audit_conform.dict_name       mmcif_pdbx.dic 
_audit_conform.dict_version    5.398 
_audit_conform.dict_location   http://mmcif.pdb.org/dictionaries/ascii/mmcif_pdbx.dic 
# 
loop_
_database_2.database_id 
_database_2.database_code 
_database_2.pdbx_database_accession 
_database_2.pdbx_DOI 
PDB   1ZNL         pdb_00001znl 10.2210/pdb1znl/pdb 
RCSB  RCSB032926   ?            ?                   
WWPDB D_1000032926 ?            ?                   
# 
loop_
_pdbx_audit_revision_history.ordinal 
_pdbx_audit_revision_history.data_content_type 
_pdbx_audit_revision_history.major_revision 
_pdbx_audit_revision_history.minor_revision 
_pdbx_audit_revision_history.revision_date 
1 'Structure model' 1 0 2005-12-20 
2 'Structure model' 1 1 2008-04-30 
3 'Structure model' 1 2 2011-07-13 
4 'Structure model' 2 0 2023-08-23 
5 'Structure model' 2 1 2024-11-13 
# 
_pdbx_audit_revision_details.ordinal             1 
_pdbx_audit_revision_details.revision_ordinal    1 
_pdbx_audit_revision_details.data_content_type   'Structure model' 
_pdbx_audit_revision_details.provider            repository 
_pdbx_audit_revision_details.type                'Initial release' 
_pdbx_audit_revision_details.description         ? 
_pdbx_audit_revision_details.details             ? 
# 
loop_
_pdbx_audit_revision_group.ordinal 
_pdbx_audit_revision_group.revision_ordinal 
_pdbx_audit_revision_group.data_content_type 
_pdbx_audit_revision_group.group 
1 2 'Structure model' 'Version format compliance' 
2 3 'Structure model' 'Version format compliance' 
3 4 'Structure model' 'Atomic model'              
4 4 'Structure model' 'Data collection'           
5 4 'Structure model' 'Database references'       
6 4 'Structure model' 'Derived calculations'      
7 4 'Structure model' 'Refinement description'    
8 5 'Structure model' 'Structure summary'         
# 
loop_
_pdbx_audit_revision_category.ordinal 
_pdbx_audit_revision_category.revision_ordinal 
_pdbx_audit_revision_category.data_content_type 
_pdbx_audit_revision_category.category 
1  4 'Structure model' atom_site                     
2  4 'Structure model' chem_comp_atom                
3  4 'Structure model' chem_comp_bond                
4  4 'Structure model' database_2                    
5  4 'Structure model' pdbx_initial_refinement_model 
6  4 'Structure model' pdbx_struct_conn_angle        
7  4 'Structure model' struct_conn                   
8  4 'Structure model' struct_ref_seq_dif            
9  4 'Structure model' struct_site                   
10 5 'Structure model' pdbx_entry_details            
11 5 'Structure model' pdbx_modification_feature     
# 
loop_
_pdbx_audit_revision_item.ordinal 
_pdbx_audit_revision_item.revision_ordinal 
_pdbx_audit_revision_item.data_content_type 
_pdbx_audit_revision_item.item 
1  4 'Structure model' '_atom_site.occupancy'                        
2  4 'Structure model' '_database_2.pdbx_DOI'                        
3  4 'Structure model' '_database_2.pdbx_database_accession'         
4  4 'Structure model' '_pdbx_struct_conn_angle.ptnr1_auth_comp_id'  
5  4 'Structure model' '_pdbx_struct_conn_angle.ptnr1_auth_seq_id'   
6  4 'Structure model' '_pdbx_struct_conn_angle.ptnr1_label_asym_id' 
7  4 'Structure model' '_pdbx_struct_conn_angle.ptnr1_label_atom_id' 
8  4 'Structure model' '_pdbx_struct_conn_angle.ptnr1_label_comp_id' 
9  4 'Structure model' '_pdbx_struct_conn_angle.ptnr1_label_seq_id'  
10 4 'Structure model' '_pdbx_struct_conn_angle.ptnr1_symmetry'      
11 4 'Structure model' '_pdbx_struct_conn_angle.ptnr2_auth_seq_id'   
12 4 'Structure model' '_pdbx_struct_conn_angle.ptnr2_label_asym_id' 
13 4 'Structure model' '_pdbx_struct_conn_angle.ptnr3_auth_comp_id'  
14 4 'Structure model' '_pdbx_struct_conn_angle.ptnr3_auth_seq_id'   
15 4 'Structure model' '_pdbx_struct_conn_angle.ptnr3_label_asym_id' 
16 4 'Structure model' '_pdbx_struct_conn_angle.ptnr3_label_atom_id' 
17 4 'Structure model' '_pdbx_struct_conn_angle.ptnr3_label_comp_id' 
18 4 'Structure model' '_pdbx_struct_conn_angle.ptnr3_label_seq_id'  
19 4 'Structure model' '_pdbx_struct_conn_angle.ptnr3_symmetry'      
20 4 'Structure model' '_pdbx_struct_conn_angle.value'               
21 4 'Structure model' '_struct_conn.pdbx_dist_value'                
22 4 'Structure model' '_struct_conn.ptnr1_auth_comp_id'             
23 4 'Structure model' '_struct_conn.ptnr1_auth_seq_id'              
24 4 'Structure model' '_struct_conn.ptnr1_label_asym_id'            
25 4 'Structure model' '_struct_conn.ptnr1_label_atom_id'            
26 4 'Structure model' '_struct_conn.ptnr1_label_comp_id'            
27 4 'Structure model' '_struct_conn.ptnr1_label_seq_id'             
28 4 'Structure model' '_struct_conn.ptnr1_symmetry'                 
29 4 'Structure model' '_struct_conn.ptnr2_auth_comp_id'             
30 4 'Structure model' '_struct_conn.ptnr2_auth_seq_id'              
31 4 'Structure model' '_struct_conn.ptnr2_label_asym_id'            
32 4 'Structure model' '_struct_conn.ptnr2_label_atom_id'            
33 4 'Structure model' '_struct_conn.ptnr2_label_comp_id'            
34 4 'Structure model' '_struct_conn.ptnr2_label_seq_id'             
35 4 'Structure model' '_struct_conn.ptnr2_symmetry'                 
36 4 'Structure model' '_struct_ref_seq_dif.details'                 
37 4 'Structure model' '_struct_site.pdbx_auth_asym_id'              
38 4 'Structure model' '_struct_site.pdbx_auth_comp_id'              
39 4 'Structure model' '_struct_site.pdbx_auth_seq_id'               
# 
_pdbx_database_status.status_code                     REL 
_pdbx_database_status.entry_id                        1ZNL 
_pdbx_database_status.recvd_initial_deposition_date   2005-05-11 
_pdbx_database_status.deposit_site                    RCSB 
_pdbx_database_status.process_site                    RCSB 
_pdbx_database_status.status_code_sf                  REL 
_pdbx_database_status.status_code_mr                  ? 
_pdbx_database_status.SG_entry                        ? 
_pdbx_database_status.pdb_format_compatible           Y 
_pdbx_database_status.status_code_cs                  ? 
_pdbx_database_status.status_code_nmr_data            ? 
_pdbx_database_status.methods_development_category    ? 
# 
loop_
_pdbx_database_related.db_name 
_pdbx_database_related.db_id 
_pdbx_database_related.details 
_pdbx_database_related.content_type 
PDB 1ZND . unspecified 
PDB 1ZNG . unspecified 
PDB 1ZNH . unspecified 
PDB 1ZNK . unspecified 
PDB 1ZNE . unspecified 
# 
loop_
_audit_author.name 
_audit_author.pdbx_ordinal 
'Malham, R.'     1 
'Johnstone, S.'  2 
'Bingham, R.J.'  3 
'Barratt, E.'    4 
'Phillips, S.E.' 5 
'Laughton, C.A.' 6 
'Homans, S.W.'   7 
# 
_citation.id                        primary 
_citation.title                     'Strong Solute-Solute Dispersive Interactions in a Protein-Ligand Complex.' 
_citation.journal_abbrev            J.Am.Chem.Soc. 
_citation.journal_volume            127 
_citation.page_first                17061 
_citation.page_last                 17067 
_citation.year                      2005 
_citation.journal_id_ASTM           JACSAT 
_citation.country                   US 
_citation.journal_id_ISSN           0002-7863 
_citation.journal_id_CSD            0004 
_citation.book_publisher            ? 
_citation.pdbx_database_id_PubMed   16316253 
_citation.pdbx_database_id_DOI      10.1021/ja055454g 
# 
loop_
_citation_author.citation_id 
_citation_author.name 
_citation_author.ordinal 
_citation_author.identifier_ORCID 
primary 'Malham, R.'     1 ? 
primary 'Johnstone, S.'  2 ? 
primary 'Bingham, R.J.'  3 ? 
primary 'Barratt, E.'    4 ? 
primary 'Phillips, S.E.' 5 ? 
primary 'Laughton, C.A.' 6 ? 
primary 'Homans, S.W.'   7 ? 
# 
loop_
_entity.id 
_entity.type 
_entity.src_method 
_entity.pdbx_description 
_entity.formula_weight 
_entity.pdbx_number_of_molecules 
_entity.pdbx_ec 
_entity.pdbx_mutation 
_entity.pdbx_fragment 
_entity.details 
1 polymer     man 'Major Urinary Protein' 20139.400 1   ? ? ? ? 
2 non-polymer syn 'CADMIUM ION'           112.411   4   ? ? ? ? 
3 non-polymer syn DECAN-1-OL              158.281   1   ? ? ? ? 
4 water       nat water                   18.015    219 ? ? ? ? 
# 
_entity_poly.entity_id                      1 
_entity_poly.type                           'polypeptide(L)' 
_entity_poly.nstd_linkage                   no 
_entity_poly.nstd_monomer                   no 
_entity_poly.pdbx_seq_one_letter_code       
;MRGSHHHHHHGSEEASSTGRNFNVEKINGEWHTIILASDKREKIEDNGNFRLFLEQIHVLEKSLVLKFHTVRDEECSELS
MVADKTEKAGEYSVTYDGFNTFTIPKTDYDNFLMAHLINEKDGETFQLMGLYGREPDLSSDIKERFAQLCEEHGILRENI
IDLSNANRCLQARE
;
_entity_poly.pdbx_seq_one_letter_code_can   
;MRGSHHHHHHGSEEASSTGRNFNVEKINGEWHTIILASDKREKIEDNGNFRLFLEQIHVLEKSLVLKFHTVRDEECSELS
MVADKTEKAGEYSVTYDGFNTFTIPKTDYDNFLMAHLINEKDGETFQLMGLYGREPDLSSDIKERFAQLCEEHGILRENI
IDLSNANRCLQARE
;
_entity_poly.pdbx_strand_id                 A 
_entity_poly.pdbx_target_identifier         ? 
# 
loop_
_pdbx_entity_nonpoly.entity_id 
_pdbx_entity_nonpoly.name 
_pdbx_entity_nonpoly.comp_id 
2 'CADMIUM ION' CD  
3 DECAN-1-OL    DE1 
4 water         HOH 
# 
loop_
_entity_poly_seq.entity_id 
_entity_poly_seq.num 
_entity_poly_seq.mon_id 
_entity_poly_seq.hetero 
1 1   MET n 
1 2   ARG n 
1 3   GLY n 
1 4   SER n 
1 5   HIS n 
1 6   HIS n 
1 7   HIS n 
1 8   HIS n 
1 9   HIS n 
1 10  HIS n 
1 11  GLY n 
1 12  SER n 
1 13  GLU n 
1 14  GLU n 
1 15  ALA n 
1 16  SER n 
1 17  SER n 
1 18  THR n 
1 19  GLY n 
1 20  ARG n 
1 21  ASN n 
1 22  PHE n 
1 23  ASN n 
1 24  VAL n 
1 25  GLU n 
1 26  LYS n 
1 27  ILE n 
1 28  ASN n 
1 29  GLY n 
1 30  GLU n 
1 31  TRP n 
1 32  HIS n 
1 33  THR n 
1 34  ILE n 
1 35  ILE n 
1 36  LEU n 
1 37  ALA n 
1 38  SER n 
1 39  ASP n 
1 40  LYS n 
1 41  ARG n 
1 42  GLU n 
1 43  LYS n 
1 44  ILE n 
1 45  GLU n 
1 46  ASP n 
1 47  ASN n 
1 48  GLY n 
1 49  ASN n 
1 50  PHE n 
1 51  ARG n 
1 52  LEU n 
1 53  PHE n 
1 54  LEU n 
1 55  GLU n 
1 56  GLN n 
1 57  ILE n 
1 58  HIS n 
1 59  VAL n 
1 60  LEU n 
1 61  GLU n 
1 62  LYS n 
1 63  SER n 
1 64  LEU n 
1 65  VAL n 
1 66  LEU n 
1 67  LYS n 
1 68  PHE n 
1 69  HIS n 
1 70  THR n 
1 71  VAL n 
1 72  ARG n 
1 73  ASP n 
1 74  GLU n 
1 75  GLU n 
1 76  CYS n 
1 77  SER n 
1 78  GLU n 
1 79  LEU n 
1 80  SER n 
1 81  MET n 
1 82  VAL n 
1 83  ALA n 
1 84  ASP n 
1 85  LYS n 
1 86  THR n 
1 87  GLU n 
1 88  LYS n 
1 89  ALA n 
1 90  GLY n 
1 91  GLU n 
1 92  TYR n 
1 93  SER n 
1 94  VAL n 
1 95  THR n 
1 96  TYR n 
1 97  ASP n 
1 98  GLY n 
1 99  PHE n 
1 100 ASN n 
1 101 THR n 
1 102 PHE n 
1 103 THR n 
1 104 ILE n 
1 105 PRO n 
1 106 LYS n 
1 107 THR n 
1 108 ASP n 
1 109 TYR n 
1 110 ASP n 
1 111 ASN n 
1 112 PHE n 
1 113 LEU n 
1 114 MET n 
1 115 ALA n 
1 116 HIS n 
1 117 LEU n 
1 118 ILE n 
1 119 ASN n 
1 120 GLU n 
1 121 LYS n 
1 122 ASP n 
1 123 GLY n 
1 124 GLU n 
1 125 THR n 
1 126 PHE n 
1 127 GLN n 
1 128 LEU n 
1 129 MET n 
1 130 GLY n 
1 131 LEU n 
1 132 TYR n 
1 133 GLY n 
1 134 ARG n 
1 135 GLU n 
1 136 PRO n 
1 137 ASP n 
1 138 LEU n 
1 139 SER n 
1 140 SER n 
1 141 ASP n 
1 142 ILE n 
1 143 LYS n 
1 144 GLU n 
1 145 ARG n 
1 146 PHE n 
1 147 ALA n 
1 148 GLN n 
1 149 LEU n 
1 150 CYS n 
1 151 GLU n 
1 152 GLU n 
1 153 HIS n 
1 154 GLY n 
1 155 ILE n 
1 156 LEU n 
1 157 ARG n 
1 158 GLU n 
1 159 ASN n 
1 160 ILE n 
1 161 ILE n 
1 162 ASP n 
1 163 LEU n 
1 164 SER n 
1 165 ASN n 
1 166 ALA n 
1 167 ASN n 
1 168 ARG n 
1 169 CYS n 
1 170 LEU n 
1 171 GLN n 
1 172 ALA n 
1 173 ARG n 
1 174 GLU n 
# 
_entity_src_gen.entity_id                          1 
_entity_src_gen.pdbx_src_id                        1 
_entity_src_gen.pdbx_alt_source_flag               sample 
_entity_src_gen.pdbx_seq_type                      ? 
_entity_src_gen.pdbx_beg_seq_num                   ? 
_entity_src_gen.pdbx_end_seq_num                   ? 
_entity_src_gen.gene_src_common_name               'house mouse' 
_entity_src_gen.gene_src_genus                     Mus 
_entity_src_gen.pdbx_gene_src_gene                 MUP1 
_entity_src_gen.gene_src_species                   ? 
_entity_src_gen.gene_src_strain                    ? 
_entity_src_gen.gene_src_tissue                    ? 
_entity_src_gen.gene_src_tissue_fraction           ? 
_entity_src_gen.gene_src_details                   ? 
_entity_src_gen.pdbx_gene_src_fragment             ? 
_entity_src_gen.pdbx_gene_src_scientific_name      'Mus musculus' 
_entity_src_gen.pdbx_gene_src_ncbi_taxonomy_id     10090 
_entity_src_gen.pdbx_gene_src_variant              ? 
_entity_src_gen.pdbx_gene_src_cell_line            ? 
_entity_src_gen.pdbx_gene_src_atcc                 ? 
_entity_src_gen.pdbx_gene_src_organ                ? 
_entity_src_gen.pdbx_gene_src_organelle            ? 
_entity_src_gen.pdbx_gene_src_cell                 ? 
_entity_src_gen.pdbx_gene_src_cellular_location    ? 
_entity_src_gen.host_org_common_name               ? 
_entity_src_gen.pdbx_host_org_scientific_name      'Escherichia coli' 
_entity_src_gen.pdbx_host_org_ncbi_taxonomy_id     562 
_entity_src_gen.host_org_genus                     Escherichia 
_entity_src_gen.pdbx_host_org_gene                 ? 
_entity_src_gen.pdbx_host_org_organ                ? 
_entity_src_gen.host_org_species                   ? 
_entity_src_gen.pdbx_host_org_tissue               ? 
_entity_src_gen.pdbx_host_org_tissue_fraction      ? 
_entity_src_gen.pdbx_host_org_strain               SG13009 
_entity_src_gen.pdbx_host_org_variant              ? 
_entity_src_gen.pdbx_host_org_cell_line            ? 
_entity_src_gen.pdbx_host_org_atcc                 ? 
_entity_src_gen.pdbx_host_org_culture_collection   ? 
_entity_src_gen.pdbx_host_org_cell                 ? 
_entity_src_gen.pdbx_host_org_organelle            ? 
_entity_src_gen.pdbx_host_org_cellular_location    ? 
_entity_src_gen.pdbx_host_org_vector_type          PLASMID 
_entity_src_gen.pdbx_host_org_vector               ? 
_entity_src_gen.host_org_details                   ? 
_entity_src_gen.expression_system_id               ? 
_entity_src_gen.plasmid_name                       pQE30 
_entity_src_gen.plasmid_details                    ? 
_entity_src_gen.pdbx_description                   ? 
# 
loop_
_chem_comp.id 
_chem_comp.type 
_chem_comp.mon_nstd_flag 
_chem_comp.name 
_chem_comp.pdbx_synonyms 
_chem_comp.formula 
_chem_comp.formula_weight 
ALA 'L-peptide linking' y ALANINE         ? 'C3 H7 N O2'     89.093  
ARG 'L-peptide linking' y ARGININE        ? 'C6 H15 N4 O2 1' 175.209 
ASN 'L-peptide linking' y ASPARAGINE      ? 'C4 H8 N2 O3'    132.118 
ASP 'L-peptide linking' y 'ASPARTIC ACID' ? 'C4 H7 N O4'     133.103 
CD  non-polymer         . 'CADMIUM ION'   ? 'Cd 2'           112.411 
CYS 'L-peptide linking' y CYSTEINE        ? 'C3 H7 N O2 S'   121.158 
DE1 non-polymer         . DECAN-1-OL      ? 'C10 H22 O'      158.281 
GLN 'L-peptide linking' y GLUTAMINE       ? 'C5 H10 N2 O3'   146.144 
GLU 'L-peptide linking' y 'GLUTAMIC ACID' ? 'C5 H9 N O4'     147.129 
GLY 'peptide linking'   y GLYCINE         ? 'C2 H5 N O2'     75.067  
HIS 'L-peptide linking' y HISTIDINE       ? 'C6 H10 N3 O2 1' 156.162 
HOH non-polymer         . WATER           ? 'H2 O'           18.015  
ILE 'L-peptide linking' y ISOLEUCINE      ? 'C6 H13 N O2'    131.173 
LEU 'L-peptide linking' y LEUCINE         ? 'C6 H13 N O2'    131.173 
LYS 'L-peptide linking' y LYSINE          ? 'C6 H15 N2 O2 1' 147.195 
MET 'L-peptide linking' y METHIONINE      ? 'C5 H11 N O2 S'  149.211 
PHE 'L-peptide linking' y PHENYLALANINE   ? 'C9 H11 N O2'    165.189 
PRO 'L-peptide linking' y PROLINE         ? 'C5 H9 N O2'     115.130 
SER 'L-peptide linking' y SERINE          ? 'C3 H7 N O3'     105.093 
THR 'L-peptide linking' y THREONINE       ? 'C4 H9 N O3'     119.119 
TRP 'L-peptide linking' y TRYPTOPHAN      ? 'C11 H12 N2 O2'  204.225 
TYR 'L-peptide linking' y TYROSINE        ? 'C9 H11 N O3'    181.189 
VAL 'L-peptide linking' y VALINE          ? 'C5 H11 N O2'    117.146 
# 
loop_
_pdbx_poly_seq_scheme.asym_id 
_pdbx_poly_seq_scheme.entity_id 
_pdbx_poly_seq_scheme.seq_id 
_pdbx_poly_seq_scheme.mon_id 
_pdbx_poly_seq_scheme.ndb_seq_num 
_pdbx_poly_seq_scheme.pdb_seq_num 
_pdbx_poly_seq_scheme.auth_seq_num 
_pdbx_poly_seq_scheme.pdb_mon_id 
_pdbx_poly_seq_scheme.auth_mon_id 
_pdbx_poly_seq_scheme.pdb_strand_id 
_pdbx_poly_seq_scheme.pdb_ins_code 
_pdbx_poly_seq_scheme.hetero 
A 1 1   MET 1   -11 ?   ?   ?   A . n 
A 1 2   ARG 2   -10 ?   ?   ?   A . n 
A 1 3   GLY 3   -9  ?   ?   ?   A . n 
A 1 4   SER 4   -8  ?   ?   ?   A . n 
A 1 5   HIS 5   -7  ?   ?   ?   A . n 
A 1 6   HIS 6   -6  ?   ?   ?   A . n 
A 1 7   HIS 7   -5  ?   ?   ?   A . n 
A 1 8   HIS 8   -4  ?   ?   ?   A . n 
A 1 9   HIS 9   -3  ?   ?   ?   A . n 
A 1 10  HIS 10  -2  ?   ?   ?   A . n 
A 1 11  GLY 11  -1  ?   ?   ?   A . n 
A 1 12  SER 12  0   ?   ?   ?   A . n 
A 1 13  GLU 13  1   1   GLU GLU A . n 
A 1 14  GLU 14  2   2   GLU GLU A . n 
A 1 15  ALA 15  3   3   ALA ALA A . n 
A 1 16  SER 16  4   4   SER SER A . n 
A 1 17  SER 17  5   5   SER SER A . n 
A 1 18  THR 18  6   6   THR THR A . n 
A 1 19  GLY 19  7   7   GLY GLY A . n 
A 1 20  ARG 20  8   8   ARG ARG A . n 
A 1 21  ASN 21  9   9   ASN ASN A . n 
A 1 22  PHE 22  10  10  PHE PHE A . n 
A 1 23  ASN 23  11  11  ASN ASN A . n 
A 1 24  VAL 24  12  12  VAL VAL A . n 
A 1 25  GLU 25  13  13  GLU GLU A . n 
A 1 26  LYS 26  14  14  LYS LYS A . n 
A 1 27  ILE 27  15  15  ILE ILE A . n 
A 1 28  ASN 28  16  16  ASN ASN A . n 
A 1 29  GLY 29  17  17  GLY GLY A . n 
A 1 30  GLU 30  18  18  GLU GLU A . n 
A 1 31  TRP 31  19  19  TRP TRP A . n 
A 1 32  HIS 32  20  20  HIS HIS A . n 
A 1 33  THR 33  21  21  THR THR A . n 
A 1 34  ILE 34  22  22  ILE ILE A . n 
A 1 35  ILE 35  23  23  ILE ILE A . n 
A 1 36  LEU 36  24  24  LEU LEU A . n 
A 1 37  ALA 37  25  25  ALA ALA A . n 
A 1 38  SER 38  26  26  SER SER A . n 
A 1 39  ASP 39  27  27  ASP ASP A . n 
A 1 40  LYS 40  28  28  LYS LYS A . n 
A 1 41  ARG 41  29  29  ARG ARG A . n 
A 1 42  GLU 42  30  30  GLU GLU A . n 
A 1 43  LYS 43  31  31  LYS LYS A . n 
A 1 44  ILE 44  32  32  ILE ILE A . n 
A 1 45  GLU 45  33  33  GLU GLU A . n 
A 1 46  ASP 46  34  34  ASP ASP A . n 
A 1 47  ASN 47  35  35  ASN ASN A . n 
A 1 48  GLY 48  36  36  GLY GLY A . n 
A 1 49  ASN 49  37  37  ASN ASN A . n 
A 1 50  PHE 50  38  38  PHE PHE A . n 
A 1 51  ARG 51  39  39  ARG ARG A . n 
A 1 52  LEU 52  40  40  LEU LEU A . n 
A 1 53  PHE 53  41  41  PHE PHE A . n 
A 1 54  LEU 54  42  42  LEU LEU A . n 
A 1 55  GLU 55  43  43  GLU GLU A . n 
A 1 56  GLN 56  44  44  GLN GLN A . n 
A 1 57  ILE 57  45  45  ILE ILE A . n 
A 1 58  HIS 58  46  46  HIS HIS A . n 
A 1 59  VAL 59  47  47  VAL VAL A . n 
A 1 60  LEU 60  48  48  LEU LEU A . n 
A 1 61  GLU 61  49  49  GLU GLU A . n 
A 1 62  LYS 62  50  50  LYS LYS A . n 
A 1 63  SER 63  51  51  SER SER A . n 
A 1 64  LEU 64  52  52  LEU LEU A . n 
A 1 65  VAL 65  53  53  VAL VAL A . n 
A 1 66  LEU 66  54  54  LEU LEU A . n 
A 1 67  LYS 67  55  55  LYS LYS A . n 
A 1 68  PHE 68  56  56  PHE PHE A . n 
A 1 69  HIS 69  57  57  HIS HIS A . n 
A 1 70  THR 70  58  58  THR THR A . n 
A 1 71  VAL 71  59  59  VAL VAL A . n 
A 1 72  ARG 72  60  60  ARG ARG A . n 
A 1 73  ASP 73  61  61  ASP ASP A . n 
A 1 74  GLU 74  62  62  GLU GLU A . n 
A 1 75  GLU 75  63  63  GLU GLU A . n 
A 1 76  CYS 76  64  64  CYS CYS A . n 
A 1 77  SER 77  65  65  SER SER A . n 
A 1 78  GLU 78  66  66  GLU GLU A . n 
A 1 79  LEU 79  67  67  LEU LEU A . n 
A 1 80  SER 80  68  68  SER SER A . n 
A 1 81  MET 81  69  69  MET MET A . n 
A 1 82  VAL 82  70  70  VAL VAL A . n 
A 1 83  ALA 83  71  71  ALA ALA A . n 
A 1 84  ASP 84  72  72  ASP ASP A . n 
A 1 85  LYS 85  73  73  LYS LYS A . n 
A 1 86  THR 86  74  74  THR THR A . n 
A 1 87  GLU 87  75  75  GLU GLU A . n 
A 1 88  LYS 88  76  76  LYS LYS A . n 
A 1 89  ALA 89  77  77  ALA ALA A . n 
A 1 90  GLY 90  78  78  GLY GLY A . n 
A 1 91  GLU 91  79  79  GLU GLU A . n 
A 1 92  TYR 92  80  80  TYR TYR A . n 
A 1 93  SER 93  81  81  SER SER A . n 
A 1 94  VAL 94  82  82  VAL VAL A . n 
A 1 95  THR 95  83  83  THR THR A . n 
A 1 96  TYR 96  84  84  TYR TYR A . n 
A 1 97  ASP 97  85  85  ASP ASP A . n 
A 1 98  GLY 98  86  86  GLY GLY A . n 
A 1 99  PHE 99  87  87  PHE PHE A . n 
A 1 100 ASN 100 88  88  ASN ASN A . n 
A 1 101 THR 101 89  89  THR THR A . n 
A 1 102 PHE 102 90  90  PHE PHE A . n 
A 1 103 THR 103 91  91  THR THR A . n 
A 1 104 ILE 104 92  92  ILE ILE A . n 
A 1 105 PRO 105 93  93  PRO PRO A . n 
A 1 106 LYS 106 94  94  LYS LYS A . n 
A 1 107 THR 107 95  95  THR THR A . n 
A 1 108 ASP 108 96  96  ASP ASP A . n 
A 1 109 TYR 109 97  97  TYR TYR A . n 
A 1 110 ASP 110 98  98  ASP ASP A . n 
A 1 111 ASN 111 99  99  ASN ASN A . n 
A 1 112 PHE 112 100 100 PHE PHE A . n 
A 1 113 LEU 113 101 101 LEU LEU A . n 
A 1 114 MET 114 102 102 MET MET A . n 
A 1 115 ALA 115 103 103 ALA ALA A . n 
A 1 116 HIS 116 104 104 HIS HIS A . n 
A 1 117 LEU 117 105 105 LEU LEU A . n 
A 1 118 ILE 118 106 106 ILE ILE A . n 
A 1 119 ASN 119 107 107 ASN ASN A . n 
A 1 120 GLU 120 108 108 GLU GLU A . n 
A 1 121 LYS 121 109 109 LYS LYS A . n 
A 1 122 ASP 122 110 110 ASP ASP A . n 
A 1 123 GLY 123 111 111 GLY GLY A . n 
A 1 124 GLU 124 112 112 GLU GLU A . n 
A 1 125 THR 125 113 113 THR THR A . n 
A 1 126 PHE 126 114 114 PHE PHE A . n 
A 1 127 GLN 127 115 115 GLN GLN A . n 
A 1 128 LEU 128 116 116 LEU LEU A . n 
A 1 129 MET 129 117 117 MET MET A . n 
A 1 130 GLY 130 118 118 GLY GLY A . n 
A 1 131 LEU 131 119 119 LEU LEU A . n 
A 1 132 TYR 132 120 120 TYR TYR A . n 
A 1 133 GLY 133 121 121 GLY GLY A . n 
A 1 134 ARG 134 122 122 ARG ARG A . n 
A 1 135 GLU 135 123 123 GLU GLU A . n 
A 1 136 PRO 136 124 124 PRO PRO A . n 
A 1 137 ASP 137 125 125 ASP ASP A . n 
A 1 138 LEU 138 126 126 LEU LEU A . n 
A 1 139 SER 139 127 127 SER SER A . n 
A 1 140 SER 140 128 128 SER SER A . n 
A 1 141 ASP 141 129 129 ASP ASP A . n 
A 1 142 ILE 142 130 130 ILE ILE A . n 
A 1 143 LYS 143 131 131 LYS LYS A . n 
A 1 144 GLU 144 132 132 GLU GLU A . n 
A 1 145 ARG 145 133 133 ARG ARG A . n 
A 1 146 PHE 146 134 134 PHE PHE A . n 
A 1 147 ALA 147 135 135 ALA ALA A . n 
A 1 148 GLN 148 136 136 GLN GLN A . n 
A 1 149 LEU 149 137 137 LEU LEU A . n 
A 1 150 CYS 150 138 138 CYS CYS A . n 
A 1 151 GLU 151 139 139 GLU GLU A . n 
A 1 152 GLU 152 140 140 GLU GLU A . n 
A 1 153 HIS 153 141 141 HIS HIS A . n 
A 1 154 GLY 154 142 142 GLY GLY A . n 
A 1 155 ILE 155 143 143 ILE ILE A . n 
A 1 156 LEU 156 144 144 LEU LEU A . n 
A 1 157 ARG 157 145 145 ARG ARG A . n 
A 1 158 GLU 158 146 146 GLU GLU A . n 
A 1 159 ASN 159 147 147 ASN ASN A . n 
A 1 160 ILE 160 148 148 ILE ILE A . n 
A 1 161 ILE 161 149 149 ILE ILE A . n 
A 1 162 ASP 162 150 150 ASP ASP A . n 
A 1 163 LEU 163 151 151 LEU LEU A . n 
A 1 164 SER 164 152 152 SER SER A . n 
A 1 165 ASN 165 153 153 ASN ASN A . n 
A 1 166 ALA 166 154 154 ALA ALA A . n 
A 1 167 ASN 167 155 155 ASN ASN A . n 
A 1 168 ARG 168 156 156 ARG ARG A . n 
A 1 169 CYS 169 157 157 CYS CYS A . n 
A 1 170 LEU 170 158 ?   ?   ?   A . n 
A 1 171 GLN 171 159 ?   ?   ?   A . n 
A 1 172 ALA 172 160 ?   ?   ?   A . n 
A 1 173 ARG 173 161 ?   ?   ?   A . n 
A 1 174 GLU 174 162 ?   ?   ?   A . n 
# 
loop_
_pdbx_nonpoly_scheme.asym_id 
_pdbx_nonpoly_scheme.entity_id 
_pdbx_nonpoly_scheme.mon_id 
_pdbx_nonpoly_scheme.ndb_seq_num 
_pdbx_nonpoly_scheme.pdb_seq_num 
_pdbx_nonpoly_scheme.auth_seq_num 
_pdbx_nonpoly_scheme.pdb_mon_id 
_pdbx_nonpoly_scheme.auth_mon_id 
_pdbx_nonpoly_scheme.pdb_strand_id 
_pdbx_nonpoly_scheme.pdb_ins_code 
B 2 CD  1   200 200 CD  CD  A . 
C 2 CD  1   201 201 CD  CD  A . 
D 2 CD  1   202 202 CD  CD  A . 
E 2 CD  1   203 203 CD  CD  A . 
F 3 DE1 1   400 400 DE1 DRG A . 
G 4 HOH 1   204 204 HOH WAT A . 
G 4 HOH 2   205 205 HOH WAT A . 
G 4 HOH 3   206 206 HOH WAT A . 
G 4 HOH 4   207 207 HOH WAT A . 
G 4 HOH 5   208 208 HOH WAT A . 
G 4 HOH 6   209 209 HOH WAT A . 
G 4 HOH 7   210 210 HOH WAT A . 
G 4 HOH 8   211 211 HOH WAT A . 
G 4 HOH 9   212 212 HOH WAT A . 
G 4 HOH 10  213 213 HOH WAT A . 
G 4 HOH 11  214 214 HOH WAT A . 
G 4 HOH 12  215 215 HOH WAT A . 
G 4 HOH 13  216 216 HOH WAT A . 
G 4 HOH 14  217 217 HOH WAT A . 
G 4 HOH 15  218 218 HOH WAT A . 
G 4 HOH 16  219 219 HOH WAT A . 
G 4 HOH 17  220 220 HOH WAT A . 
G 4 HOH 18  221 221 HOH WAT A . 
G 4 HOH 19  222 222 HOH WAT A . 
G 4 HOH 20  223 223 HOH WAT A . 
G 4 HOH 21  224 224 HOH WAT A . 
G 4 HOH 22  225 225 HOH WAT A . 
G 4 HOH 23  226 226 HOH WAT A . 
G 4 HOH 24  229 229 HOH WAT A . 
G 4 HOH 25  230 230 HOH WAT A . 
G 4 HOH 26  231 231 HOH WAT A . 
G 4 HOH 27  232 232 HOH WAT A . 
G 4 HOH 28  233 233 HOH WAT A . 
G 4 HOH 29  234 234 HOH WAT A . 
G 4 HOH 30  235 235 HOH WAT A . 
G 4 HOH 31  236 236 HOH WAT A . 
G 4 HOH 32  237 237 HOH WAT A . 
G 4 HOH 33  238 238 HOH WAT A . 
G 4 HOH 34  239 239 HOH WAT A . 
G 4 HOH 35  240 240 HOH WAT A . 
G 4 HOH 36  241 241 HOH WAT A . 
G 4 HOH 37  242 242 HOH WAT A . 
G 4 HOH 38  243 243 HOH WAT A . 
G 4 HOH 39  244 244 HOH WAT A . 
G 4 HOH 40  245 245 HOH WAT A . 
G 4 HOH 41  246 246 HOH WAT A . 
G 4 HOH 42  247 247 HOH WAT A . 
G 4 HOH 43  248 248 HOH WAT A . 
G 4 HOH 44  249 249 HOH WAT A . 
G 4 HOH 45  250 250 HOH WAT A . 
G 4 HOH 46  251 251 HOH WAT A . 
G 4 HOH 47  252 252 HOH WAT A . 
G 4 HOH 48  253 253 HOH WAT A . 
G 4 HOH 49  254 254 HOH WAT A . 
G 4 HOH 50  255 255 HOH WAT A . 
G 4 HOH 51  256 256 HOH WAT A . 
G 4 HOH 52  257 257 HOH WAT A . 
G 4 HOH 53  258 258 HOH WAT A . 
G 4 HOH 54  259 259 HOH WAT A . 
G 4 HOH 55  260 260 HOH WAT A . 
G 4 HOH 56  261 261 HOH WAT A . 
G 4 HOH 57  262 262 HOH WAT A . 
G 4 HOH 58  263 263 HOH WAT A . 
G 4 HOH 59  264 264 HOH WAT A . 
G 4 HOH 60  265 265 HOH WAT A . 
G 4 HOH 61  266 266 HOH WAT A . 
G 4 HOH 62  267 267 HOH WAT A . 
G 4 HOH 63  268 268 HOH WAT A . 
G 4 HOH 64  269 269 HOH WAT A . 
G 4 HOH 65  270 270 HOH WAT A . 
G 4 HOH 66  271 271 HOH WAT A . 
G 4 HOH 67  272 272 HOH WAT A . 
G 4 HOH 68  273 273 HOH WAT A . 
G 4 HOH 69  274 274 HOH WAT A . 
G 4 HOH 70  275 275 HOH WAT A . 
G 4 HOH 71  276 276 HOH WAT A . 
G 4 HOH 72  277 277 HOH WAT A . 
G 4 HOH 73  278 278 HOH WAT A . 
G 4 HOH 74  279 279 HOH WAT A . 
G 4 HOH 75  280 280 HOH WAT A . 
G 4 HOH 76  281 281 HOH WAT A . 
G 4 HOH 77  282 282 HOH WAT A . 
G 4 HOH 78  283 283 HOH WAT A . 
G 4 HOH 79  284 284 HOH WAT A . 
G 4 HOH 80  285 285 HOH WAT A . 
G 4 HOH 81  286 286 HOH WAT A . 
G 4 HOH 82  287 287 HOH WAT A . 
G 4 HOH 83  289 289 HOH WAT A . 
G 4 HOH 84  290 290 HOH WAT A . 
G 4 HOH 85  291 291 HOH WAT A . 
G 4 HOH 86  292 292 HOH WAT A . 
G 4 HOH 87  293 293 HOH WAT A . 
G 4 HOH 88  294 294 HOH WAT A . 
G 4 HOH 89  295 295 HOH WAT A . 
G 4 HOH 90  296 296 HOH WAT A . 
G 4 HOH 91  297 297 HOH WAT A . 
G 4 HOH 92  298 298 HOH WAT A . 
G 4 HOH 93  299 299 HOH WAT A . 
G 4 HOH 94  300 300 HOH WAT A . 
G 4 HOH 95  301 301 HOH WAT A . 
G 4 HOH 96  302 302 HOH WAT A . 
G 4 HOH 97  303 303 HOH WAT A . 
G 4 HOH 98  304 304 HOH WAT A . 
G 4 HOH 99  305 305 HOH WAT A . 
G 4 HOH 100 306 306 HOH WAT A . 
G 4 HOH 101 307 307 HOH WAT A . 
G 4 HOH 102 308 308 HOH WAT A . 
G 4 HOH 103 309 309 HOH WAT A . 
G 4 HOH 104 310 310 HOH WAT A . 
G 4 HOH 105 311 311 HOH WAT A . 
G 4 HOH 106 312 312 HOH WAT A . 
G 4 HOH 107 313 313 HOH WAT A . 
G 4 HOH 108 314 314 HOH WAT A . 
G 4 HOH 109 315 315 HOH WAT A . 
G 4 HOH 110 316 316 HOH WAT A . 
G 4 HOH 111 317 317 HOH WAT A . 
G 4 HOH 112 318 318 HOH WAT A . 
G 4 HOH 113 319 319 HOH WAT A . 
G 4 HOH 114 320 320 HOH WAT A . 
G 4 HOH 115 321 321 HOH WAT A . 
G 4 HOH 116 322 322 HOH WAT A . 
G 4 HOH 117 323 323 HOH WAT A . 
G 4 HOH 118 324 324 HOH WAT A . 
G 4 HOH 119 325 325 HOH WAT A . 
G 4 HOH 120 326 326 HOH WAT A . 
G 4 HOH 121 327 327 HOH WAT A . 
G 4 HOH 122 328 328 HOH WAT A . 
G 4 HOH 123 329 329 HOH WAT A . 
G 4 HOH 124 330 330 HOH WAT A . 
G 4 HOH 125 331 331 HOH WAT A . 
G 4 HOH 126 332 332 HOH WAT A . 
G 4 HOH 127 333 333 HOH WAT A . 
G 4 HOH 128 334 334 HOH WAT A . 
G 4 HOH 129 335 335 HOH WAT A . 
G 4 HOH 130 336 336 HOH WAT A . 
G 4 HOH 131 337 337 HOH WAT A . 
G 4 HOH 132 338 338 HOH WAT A . 
G 4 HOH 133 339 339 HOH WAT A . 
G 4 HOH 134 340 340 HOH WAT A . 
G 4 HOH 135 341 341 HOH WAT A . 
G 4 HOH 136 342 342 HOH WAT A . 
G 4 HOH 137 343 343 HOH WAT A . 
G 4 HOH 138 344 344 HOH WAT A . 
G 4 HOH 139 345 345 HOH WAT A . 
G 4 HOH 140 346 346 HOH WAT A . 
G 4 HOH 141 347 347 HOH WAT A . 
G 4 HOH 142 348 348 HOH WAT A . 
G 4 HOH 143 349 349 HOH WAT A . 
G 4 HOH 144 350 350 HOH WAT A . 
G 4 HOH 145 351 351 HOH WAT A . 
G 4 HOH 146 352 352 HOH WAT A . 
G 4 HOH 147 353 353 HOH WAT A . 
G 4 HOH 148 354 354 HOH WAT A . 
G 4 HOH 149 355 355 HOH WAT A . 
G 4 HOH 150 356 356 HOH WAT A . 
G 4 HOH 151 357 357 HOH WAT A . 
G 4 HOH 152 358 358 HOH WAT A . 
G 4 HOH 153 359 359 HOH WAT A . 
G 4 HOH 154 360 360 HOH WAT A . 
G 4 HOH 155 361 361 HOH WAT A . 
G 4 HOH 156 362 362 HOH WAT A . 
G 4 HOH 157 363 363 HOH WAT A . 
G 4 HOH 158 364 364 HOH WAT A . 
G 4 HOH 159 365 365 HOH WAT A . 
G 4 HOH 160 366 366 HOH WAT A . 
G 4 HOH 161 367 367 HOH WAT A . 
G 4 HOH 162 368 368 HOH WAT A . 
G 4 HOH 163 369 369 HOH WAT A . 
G 4 HOH 164 370 370 HOH WAT A . 
G 4 HOH 165 371 371 HOH WAT A . 
G 4 HOH 166 372 372 HOH WAT A . 
G 4 HOH 167 373 373 HOH WAT A . 
G 4 HOH 168 374 374 HOH WAT A . 
G 4 HOH 169 375 375 HOH WAT A . 
G 4 HOH 170 376 376 HOH WAT A . 
G 4 HOH 171 377 377 HOH WAT A . 
G 4 HOH 172 378 378 HOH WAT A . 
G 4 HOH 173 379 379 HOH WAT A . 
G 4 HOH 174 380 380 HOH WAT A . 
G 4 HOH 175 381 381 HOH WAT A . 
G 4 HOH 176 382 382 HOH WAT A . 
G 4 HOH 177 383 383 HOH WAT A . 
G 4 HOH 178 384 384 HOH WAT A . 
G 4 HOH 179 385 385 HOH WAT A . 
G 4 HOH 180 386 386 HOH WAT A . 
G 4 HOH 181 387 387 HOH WAT A . 
G 4 HOH 182 388 388 HOH WAT A . 
G 4 HOH 183 389 389 HOH WAT A . 
G 4 HOH 184 390 390 HOH WAT A . 
G 4 HOH 185 401 401 HOH WAT A . 
G 4 HOH 186 402 402 HOH WAT A . 
G 4 HOH 187 405 405 HOH WAT A . 
G 4 HOH 188 406 406 HOH WAT A . 
G 4 HOH 189 407 407 HOH WAT A . 
G 4 HOH 190 408 408 HOH WAT A . 
G 4 HOH 191 409 409 HOH WAT A . 
G 4 HOH 192 410 410 HOH WAT A . 
G 4 HOH 193 411 411 HOH WAT A . 
G 4 HOH 194 412 412 HOH WAT A . 
G 4 HOH 195 413 413 HOH WAT A . 
G 4 HOH 196 414 414 HOH WAT A . 
G 4 HOH 197 415 415 HOH WAT A . 
G 4 HOH 198 416 416 HOH WAT A . 
G 4 HOH 199 417 417 HOH WAT A . 
G 4 HOH 200 418 418 HOH WAT A . 
G 4 HOH 201 419 419 HOH WAT A . 
G 4 HOH 202 420 420 HOH WAT A . 
G 4 HOH 203 421 421 HOH WAT A . 
G 4 HOH 204 422 422 HOH WAT A . 
G 4 HOH 205 423 423 HOH WAT A . 
G 4 HOH 206 424 424 HOH WAT A . 
G 4 HOH 207 425 425 HOH WAT A . 
G 4 HOH 208 426 426 HOH WAT A . 
G 4 HOH 209 427 427 HOH WAT A . 
G 4 HOH 210 428 428 HOH WAT A . 
G 4 HOH 211 429 429 HOH WAT A . 
G 4 HOH 212 430 430 HOH WAT A . 
G 4 HOH 213 431 431 HOH WAT A . 
G 4 HOH 214 432 432 HOH WAT A . 
G 4 HOH 215 433 433 HOH WAT A . 
G 4 HOH 216 434 434 HOH WAT A . 
G 4 HOH 217 435 435 HOH WAT A . 
G 4 HOH 218 436 436 HOH WAT A . 
G 4 HOH 219 437 437 HOH WAT A . 
# 
loop_
_software.name 
_software.classification 
_software.version 
_software.citation_id 
_software.pdbx_ordinal 
MOSFLM 'data reduction' .         ? 1 
SCALA  'data scaling'   .         ? 2 
CNS    refinement       .         ? 3 
CCP4   'data scaling'   '(SCALA)' ? 4 
CNS    phasing          .         ? 5 
# 
_cell.entry_id           1ZNL 
_cell.length_a           53.718 
_cell.length_b           53.718 
_cell.length_c           137.510 
_cell.angle_alpha        90.00 
_cell.angle_beta         90.00 
_cell.angle_gamma        90.00 
_cell.Z_PDB              8 
_cell.pdbx_unique_axis   ? 
# 
_symmetry.entry_id                         1ZNL 
_symmetry.space_group_name_H-M             'P 43 21 2' 
_symmetry.pdbx_full_space_group_name_H-M   ? 
_symmetry.cell_setting                     ? 
_symmetry.Int_Tables_number                96 
_symmetry.space_group_name_Hall            ? 
# 
_exptl.entry_id          1ZNL 
_exptl.method            'X-RAY DIFFRACTION' 
_exptl.crystals_number   1 
# 
_exptl_crystal.id                    1 
_exptl_crystal.density_meas          ? 
_exptl_crystal.density_Matthews      2.75 
_exptl_crystal.density_percent_sol   54.93 
_exptl_crystal.description           ? 
_exptl_crystal.F_000                 ? 
_exptl_crystal.preparation           ? 
# 
_exptl_crystal_grow.crystal_id      1 
_exptl_crystal_grow.method          'VAPOR DIFFUSION, HANGING DROP' 
_exptl_crystal_grow.temp            291 
_exptl_crystal_grow.temp_details    ? 
_exptl_crystal_grow.pH              4.9 
_exptl_crystal_grow.pdbx_details    'CADMIUM CHLORIDE, MALATE, HCL, pH 4.9, VAPOR DIFFUSION, HANGING DROP, temperature 291K' 
_exptl_crystal_grow.pdbx_pH_range   . 
# 
_diffrn.id                     1 
_diffrn.ambient_temp           100 
_diffrn.ambient_temp_details   ? 
_diffrn.crystal_id             1 
# 
_diffrn_detector.diffrn_id              1 
_diffrn_detector.detector               CCD 
_diffrn_detector.type                   'ADSC QUANTUM 4' 
_diffrn_detector.pdbx_collection_date   2004-11-19 
_diffrn_detector.details                MIRRORS 
# 
_diffrn_radiation.diffrn_id                        1 
_diffrn_radiation.wavelength_id                    1 
_diffrn_radiation.pdbx_monochromatic_or_laue_m_l   M 
_diffrn_radiation.monochromator                    SI111 
_diffrn_radiation.pdbx_diffrn_protocol             'SINGLE WAVELENGTH' 
_diffrn_radiation.pdbx_scattering_type             x-ray 
# 
_diffrn_radiation_wavelength.id           1 
_diffrn_radiation_wavelength.wavelength   1.488 
_diffrn_radiation_wavelength.wt           1.0 
# 
_diffrn_source.diffrn_id                   1 
_diffrn_source.source                      SYNCHROTRON 
_diffrn_source.type                        'SRS BEAMLINE PX14.1' 
_diffrn_source.pdbx_synchrotron_site       SRS 
_diffrn_source.pdbx_synchrotron_beamline   PX14.1 
_diffrn_source.pdbx_wavelength             ? 
_diffrn_source.pdbx_wavelength_list        1.488 
# 
_reflns.entry_id                     1ZNL 
_reflns.observed_criterion_sigma_F   0 
_reflns.observed_criterion_sigma_I   0 
_reflns.d_resolution_high            1.7 
_reflns.d_resolution_low             38 
_reflns.number_all                   23022 
_reflns.number_obs                   23022 
_reflns.percent_possible_obs         99.9 
_reflns.pdbx_Rmerge_I_obs            ? 
_reflns.pdbx_Rsym_value              0.083 
_reflns.pdbx_netI_over_sigmaI        4.8 
_reflns.B_iso_Wilson_estimate        17.0 
_reflns.pdbx_redundancy              6.1 
_reflns.R_free_details               ? 
_reflns.limit_h_max                  ? 
_reflns.limit_h_min                  ? 
_reflns.limit_k_max                  ? 
_reflns.limit_k_min                  ? 
_reflns.limit_l_max                  ? 
_reflns.limit_l_min                  ? 
_reflns.observed_criterion_F_max     ? 
_reflns.observed_criterion_F_min     ? 
_reflns.pdbx_chi_squared             ? 
_reflns.pdbx_scaling_rejects         ? 
_reflns.pdbx_diffrn_id               1 
_reflns.pdbx_ordinal                 1 
# 
_reflns_shell.d_res_high             1.7 
_reflns_shell.d_res_low              1.79 
_reflns_shell.percent_possible_all   100 
_reflns_shell.Rmerge_I_obs           ? 
_reflns_shell.pdbx_Rsym_value        0.236 
_reflns_shell.meanI_over_sigI_obs    3.1 
_reflns_shell.pdbx_redundancy        6.7 
_reflns_shell.percent_possible_obs   ? 
_reflns_shell.number_unique_all      3314 
_reflns_shell.number_measured_all    ? 
_reflns_shell.number_measured_obs    ? 
_reflns_shell.number_unique_obs      ? 
_reflns_shell.pdbx_chi_squared       ? 
_reflns_shell.pdbx_diffrn_id         ? 
_reflns_shell.pdbx_ordinal           1 
# 
_refine.entry_id                                 1ZNL 
_refine.ls_d_res_high                            1.7 
_refine.ls_d_res_low                             38 
_refine.pdbx_ls_sigma_F                          0 
_refine.pdbx_ls_sigma_I                          0 
_refine.ls_number_reflns_all                     23022 
_refine.ls_number_reflns_obs                     23022 
_refine.ls_number_reflns_R_free                  1162 
_refine.ls_percent_reflns_obs                    99.9 
_refine.ls_R_factor_all                          0.192 
_refine.ls_R_factor_obs                          0.192 
_refine.ls_R_factor_R_work                       0.1904 
_refine.ls_R_factor_R_free                       0.2263 
_refine.ls_redundancy_reflns_obs                 ? 
_refine.pdbx_data_cutoff_high_absF               ? 
_refine.pdbx_data_cutoff_low_absF                ? 
_refine.ls_number_parameters                     ? 
_refine.ls_number_restraints                     ? 
_refine.ls_percent_reflns_R_free                 ? 
_refine.ls_R_factor_R_free_error                 ? 
_refine.ls_R_factor_R_free_error_details         ? 
_refine.pdbx_method_to_determine_struct          'MOLECULAR REPLACEMENT' 
_refine.pdbx_starting_model                      1QY0 
_refine.pdbx_ls_cross_valid_method               THROUGHOUT 
_refine.pdbx_R_Free_selection_details            RANDOM 
_refine.pdbx_stereochem_target_val_spec_case     ? 
_refine.pdbx_stereochemistry_target_values       'Engh & Huber' 
_refine.solvent_model_details                    ? 
_refine.solvent_model_param_bsol                 ? 
_refine.solvent_model_param_ksol                 ? 
_refine.occupancy_max                            ? 
_refine.occupancy_min                            ? 
_refine.pdbx_isotropic_thermal_model             isotropic 
_refine.B_iso_mean                               23.8 
_refine.aniso_B[1][1]                            -3.128 
_refine.aniso_B[1][2]                            0 
_refine.aniso_B[1][3]                            0 
_refine.aniso_B[2][2]                            -3.128 
_refine.aniso_B[2][3]                            0 
_refine.aniso_B[3][3]                            6.257 
_refine.details                                  ? 
_refine.B_iso_min                                ? 
_refine.B_iso_max                                ? 
_refine.correlation_coeff_Fo_to_Fc               ? 
_refine.correlation_coeff_Fo_to_Fc_free          ? 
_refine.pdbx_solvent_vdw_probe_radii             ? 
_refine.pdbx_solvent_ion_probe_radii             ? 
_refine.pdbx_solvent_shrinkage_radii             ? 
_refine.overall_SU_R_Cruickshank_DPI             ? 
_refine.overall_SU_R_free                        ? 
_refine.overall_SU_ML                            ? 
_refine.overall_SU_B                             ? 
_refine.pdbx_overall_ESU_R_Free                  ? 
_refine.pdbx_data_cutoff_high_rms_absF           ? 
_refine.pdbx_overall_ESU_R                       ? 
_refine.ls_wR_factor_R_free                      ? 
_refine.ls_wR_factor_R_work                      ? 
_refine.overall_FOM_free_R_set                   ? 
_refine.overall_FOM_work_R_set                   ? 
_refine.pdbx_refine_id                           'X-RAY DIFFRACTION' 
_refine.pdbx_diffrn_id                           1 
_refine.pdbx_TLS_residual_ADP_flag               ? 
_refine.pdbx_overall_phase_error                 ? 
_refine.pdbx_overall_SU_R_free_Cruickshank_DPI   ? 
_refine.pdbx_overall_SU_R_Blow_DPI               ? 
_refine.pdbx_overall_SU_R_free_Blow_DPI          ? 
# 
_refine_analyze.entry_id                        1ZNL 
_refine_analyze.Luzzati_coordinate_error_obs    0.18 
_refine_analyze.Luzzati_sigma_a_obs             0.02 
_refine_analyze.Luzzati_d_res_low_obs           5 
_refine_analyze.Luzzati_coordinate_error_free   0.21 
_refine_analyze.Luzzati_sigma_a_free            0.05 
_refine_analyze.Luzzati_d_res_low_free          ? 
_refine_analyze.number_disordered_residues      ? 
_refine_analyze.occupancy_sum_non_hydrogen      ? 
_refine_analyze.occupancy_sum_hydrogen          ? 
_refine_analyze.pdbx_Luzzati_d_res_high_obs     ? 
_refine_analyze.pdbx_refine_id                  'X-RAY DIFFRACTION' 
# 
_refine_hist.pdbx_refine_id                   'X-RAY DIFFRACTION' 
_refine_hist.cycle_id                         LAST 
_refine_hist.pdbx_number_atoms_protein        1272 
_refine_hist.pdbx_number_atoms_nucleic_acid   0 
_refine_hist.pdbx_number_atoms_ligand         15 
_refine_hist.number_atoms_solvent             219 
_refine_hist.number_atoms_total               1506 
_refine_hist.d_res_high                       1.7 
_refine_hist.d_res_low                        38 
# 
loop_
_refine_ls_restr.type 
_refine_ls_restr.dev_ideal 
_refine_ls_restr.dev_ideal_target 
_refine_ls_restr.weight 
_refine_ls_restr.number 
_refine_ls_restr.pdbx_refine_id 
_refine_ls_restr.pdbx_restraint_function 
c_bond_d    0.012 ? ? ? 'X-RAY DIFFRACTION' ? 
c_angle_deg 1.56  ? ? ? 'X-RAY DIFFRACTION' ? 
# 
_refine_ls_shell.pdbx_total_number_of_bins_used   ? 
_refine_ls_shell.d_res_high                       1.7 
_refine_ls_shell.d_res_low                        1.76 
_refine_ls_shell.number_reflns_R_work             ? 
_refine_ls_shell.R_factor_R_work                  0.199 
_refine_ls_shell.percent_reflns_obs               100 
_refine_ls_shell.R_factor_R_free                  0.224 
_refine_ls_shell.R_factor_R_free_error            0.02 
_refine_ls_shell.percent_reflns_R_free            ? 
_refine_ls_shell.number_reflns_R_free             124 
_refine_ls_shell.number_reflns_obs                2253 
_refine_ls_shell.redundancy_reflns_obs            ? 
_refine_ls_shell.number_reflns_all                ? 
_refine_ls_shell.pdbx_refine_id                   'X-RAY DIFFRACTION' 
_refine_ls_shell.R_factor_all                     ? 
# 
_struct.entry_id                  1ZNL 
_struct.title                     'Strong Solute-Solute Dispersive Interactions in a Protein-Ligand Complex' 
_struct.pdbx_model_details        ? 
_struct.pdbx_CASP_flag            ? 
_struct.pdbx_model_type_details   ? 
# 
_struct_keywords.entry_id        1ZNL 
_struct_keywords.pdbx_keywords   'TRANSPORT PROTEIN' 
_struct_keywords.text            'lIPOCALIN, BETA-BARREL, DECAN-1-OL, Transport Protein' 
# 
loop_
_struct_asym.id 
_struct_asym.pdbx_blank_PDB_chainid_flag 
_struct_asym.pdbx_modified 
_struct_asym.entity_id 
_struct_asym.details 
A N N 1 ? 
B N N 2 ? 
C N N 2 ? 
D N N 2 ? 
E N N 2 ? 
F N N 3 ? 
G N N 4 ? 
# 
_struct_ref.id                         1 
_struct_ref.db_name                    UNP 
_struct_ref.db_code                    MUP2_MOUSE 
_struct_ref.pdbx_db_accession          P11589 
_struct_ref.entity_id                  1 
_struct_ref.pdbx_seq_one_letter_code   
;EEASSTGRNFNVEKINGEWHTIILASDKREKIEDNGNFRLFLEQIHVLEKSLVLKFHTVRDEECSELSMVADKTEKAGEY
SVTYDGFNTFTIPKTDYDNFLMAHLINEKDGETFQLMGLYGREPDLSSDIKERFAQLCEEHGILRENIIDLSNANRCLQA
RE
;
_struct_ref.pdbx_align_begin           19 
_struct_ref.pdbx_db_isoform            ? 
# 
_struct_ref_seq.align_id                      1 
_struct_ref_seq.ref_id                        1 
_struct_ref_seq.pdbx_PDB_id_code              1ZNL 
_struct_ref_seq.pdbx_strand_id                A 
_struct_ref_seq.seq_align_beg                 13 
_struct_ref_seq.pdbx_seq_align_beg_ins_code   ? 
_struct_ref_seq.seq_align_end                 174 
_struct_ref_seq.pdbx_seq_align_end_ins_code   ? 
_struct_ref_seq.pdbx_db_accession             P11589 
_struct_ref_seq.db_align_beg                  19 
_struct_ref_seq.pdbx_db_align_beg_ins_code    ? 
_struct_ref_seq.db_align_end                  180 
_struct_ref_seq.pdbx_db_align_end_ins_code    ? 
_struct_ref_seq.pdbx_auth_seq_align_beg       1 
_struct_ref_seq.pdbx_auth_seq_align_end       162 
# 
loop_
_struct_ref_seq_dif.align_id 
_struct_ref_seq_dif.pdbx_pdb_id_code 
_struct_ref_seq_dif.mon_id 
_struct_ref_seq_dif.pdbx_pdb_strand_id 
_struct_ref_seq_dif.seq_num 
_struct_ref_seq_dif.pdbx_pdb_ins_code 
_struct_ref_seq_dif.pdbx_seq_db_name 
_struct_ref_seq_dif.pdbx_seq_db_accession_code 
_struct_ref_seq_dif.db_mon_id 
_struct_ref_seq_dif.pdbx_seq_db_seq_num 
_struct_ref_seq_dif.details 
_struct_ref_seq_dif.pdbx_auth_seq_num 
_struct_ref_seq_dif.pdbx_ordinal 
1 1ZNL MET A 1  ? UNP P11589 ? ? 'cloning artifact' -11 1  
1 1ZNL ARG A 2  ? UNP P11589 ? ? 'cloning artifact' -10 2  
1 1ZNL GLY A 3  ? UNP P11589 ? ? 'cloning artifact' -9  3  
1 1ZNL SER A 4  ? UNP P11589 ? ? 'cloning artifact' -8  4  
1 1ZNL HIS A 5  ? UNP P11589 ? ? 'expression tag'   -7  5  
1 1ZNL HIS A 6  ? UNP P11589 ? ? 'expression tag'   -6  6  
1 1ZNL HIS A 7  ? UNP P11589 ? ? 'expression tag'   -5  7  
1 1ZNL HIS A 8  ? UNP P11589 ? ? 'expression tag'   -4  8  
1 1ZNL HIS A 9  ? UNP P11589 ? ? 'expression tag'   -3  9  
1 1ZNL HIS A 10 ? UNP P11589 ? ? 'expression tag'   -2  10 
1 1ZNL GLY A 11 ? UNP P11589 ? ? 'cloning artifact' -1  11 
1 1ZNL SER A 12 ? UNP P11589 ? ? 'cloning artifact' 0   12 
# 
_pdbx_struct_assembly.id                   1 
_pdbx_struct_assembly.details              author_defined_assembly 
_pdbx_struct_assembly.method_details       ? 
_pdbx_struct_assembly.oligomeric_details   monomeric 
_pdbx_struct_assembly.oligomeric_count     1 
# 
_pdbx_struct_assembly_gen.assembly_id       1 
_pdbx_struct_assembly_gen.oper_expression   1 
_pdbx_struct_assembly_gen.asym_id_list      A,B,C,D,E,F,G 
# 
_pdbx_struct_oper_list.id                   1 
_pdbx_struct_oper_list.type                 'identity operation' 
_pdbx_struct_oper_list.name                 1_555 
_pdbx_struct_oper_list.symmetry_operation   x,y,z 
_pdbx_struct_oper_list.matrix[1][1]         1.0000000000 
_pdbx_struct_oper_list.matrix[1][2]         0.0000000000 
_pdbx_struct_oper_list.matrix[1][3]         0.0000000000 
_pdbx_struct_oper_list.vector[1]            0.0000000000 
_pdbx_struct_oper_list.matrix[2][1]         0.0000000000 
_pdbx_struct_oper_list.matrix[2][2]         1.0000000000 
_pdbx_struct_oper_list.matrix[2][3]         0.0000000000 
_pdbx_struct_oper_list.vector[2]            0.0000000000 
_pdbx_struct_oper_list.matrix[3][1]         0.0000000000 
_pdbx_struct_oper_list.matrix[3][2]         0.0000000000 
_pdbx_struct_oper_list.matrix[3][3]         1.0000000000 
_pdbx_struct_oper_list.vector[3]            0.0000000000 
# 
_struct_biol.id                    1 
_struct_biol.pdbx_parent_biol_id   ? 
_struct_biol.details               ? 
# 
loop_
_struct_conf.conf_type_id 
_struct_conf.id 
_struct_conf.pdbx_PDB_helix_id 
_struct_conf.beg_label_comp_id 
_struct_conf.beg_label_asym_id 
_struct_conf.beg_label_seq_id 
_struct_conf.pdbx_beg_PDB_ins_code 
_struct_conf.end_label_comp_id 
_struct_conf.end_label_asym_id 
_struct_conf.end_label_seq_id 
_struct_conf.pdbx_end_PDB_ins_code 
_struct_conf.beg_auth_comp_id 
_struct_conf.beg_auth_asym_id 
_struct_conf.beg_auth_seq_id 
_struct_conf.end_auth_comp_id 
_struct_conf.end_auth_asym_id 
_struct_conf.end_auth_seq_id 
_struct_conf.pdbx_PDB_helix_class 
_struct_conf.details 
_struct_conf.pdbx_PDB_helix_length 
HELX_P HELX_P1 1 ASN A 23  ? ASN A 28  ? ASN A 11  ASN A 16  5 ? 6  
HELX_P HELX_P2 2 LYS A 40  ? GLU A 45  ? LYS A 28  GLU A 33  5 ? 6  
HELX_P HELX_P3 3 SER A 139 ? HIS A 153 ? SER A 127 HIS A 141 1 ? 15 
HELX_P HELX_P4 4 LEU A 156 ? GLU A 158 ? LEU A 144 GLU A 146 5 ? 3  
# 
_struct_conf_type.id          HELX_P 
_struct_conf_type.criteria    ? 
_struct_conf_type.reference   ? 
# 
loop_
_struct_conn.id 
_struct_conn.conn_type_id 
_struct_conn.pdbx_leaving_atom_flag 
_struct_conn.pdbx_PDB_id 
_struct_conn.ptnr1_label_asym_id 
_struct_conn.ptnr1_label_comp_id 
_struct_conn.ptnr1_label_seq_id 
_struct_conn.ptnr1_label_atom_id 
_struct_conn.pdbx_ptnr1_label_alt_id 
_struct_conn.pdbx_ptnr1_PDB_ins_code 
_struct_conn.pdbx_ptnr1_standard_comp_id 
_struct_conn.ptnr1_symmetry 
_struct_conn.ptnr2_label_asym_id 
_struct_conn.ptnr2_label_comp_id 
_struct_conn.ptnr2_label_seq_id 
_struct_conn.ptnr2_label_atom_id 
_struct_conn.pdbx_ptnr2_label_alt_id 
_struct_conn.pdbx_ptnr2_PDB_ins_code 
_struct_conn.ptnr1_auth_asym_id 
_struct_conn.ptnr1_auth_comp_id 
_struct_conn.ptnr1_auth_seq_id 
_struct_conn.ptnr2_auth_asym_id 
_struct_conn.ptnr2_auth_comp_id 
_struct_conn.ptnr2_auth_seq_id 
_struct_conn.ptnr2_symmetry 
_struct_conn.pdbx_ptnr3_label_atom_id 
_struct_conn.pdbx_ptnr3_label_seq_id 
_struct_conn.pdbx_ptnr3_label_comp_id 
_struct_conn.pdbx_ptnr3_label_asym_id 
_struct_conn.pdbx_ptnr3_label_alt_id 
_struct_conn.pdbx_ptnr3_PDB_ins_code 
_struct_conn.details 
_struct_conn.pdbx_dist_value 
_struct_conn.pdbx_value_order 
_struct_conn.pdbx_role 
disulf1  disulf ? ? A CYS 76  SG  ? ? ? 1_555 A CYS 169 SG ? ? A CYS 64  A CYS 157 1_555 ? ? ? ? ? ? ? 2.037 ? ? 
metalc1  metalc ? ? A GLU 25  OE1 ? ? ? 1_555 C CD  .   CD ? ? A GLU 13  A CD  201 1_555 ? ? ? ? ? ? ? 2.289 ? ? 
metalc2  metalc ? ? A GLU 25  OE2 ? ? ? 1_555 C CD  .   CD ? ? A GLU 13  A CD  201 1_555 ? ? ? ? ? ? ? 2.589 ? ? 
metalc3  metalc ? ? A GLU 30  OE1 ? ? ? 5_645 B CD  .   CD ? ? A GLU 18  A CD  200 1_555 ? ? ? ? ? ? ? 2.465 ? ? 
metalc4  metalc ? ? A GLU 30  OE2 ? ? ? 5_645 B CD  .   CD ? ? A GLU 18  A CD  200 1_555 ? ? ? ? ? ? ? 2.337 ? ? 
metalc5  metalc ? ? A HIS 116 ND1 ? ? ? 1_555 D CD  .   CD ? ? A HIS 104 A CD  202 1_555 ? ? ? ? ? ? ? 2.447 ? ? 
metalc6  metalc ? ? A ASP 122 OD2 ? ? ? 8_675 C CD  .   CD ? ? A ASP 110 A CD  201 1_555 ? ? ? ? ? ? ? 2.299 ? ? 
metalc7  metalc ? ? A GLU 151 OE1 ? ? ? 1_555 B CD  .   CD ? ? A GLU 139 A CD  200 1_555 ? ? ? ? ? ? ? 2.241 ? ? 
metalc8  metalc ? ? A GLU 151 OE2 ? ? ? 1_555 B CD  .   CD ? ? A GLU 139 A CD  200 1_555 ? ? ? ? ? ? ? 2.456 ? ? 
metalc9  metalc ? ? A HIS 153 NE2 ? ? ? 1_555 E CD  .   CD ? ? A HIS 141 A CD  203 1_555 ? ? ? ? ? ? ? 2.853 ? ? 
metalc10 metalc ? ? B CD  .   CD  ? ? ? 1_555 G HOH .   O  ? ? A CD  200 A HOH 324 1_555 ? ? ? ? ? ? ? 2.338 ? ? 
metalc11 metalc ? ? B CD  .   CD  ? ? ? 1_555 G HOH .   O  ? ? A CD  200 A HOH 401 1_555 ? ? ? ? ? ? ? 2.326 ? ? 
metalc12 metalc ? ? B CD  .   CD  ? ? ? 1_555 G HOH .   O  ? ? A CD  200 A HOH 437 1_555 ? ? ? ? ? ? ? 2.357 ? ? 
metalc13 metalc ? ? C CD  .   CD  ? ? ? 1_555 G HOH .   O  ? ? A CD  201 A HOH 210 1_555 ? ? ? ? ? ? ? 2.202 ? ? 
metalc14 metalc ? ? C CD  .   CD  ? ? ? 1_555 G HOH .   O  ? ? A CD  201 A HOH 372 1_555 ? ? ? ? ? ? ? 2.261 ? ? 
metalc15 metalc ? ? C CD  .   CD  ? ? ? 1_555 G HOH .   O  ? ? A CD  201 A HOH 402 1_555 ? ? ? ? ? ? ? 1.899 ? ? 
metalc16 metalc ? ? C CD  .   CD  ? ? ? 1_555 G HOH .   O  ? ? A CD  201 A HOH 408 1_555 ? ? ? ? ? ? ? 2.357 ? ? 
metalc17 metalc ? ? D CD  .   CD  ? ? ? 1_555 G HOH .   O  ? ? A CD  202 A HOH 212 8_665 ? ? ? ? ? ? ? 2.483 ? ? 
metalc18 metalc ? ? D CD  .   CD  ? ? ? 1_555 G HOH .   O  ? ? A CD  202 A HOH 320 1_555 ? ? ? ? ? ? ? 2.233 ? ? 
metalc19 metalc ? ? D CD  .   CD  ? ? ? 1_555 G HOH .   O  ? ? A CD  202 A HOH 322 1_555 ? ? ? ? ? ? ? 2.499 ? ? 
metalc20 metalc ? ? D CD  .   CD  ? ? ? 1_555 G HOH .   O  ? ? A CD  202 A HOH 409 1_555 ? ? ? ? ? ? ? 2.521 ? ? 
metalc21 metalc ? ? E CD  .   CD  ? ? ? 1_555 G HOH .   O  ? ? A CD  203 A HOH 212 8_665 ? ? ? ? ? ? ? 2.756 ? ? 
metalc22 metalc ? ? E CD  .   CD  ? ? ? 1_555 G HOH .   O  ? ? A CD  203 A HOH 322 1_555 ? ? ? ? ? ? ? 2.489 ? ? 
metalc23 metalc ? ? E CD  .   CD  ? ? ? 1_555 G HOH .   O  ? ? A CD  203 A HOH 327 1_555 ? ? ? ? ? ? ? 2.446 ? ? 
metalc24 metalc ? ? E CD  .   CD  ? ? ? 1_555 G HOH .   O  ? ? A CD  203 A HOH 385 1_555 ? ? ? ? ? ? ? 2.624 ? ? 
# 
loop_
_struct_conn_type.id 
_struct_conn_type.criteria 
_struct_conn_type.reference 
disulf ? ? 
metalc ? ? 
# 
loop_
_pdbx_struct_conn_angle.id 
_pdbx_struct_conn_angle.ptnr1_label_atom_id 
_pdbx_struct_conn_angle.ptnr1_label_alt_id 
_pdbx_struct_conn_angle.ptnr1_label_asym_id 
_pdbx_struct_conn_angle.ptnr1_label_comp_id 
_pdbx_struct_conn_angle.ptnr1_label_seq_id 
_pdbx_struct_conn_angle.ptnr1_auth_atom_id 
_pdbx_struct_conn_angle.ptnr1_auth_asym_id 
_pdbx_struct_conn_angle.ptnr1_auth_comp_id 
_pdbx_struct_conn_angle.ptnr1_auth_seq_id 
_pdbx_struct_conn_angle.ptnr1_PDB_ins_code 
_pdbx_struct_conn_angle.ptnr1_symmetry 
_pdbx_struct_conn_angle.ptnr2_label_atom_id 
_pdbx_struct_conn_angle.ptnr2_label_alt_id 
_pdbx_struct_conn_angle.ptnr2_label_asym_id 
_pdbx_struct_conn_angle.ptnr2_label_comp_id 
_pdbx_struct_conn_angle.ptnr2_label_seq_id 
_pdbx_struct_conn_angle.ptnr2_auth_atom_id 
_pdbx_struct_conn_angle.ptnr2_auth_asym_id 
_pdbx_struct_conn_angle.ptnr2_auth_comp_id 
_pdbx_struct_conn_angle.ptnr2_auth_seq_id 
_pdbx_struct_conn_angle.ptnr2_PDB_ins_code 
_pdbx_struct_conn_angle.ptnr2_symmetry 
_pdbx_struct_conn_angle.ptnr3_label_atom_id 
_pdbx_struct_conn_angle.ptnr3_label_alt_id 
_pdbx_struct_conn_angle.ptnr3_label_asym_id 
_pdbx_struct_conn_angle.ptnr3_label_comp_id 
_pdbx_struct_conn_angle.ptnr3_label_seq_id 
_pdbx_struct_conn_angle.ptnr3_auth_atom_id 
_pdbx_struct_conn_angle.ptnr3_auth_asym_id 
_pdbx_struct_conn_angle.ptnr3_auth_comp_id 
_pdbx_struct_conn_angle.ptnr3_auth_seq_id 
_pdbx_struct_conn_angle.ptnr3_PDB_ins_code 
_pdbx_struct_conn_angle.ptnr3_symmetry 
_pdbx_struct_conn_angle.value 
_pdbx_struct_conn_angle.value_esd 
1  OE1 ? A GLU 25  ? A GLU 13  ? 1_555 CD ? C CD . ? A CD 201 ? 1_555 OE2 ? A GLU 25  ? A GLU 13  ? 1_555 53.3  ? 
2  OE1 ? A GLU 25  ? A GLU 13  ? 1_555 CD ? C CD . ? A CD 201 ? 1_555 OD2 ? A ASP 122 ? A ASP 110 ? 8_675 124.8 ? 
3  OE2 ? A GLU 25  ? A GLU 13  ? 1_555 CD ? C CD . ? A CD 201 ? 1_555 OD2 ? A ASP 122 ? A ASP 110 ? 8_675 82.6  ? 
4  OE1 ? A GLU 25  ? A GLU 13  ? 1_555 CD ? C CD . ? A CD 201 ? 1_555 O   ? G HOH .   ? A HOH 210 ? 1_555 87.9  ? 
5  OE2 ? A GLU 25  ? A GLU 13  ? 1_555 CD ? C CD . ? A CD 201 ? 1_555 O   ? G HOH .   ? A HOH 210 ? 1_555 105.7 ? 
6  OD2 ? A ASP 122 ? A ASP 110 ? 8_675 CD ? C CD . ? A CD 201 ? 1_555 O   ? G HOH .   ? A HOH 210 ? 1_555 72.5  ? 
7  OE1 ? A GLU 25  ? A GLU 13  ? 1_555 CD ? C CD . ? A CD 201 ? 1_555 O   ? G HOH .   ? A HOH 372 ? 1_555 78.8  ? 
8  OE2 ? A GLU 25  ? A GLU 13  ? 1_555 CD ? C CD . ? A CD 201 ? 1_555 O   ? G HOH .   ? A HOH 372 ? 1_555 126.8 ? 
9  OD2 ? A ASP 122 ? A ASP 110 ? 8_675 CD ? C CD . ? A CD 201 ? 1_555 O   ? G HOH .   ? A HOH 372 ? 1_555 150.3 ? 
10 O   ? G HOH .   ? A HOH 210 ? 1_555 CD ? C CD . ? A CD 201 ? 1_555 O   ? G HOH .   ? A HOH 372 ? 1_555 92.8  ? 
11 OE1 ? A GLU 25  ? A GLU 13  ? 1_555 CD ? C CD . ? A CD 201 ? 1_555 O   ? G HOH .   ? A HOH 402 ? 1_555 97.1  ? 
12 OE2 ? A GLU 25  ? A GLU 13  ? 1_555 CD ? C CD . ? A CD 201 ? 1_555 O   ? G HOH .   ? A HOH 402 ? 1_555 65.6  ? 
13 OD2 ? A ASP 122 ? A ASP 110 ? 8_675 CD ? C CD . ? A CD 201 ? 1_555 O   ? G HOH .   ? A HOH 402 ? 1_555 91.3  ? 
14 O   ? G HOH .   ? A HOH 210 ? 1_555 CD ? C CD . ? A CD 201 ? 1_555 O   ? G HOH .   ? A HOH 402 ? 1_555 162.9 ? 
15 O   ? G HOH .   ? A HOH 372 ? 1_555 CD ? C CD . ? A CD 201 ? 1_555 O   ? G HOH .   ? A HOH 402 ? 1_555 104.2 ? 
16 OE1 ? A GLU 25  ? A GLU 13  ? 1_555 CD ? C CD . ? A CD 201 ? 1_555 O   ? G HOH .   ? A HOH 408 ? 1_555 147.5 ? 
17 OE2 ? A GLU 25  ? A GLU 13  ? 1_555 CD ? C CD . ? A CD 201 ? 1_555 O   ? G HOH .   ? A HOH 408 ? 1_555 150.9 ? 
18 OD2 ? A ASP 122 ? A ASP 110 ? 8_675 CD ? C CD . ? A CD 201 ? 1_555 O   ? G HOH .   ? A HOH 408 ? 1_555 87.0  ? 
19 O   ? G HOH .   ? A HOH 210 ? 1_555 CD ? C CD . ? A CD 201 ? 1_555 O   ? G HOH .   ? A HOH 408 ? 1_555 96.9  ? 
20 O   ? G HOH .   ? A HOH 372 ? 1_555 CD ? C CD . ? A CD 201 ? 1_555 O   ? G HOH .   ? A HOH 408 ? 1_555 68.8  ? 
21 O   ? G HOH .   ? A HOH 402 ? 1_555 CD ? C CD . ? A CD 201 ? 1_555 O   ? G HOH .   ? A HOH 408 ? 1_555 87.7  ? 
22 OE1 ? A GLU 30  ? A GLU 18  ? 5_645 CD ? B CD . ? A CD 200 ? 1_555 OE2 ? A GLU 30  ? A GLU 18  ? 5_645 54.4  ? 
23 OE1 ? A GLU 30  ? A GLU 18  ? 5_645 CD ? B CD . ? A CD 200 ? 1_555 OE1 ? A GLU 151 ? A GLU 139 ? 1_555 141.7 ? 
24 OE2 ? A GLU 30  ? A GLU 18  ? 5_645 CD ? B CD . ? A CD 200 ? 1_555 OE1 ? A GLU 151 ? A GLU 139 ? 1_555 163.6 ? 
25 OE1 ? A GLU 30  ? A GLU 18  ? 5_645 CD ? B CD . ? A CD 200 ? 1_555 OE2 ? A GLU 151 ? A GLU 139 ? 1_555 86.5  ? 
26 OE2 ? A GLU 30  ? A GLU 18  ? 5_645 CD ? B CD . ? A CD 200 ? 1_555 OE2 ? A GLU 151 ? A GLU 139 ? 1_555 140.8 ? 
27 OE1 ? A GLU 151 ? A GLU 139 ? 1_555 CD ? B CD . ? A CD 200 ? 1_555 OE2 ? A GLU 151 ? A GLU 139 ? 1_555 55.2  ? 
28 OE1 ? A GLU 30  ? A GLU 18  ? 5_645 CD ? B CD . ? A CD 200 ? 1_555 O   ? G HOH .   ? A HOH 324 ? 1_555 136.8 ? 
29 OE2 ? A GLU 30  ? A GLU 18  ? 5_645 CD ? B CD . ? A CD 200 ? 1_555 O   ? G HOH .   ? A HOH 324 ? 1_555 82.5  ? 
30 OE1 ? A GLU 151 ? A GLU 139 ? 1_555 CD ? B CD . ? A CD 200 ? 1_555 O   ? G HOH .   ? A HOH 324 ? 1_555 81.2  ? 
31 OE2 ? A GLU 151 ? A GLU 139 ? 1_555 CD ? B CD . ? A CD 200 ? 1_555 O   ? G HOH .   ? A HOH 324 ? 1_555 136.3 ? 
32 OE1 ? A GLU 30  ? A GLU 18  ? 5_645 CD ? B CD . ? A CD 200 ? 1_555 O   ? G HOH .   ? A HOH 401 ? 1_555 81.8  ? 
33 OE2 ? A GLU 30  ? A GLU 18  ? 5_645 CD ? B CD . ? A CD 200 ? 1_555 O   ? G HOH .   ? A HOH 401 ? 1_555 91.3  ? 
34 OE1 ? A GLU 151 ? A GLU 139 ? 1_555 CD ? B CD . ? A CD 200 ? 1_555 O   ? G HOH .   ? A HOH 401 ? 1_555 94.7  ? 
35 OE2 ? A GLU 151 ? A GLU 139 ? 1_555 CD ? B CD . ? A CD 200 ? 1_555 O   ? G HOH .   ? A HOH 401 ? 1_555 84.1  ? 
36 O   ? G HOH .   ? A HOH 324 ? 1_555 CD ? B CD . ? A CD 200 ? 1_555 O   ? G HOH .   ? A HOH 401 ? 1_555 104.6 ? 
37 OE1 ? A GLU 30  ? A GLU 18  ? 5_645 CD ? B CD . ? A CD 200 ? 1_555 O   ? G HOH .   ? A HOH 437 ? 1_555 87.5  ? 
38 OE2 ? A GLU 30  ? A GLU 18  ? 5_645 CD ? B CD . ? A CD 200 ? 1_555 O   ? G HOH .   ? A HOH 437 ? 1_555 91.2  ? 
39 OE1 ? A GLU 151 ? A GLU 139 ? 1_555 CD ? B CD . ? A CD 200 ? 1_555 O   ? G HOH .   ? A HOH 437 ? 1_555 87.0  ? 
40 OE2 ? A GLU 151 ? A GLU 139 ? 1_555 CD ? B CD . ? A CD 200 ? 1_555 O   ? G HOH .   ? A HOH 437 ? 1_555 84.4  ? 
41 O   ? G HOH .   ? A HOH 324 ? 1_555 CD ? B CD . ? A CD 200 ? 1_555 O   ? G HOH .   ? A HOH 437 ? 1_555 90.7  ? 
42 O   ? G HOH .   ? A HOH 401 ? 1_555 CD ? B CD . ? A CD 200 ? 1_555 O   ? G HOH .   ? A HOH 437 ? 1_555 164.8 ? 
43 ND1 ? A HIS 116 ? A HIS 104 ? 1_555 CD ? D CD . ? A CD 202 ? 1_555 O   ? G HOH .   ? A HOH 212 ? 8_665 105.3 ? 
44 ND1 ? A HIS 116 ? A HIS 104 ? 1_555 CD ? D CD . ? A CD 202 ? 1_555 O   ? G HOH .   ? A HOH 320 ? 1_555 75.7  ? 
45 O   ? G HOH .   ? A HOH 212 ? 8_665 CD ? D CD . ? A CD 202 ? 1_555 O   ? G HOH .   ? A HOH 320 ? 1_555 158.9 ? 
46 ND1 ? A HIS 116 ? A HIS 104 ? 1_555 CD ? D CD . ? A CD 202 ? 1_555 O   ? G HOH .   ? A HOH 322 ? 1_555 102.9 ? 
47 O   ? G HOH .   ? A HOH 212 ? 8_665 CD ? D CD . ? A CD 202 ? 1_555 O   ? G HOH .   ? A HOH 322 ? 1_555 92.4  ? 
48 O   ? G HOH .   ? A HOH 320 ? 1_555 CD ? D CD . ? A CD 202 ? 1_555 O   ? G HOH .   ? A HOH 322 ? 1_555 108.1 ? 
49 ND1 ? A HIS 116 ? A HIS 104 ? 1_555 CD ? D CD . ? A CD 202 ? 1_555 O   ? G HOH .   ? A HOH 409 ? 1_555 80.4  ? 
50 O   ? G HOH .   ? A HOH 212 ? 8_665 CD ? D CD . ? A CD 202 ? 1_555 O   ? G HOH .   ? A HOH 409 ? 1_555 90.7  ? 
51 O   ? G HOH .   ? A HOH 320 ? 1_555 CD ? D CD . ? A CD 202 ? 1_555 O   ? G HOH .   ? A HOH 409 ? 1_555 68.5  ? 
52 O   ? G HOH .   ? A HOH 322 ? 1_555 CD ? D CD . ? A CD 202 ? 1_555 O   ? G HOH .   ? A HOH 409 ? 1_555 174.7 ? 
53 NE2 ? A HIS 153 ? A HIS 141 ? 1_555 CD ? E CD . ? A CD 203 ? 1_555 O   ? G HOH .   ? A HOH 212 ? 8_665 107.3 ? 
54 NE2 ? A HIS 153 ? A HIS 141 ? 1_555 CD ? E CD . ? A CD 203 ? 1_555 O   ? G HOH .   ? A HOH 322 ? 1_555 100.9 ? 
55 O   ? G HOH .   ? A HOH 212 ? 8_665 CD ? E CD . ? A CD 203 ? 1_555 O   ? G HOH .   ? A HOH 322 ? 1_555 86.4  ? 
56 NE2 ? A HIS 153 ? A HIS 141 ? 1_555 CD ? E CD . ? A CD 203 ? 1_555 O   ? G HOH .   ? A HOH 327 ? 1_555 69.6  ? 
57 O   ? G HOH .   ? A HOH 212 ? 8_665 CD ? E CD . ? A CD 203 ? 1_555 O   ? G HOH .   ? A HOH 327 ? 1_555 176.6 ? 
58 O   ? G HOH .   ? A HOH 322 ? 1_555 CD ? E CD . ? A CD 203 ? 1_555 O   ? G HOH .   ? A HOH 327 ? 1_555 95.5  ? 
59 NE2 ? A HIS 153 ? A HIS 141 ? 1_555 CD ? E CD . ? A CD 203 ? 1_555 O   ? G HOH .   ? A HOH 385 ? 1_555 121.5 ? 
60 O   ? G HOH .   ? A HOH 212 ? 8_665 CD ? E CD . ? A CD 203 ? 1_555 O   ? G HOH .   ? A HOH 385 ? 1_555 125.2 ? 
61 O   ? G HOH .   ? A HOH 322 ? 1_555 CD ? E CD . ? A CD 203 ? 1_555 O   ? G HOH .   ? A HOH 385 ? 1_555 62.5  ? 
62 O   ? G HOH .   ? A HOH 327 ? 1_555 CD ? E CD . ? A CD 203 ? 1_555 O   ? G HOH .   ? A HOH 385 ? 1_555 58.3  ? 
# 
_pdbx_modification_feature.ordinal                            1 
_pdbx_modification_feature.label_comp_id                      CYS 
_pdbx_modification_feature.label_asym_id                      A 
_pdbx_modification_feature.label_seq_id                       76 
_pdbx_modification_feature.label_alt_id                       ? 
_pdbx_modification_feature.modified_residue_label_comp_id     CYS 
_pdbx_modification_feature.modified_residue_label_asym_id     A 
_pdbx_modification_feature.modified_residue_label_seq_id      169 
_pdbx_modification_feature.modified_residue_label_alt_id      ? 
_pdbx_modification_feature.auth_comp_id                       CYS 
_pdbx_modification_feature.auth_asym_id                       A 
_pdbx_modification_feature.auth_seq_id                        64 
_pdbx_modification_feature.PDB_ins_code                       ? 
_pdbx_modification_feature.symmetry                           1_555 
_pdbx_modification_feature.modified_residue_auth_comp_id      CYS 
_pdbx_modification_feature.modified_residue_auth_asym_id      A 
_pdbx_modification_feature.modified_residue_auth_seq_id       157 
_pdbx_modification_feature.modified_residue_PDB_ins_code      ? 
_pdbx_modification_feature.modified_residue_symmetry          1_555 
_pdbx_modification_feature.comp_id_linking_atom               SG 
_pdbx_modification_feature.modified_residue_id_linking_atom   SG 
_pdbx_modification_feature.modified_residue_id                . 
_pdbx_modification_feature.ref_pcm_id                         . 
_pdbx_modification_feature.ref_comp_id                        . 
_pdbx_modification_feature.type                               None 
_pdbx_modification_feature.category                           'Disulfide bridge' 
# 
_struct_sheet.id               A 
_struct_sheet.type             ? 
_struct_sheet.number_strands   10 
_struct_sheet.details          ? 
# 
loop_
_struct_sheet_order.sheet_id 
_struct_sheet_order.range_id_1 
_struct_sheet_order.range_id_2 
_struct_sheet_order.offset 
_struct_sheet_order.sense 
A 1 2  ? anti-parallel 
A 2 3  ? anti-parallel 
A 3 4  ? anti-parallel 
A 4 5  ? anti-parallel 
A 5 6  ? anti-parallel 
A 6 7  ? anti-parallel 
A 7 8  ? anti-parallel 
A 8 9  ? anti-parallel 
A 9 10 ? anti-parallel 
# 
loop_
_struct_sheet_range.sheet_id 
_struct_sheet_range.id 
_struct_sheet_range.beg_label_comp_id 
_struct_sheet_range.beg_label_asym_id 
_struct_sheet_range.beg_label_seq_id 
_struct_sheet_range.pdbx_beg_PDB_ins_code 
_struct_sheet_range.end_label_comp_id 
_struct_sheet_range.end_label_asym_id 
_struct_sheet_range.end_label_seq_id 
_struct_sheet_range.pdbx_end_PDB_ins_code 
_struct_sheet_range.beg_auth_comp_id 
_struct_sheet_range.beg_auth_asym_id 
_struct_sheet_range.beg_auth_seq_id 
_struct_sheet_range.end_auth_comp_id 
_struct_sheet_range.end_auth_asym_id 
_struct_sheet_range.end_auth_seq_id 
A 1  GLY A 29  ? GLU A 30  ? GLY A 17  GLU A 18  
A 2  PHE A 53  ? VAL A 59  ? PHE A 41  VAL A 47  
A 3  SER A 63  ? ARG A 72  ? SER A 51  ARG A 60  
A 4  GLU A 75  ? LYS A 85  ? GLU A 63  LYS A 73  
A 5  TYR A 92  ? THR A 95  ? TYR A 80  THR A 83  
A 6  PHE A 99  ? THR A 107 ? PHE A 87  THR A 95  
A 7  PHE A 112 ? LYS A 121 ? PHE A 100 LYS A 109 
A 8  GLU A 124 ? GLY A 133 ? GLU A 112 GLY A 121 
A 9  HIS A 32  ? SER A 38  ? HIS A 20  SER A 26  
A 10 ILE A 160 ? ASP A 162 ? ILE A 148 ASP A 150 
# 
loop_
_pdbx_struct_sheet_hbond.sheet_id 
_pdbx_struct_sheet_hbond.range_id_1 
_pdbx_struct_sheet_hbond.range_id_2 
_pdbx_struct_sheet_hbond.range_1_label_atom_id 
_pdbx_struct_sheet_hbond.range_1_label_comp_id 
_pdbx_struct_sheet_hbond.range_1_label_asym_id 
_pdbx_struct_sheet_hbond.range_1_label_seq_id 
_pdbx_struct_sheet_hbond.range_1_PDB_ins_code 
_pdbx_struct_sheet_hbond.range_1_auth_atom_id 
_pdbx_struct_sheet_hbond.range_1_auth_comp_id 
_pdbx_struct_sheet_hbond.range_1_auth_asym_id 
_pdbx_struct_sheet_hbond.range_1_auth_seq_id 
_pdbx_struct_sheet_hbond.range_2_label_atom_id 
_pdbx_struct_sheet_hbond.range_2_label_comp_id 
_pdbx_struct_sheet_hbond.range_2_label_asym_id 
_pdbx_struct_sheet_hbond.range_2_label_seq_id 
_pdbx_struct_sheet_hbond.range_2_PDB_ins_code 
_pdbx_struct_sheet_hbond.range_2_auth_atom_id 
_pdbx_struct_sheet_hbond.range_2_auth_comp_id 
_pdbx_struct_sheet_hbond.range_2_auth_asym_id 
_pdbx_struct_sheet_hbond.range_2_auth_seq_id 
A 1 2  N GLY A 29  ? N GLY A 17  O ILE A 57  ? O ILE A 45  
A 2 3  N GLU A 55  ? N GLU A 43  O LYS A 67  ? O LYS A 55  
A 3 4  N LEU A 64  ? N LEU A 52  O ALA A 83  ? O ALA A 71  
A 4 5  N ASP A 84  ? N ASP A 72  O SER A 93  ? O SER A 81  
A 5 6  N TYR A 92  ? N TYR A 80  O PHE A 102 ? O PHE A 90  
A 6 7  N THR A 101 ? N THR A 89  O ILE A 118 ? O ILE A 106 
A 7 8  N LEU A 117 ? N LEU A 105 O LEU A 128 ? O LEU A 116 
A 8 9  O LEU A 131 ? O LEU A 119 N ILE A 34  ? N ILE A 22  
A 9 10 N LEU A 36  ? N LEU A 24  O ILE A 161 ? O ILE A 149 
# 
loop_
_struct_site.id 
_struct_site.pdbx_evidence_code 
_struct_site.pdbx_auth_asym_id 
_struct_site.pdbx_auth_comp_id 
_struct_site.pdbx_auth_seq_id 
_struct_site.pdbx_auth_ins_code 
_struct_site.pdbx_num_residues 
_struct_site.details 
AC1 Software A CD  200 ? 5 'BINDING SITE FOR RESIDUE CD A 200'  
AC2 Software A CD  201 ? 6 'BINDING SITE FOR RESIDUE CD A 201'  
AC3 Software A CD  202 ? 6 'BINDING SITE FOR RESIDUE CD A 202'  
AC4 Software A CD  203 ? 6 'BINDING SITE FOR RESIDUE CD A 203'  
AC5 Software A DE1 400 ? 6 'BINDING SITE FOR RESIDUE DE1 A 400' 
# 
loop_
_struct_site_gen.id 
_struct_site_gen.site_id 
_struct_site_gen.pdbx_num_res 
_struct_site_gen.label_comp_id 
_struct_site_gen.label_asym_id 
_struct_site_gen.label_seq_id 
_struct_site_gen.pdbx_auth_ins_code 
_struct_site_gen.auth_comp_id 
_struct_site_gen.auth_asym_id 
_struct_site_gen.auth_seq_id 
_struct_site_gen.label_atom_id 
_struct_site_gen.label_alt_id 
_struct_site_gen.symmetry 
_struct_site_gen.details 
1  AC1 5 GLU A 30  ? GLU A 18  . ? 5_645 ? 
2  AC1 5 GLU A 151 ? GLU A 139 . ? 1_555 ? 
3  AC1 5 HOH G .   ? HOH A 324 . ? 1_555 ? 
4  AC1 5 HOH G .   ? HOH A 401 . ? 1_555 ? 
5  AC1 5 HOH G .   ? HOH A 437 . ? 1_555 ? 
6  AC2 6 GLU A 25  ? GLU A 13  . ? 1_555 ? 
7  AC2 6 ASP A 122 ? ASP A 110 . ? 8_675 ? 
8  AC2 6 HOH G .   ? HOH A 210 . ? 1_555 ? 
9  AC2 6 HOH G .   ? HOH A 372 . ? 1_555 ? 
10 AC2 6 HOH G .   ? HOH A 402 . ? 1_555 ? 
11 AC2 6 HOH G .   ? HOH A 408 . ? 1_555 ? 
12 AC3 6 HIS A 116 ? HIS A 104 . ? 1_555 ? 
13 AC3 6 CD  E .   ? CD  A 203 . ? 1_555 ? 
14 AC3 6 HOH G .   ? HOH A 212 . ? 8_665 ? 
15 AC3 6 HOH G .   ? HOH A 320 . ? 1_555 ? 
16 AC3 6 HOH G .   ? HOH A 322 . ? 1_555 ? 
17 AC3 6 HOH G .   ? HOH A 409 . ? 1_555 ? 
18 AC4 6 HIS A 153 ? HIS A 141 . ? 1_555 ? 
19 AC4 6 CD  D .   ? CD  A 202 . ? 1_555 ? 
20 AC4 6 HOH G .   ? HOH A 212 . ? 8_665 ? 
21 AC4 6 HOH G .   ? HOH A 322 . ? 1_555 ? 
22 AC4 6 HOH G .   ? HOH A 327 . ? 1_555 ? 
23 AC4 6 HOH G .   ? HOH A 385 . ? 1_555 ? 
24 AC5 6 PHE A 50  ? PHE A 38  . ? 1_555 ? 
25 AC5 6 LEU A 52  ? LEU A 40  . ? 1_555 ? 
26 AC5 6 ILE A 57  ? ILE A 45  . ? 1_555 ? 
27 AC5 6 ILE A 104 ? ILE A 92  . ? 1_555 ? 
28 AC5 6 TYR A 132 ? TYR A 120 . ? 1_555 ? 
29 AC5 6 HOH G .   ? HOH A 209 . ? 1_555 ? 
# 
_pdbx_entry_details.entry_id                   1ZNL 
_pdbx_entry_details.compound_details           ? 
_pdbx_entry_details.source_details             ? 
_pdbx_entry_details.nonpolymer_details         ? 
_pdbx_entry_details.sequence_details           ? 
_pdbx_entry_details.has_ligand_of_interest     ? 
_pdbx_entry_details.has_protein_modification   Y 
# 
_pdbx_validate_close_contact.id               1 
_pdbx_validate_close_contact.PDB_model_num    1 
_pdbx_validate_close_contact.auth_atom_id_1   OG1 
_pdbx_validate_close_contact.auth_asym_id_1   A 
_pdbx_validate_close_contact.auth_comp_id_1   THR 
_pdbx_validate_close_contact.auth_seq_id_1    91 
_pdbx_validate_close_contact.PDB_ins_code_1   ? 
_pdbx_validate_close_contact.label_alt_id_1   ? 
_pdbx_validate_close_contact.auth_atom_id_2   O 
_pdbx_validate_close_contact.auth_asym_id_2   A 
_pdbx_validate_close_contact.auth_comp_id_2   HOH 
_pdbx_validate_close_contact.auth_seq_id_2    407 
_pdbx_validate_close_contact.PDB_ins_code_2   ? 
_pdbx_validate_close_contact.label_alt_id_2   ? 
_pdbx_validate_close_contact.dist             2.16 
# 
_pdbx_validate_symm_contact.id                1 
_pdbx_validate_symm_contact.PDB_model_num     1 
_pdbx_validate_symm_contact.auth_atom_id_1    O 
_pdbx_validate_symm_contact.auth_asym_id_1    A 
_pdbx_validate_symm_contact.auth_comp_id_1    HOH 
_pdbx_validate_symm_contact.auth_seq_id_1     332 
_pdbx_validate_symm_contact.PDB_ins_code_1    ? 
_pdbx_validate_symm_contact.label_alt_id_1    ? 
_pdbx_validate_symm_contact.site_symmetry_1   1_555 
_pdbx_validate_symm_contact.auth_atom_id_2    O 
_pdbx_validate_symm_contact.auth_asym_id_2    A 
_pdbx_validate_symm_contact.auth_comp_id_2    HOH 
_pdbx_validate_symm_contact.auth_seq_id_2     332 
_pdbx_validate_symm_contact.PDB_ins_code_2    ? 
_pdbx_validate_symm_contact.label_alt_id_2    ? 
_pdbx_validate_symm_contact.site_symmetry_2   8_665 
_pdbx_validate_symm_contact.dist              1.04 
# 
loop_
_pdbx_validate_torsion.id 
_pdbx_validate_torsion.PDB_model_num 
_pdbx_validate_torsion.auth_comp_id 
_pdbx_validate_torsion.auth_asym_id 
_pdbx_validate_torsion.auth_seq_id 
_pdbx_validate_torsion.PDB_ins_code 
_pdbx_validate_torsion.label_alt_id 
_pdbx_validate_torsion.phi 
_pdbx_validate_torsion.psi 
1 1 TYR A 84  ? ? -168.89 113.92 
2 1 TYR A 97  ? ? 67.82   -43.04 
3 1 ASN A 99  ? ? -128.38 -54.34 
4 1 PRO A 124 ? ? -69.53  0.34   
5 1 ALA A 154 ? ? -156.30 28.51  
# 
loop_
_pdbx_struct_special_symmetry.id 
_pdbx_struct_special_symmetry.PDB_model_num 
_pdbx_struct_special_symmetry.auth_asym_id 
_pdbx_struct_special_symmetry.auth_comp_id 
_pdbx_struct_special_symmetry.auth_seq_id 
_pdbx_struct_special_symmetry.PDB_ins_code 
_pdbx_struct_special_symmetry.label_asym_id 
_pdbx_struct_special_symmetry.label_comp_id 
_pdbx_struct_special_symmetry.label_seq_id 
1 1 A HOH 206 ? G HOH . 
2 1 A HOH 374 ? G HOH . 
# 
loop_
_pdbx_unobs_or_zero_occ_residues.id 
_pdbx_unobs_or_zero_occ_residues.PDB_model_num 
_pdbx_unobs_or_zero_occ_residues.polymer_flag 
_pdbx_unobs_or_zero_occ_residues.occupancy_flag 
_pdbx_unobs_or_zero_occ_residues.auth_asym_id 
_pdbx_unobs_or_zero_occ_residues.auth_comp_id 
_pdbx_unobs_or_zero_occ_residues.auth_seq_id 
_pdbx_unobs_or_zero_occ_residues.PDB_ins_code 
_pdbx_unobs_or_zero_occ_residues.label_asym_id 
_pdbx_unobs_or_zero_occ_residues.label_comp_id 
_pdbx_unobs_or_zero_occ_residues.label_seq_id 
1  1 Y 1 A MET -11 ? A MET 1   
2  1 Y 1 A ARG -10 ? A ARG 2   
3  1 Y 1 A GLY -9  ? A GLY 3   
4  1 Y 1 A SER -8  ? A SER 4   
5  1 Y 1 A HIS -7  ? A HIS 5   
6  1 Y 1 A HIS -6  ? A HIS 6   
7  1 Y 1 A HIS -5  ? A HIS 7   
8  1 Y 1 A HIS -4  ? A HIS 8   
9  1 Y 1 A HIS -3  ? A HIS 9   
10 1 Y 1 A HIS -2  ? A HIS 10  
11 1 Y 1 A GLY -1  ? A GLY 11  
12 1 Y 1 A SER 0   ? A SER 12  
13 1 Y 1 A LEU 158 ? A LEU 170 
14 1 Y 1 A GLN 159 ? A GLN 171 
15 1 Y 1 A ALA 160 ? A ALA 172 
16 1 Y 1 A ARG 161 ? A ARG 173 
17 1 Y 1 A GLU 162 ? A GLU 174 
# 
loop_
_chem_comp_atom.comp_id 
_chem_comp_atom.atom_id 
_chem_comp_atom.type_symbol 
_chem_comp_atom.pdbx_aromatic_flag 
_chem_comp_atom.pdbx_stereo_config 
_chem_comp_atom.pdbx_ordinal 
ALA N    N  N N 1   
ALA CA   C  N S 2   
ALA C    C  N N 3   
ALA O    O  N N 4   
ALA CB   C  N N 5   
ALA OXT  O  N N 6   
ALA H    H  N N 7   
ALA H2   H  N N 8   
ALA HA   H  N N 9   
ALA HB1  H  N N 10  
ALA HB2  H  N N 11  
ALA HB3  H  N N 12  
ALA HXT  H  N N 13  
ARG N    N  N N 14  
ARG CA   C  N S 15  
ARG C    C  N N 16  
ARG O    O  N N 17  
ARG CB   C  N N 18  
ARG CG   C  N N 19  
ARG CD   C  N N 20  
ARG NE   N  N N 21  
ARG CZ   C  N N 22  
ARG NH1  N  N N 23  
ARG NH2  N  N N 24  
ARG OXT  O  N N 25  
ARG H    H  N N 26  
ARG H2   H  N N 27  
ARG HA   H  N N 28  
ARG HB2  H  N N 29  
ARG HB3  H  N N 30  
ARG HG2  H  N N 31  
ARG HG3  H  N N 32  
ARG HD2  H  N N 33  
ARG HD3  H  N N 34  
ARG HE   H  N N 35  
ARG HH11 H  N N 36  
ARG HH12 H  N N 37  
ARG HH21 H  N N 38  
ARG HH22 H  N N 39  
ARG HXT  H  N N 40  
ASN N    N  N N 41  
ASN CA   C  N S 42  
ASN C    C  N N 43  
ASN O    O  N N 44  
ASN CB   C  N N 45  
ASN CG   C  N N 46  
ASN OD1  O  N N 47  
ASN ND2  N  N N 48  
ASN OXT  O  N N 49  
ASN H    H  N N 50  
ASN H2   H  N N 51  
ASN HA   H  N N 52  
ASN HB2  H  N N 53  
ASN HB3  H  N N 54  
ASN HD21 H  N N 55  
ASN HD22 H  N N 56  
ASN HXT  H  N N 57  
ASP N    N  N N 58  
ASP CA   C  N S 59  
ASP C    C  N N 60  
ASP O    O  N N 61  
ASP CB   C  N N 62  
ASP CG   C  N N 63  
ASP OD1  O  N N 64  
ASP OD2  O  N N 65  
ASP OXT  O  N N 66  
ASP H    H  N N 67  
ASP H2   H  N N 68  
ASP HA   H  N N 69  
ASP HB2  H  N N 70  
ASP HB3  H  N N 71  
ASP HD2  H  N N 72  
ASP HXT  H  N N 73  
CD  CD   CD N N 74  
CYS N    N  N N 75  
CYS CA   C  N R 76  
CYS C    C  N N 77  
CYS O    O  N N 78  
CYS CB   C  N N 79  
CYS SG   S  N N 80  
CYS OXT  O  N N 81  
CYS H    H  N N 82  
CYS H2   H  N N 83  
CYS HA   H  N N 84  
CYS HB2  H  N N 85  
CYS HB3  H  N N 86  
CYS HG   H  N N 87  
CYS HXT  H  N N 88  
DE1 CAA  C  N N 89  
DE1 CAC  C  N N 90  
DE1 CAE  C  N N 91  
DE1 CAG  C  N N 92  
DE1 CAI  C  N N 93  
DE1 CAK  C  N N 94  
DE1 CAJ  C  N N 95  
DE1 CAH  C  N N 96  
DE1 CAF  C  N N 97  
DE1 CAD  C  N N 98  
DE1 OAB  O  N N 99  
DE1 HAA1 H  N N 100 
DE1 HAA2 H  N N 101 
DE1 HAA3 H  N N 102 
DE1 HAC1 H  N N 103 
DE1 HAC2 H  N N 104 
DE1 HAE1 H  N N 105 
DE1 HAE2 H  N N 106 
DE1 HAG1 H  N N 107 
DE1 HAG2 H  N N 108 
DE1 HAI1 H  N N 109 
DE1 HAI2 H  N N 110 
DE1 HAK1 H  N N 111 
DE1 HAK2 H  N N 112 
DE1 HAJ1 H  N N 113 
DE1 HAJ2 H  N N 114 
DE1 HAH1 H  N N 115 
DE1 HAH2 H  N N 116 
DE1 HAF1 H  N N 117 
DE1 HAF2 H  N N 118 
DE1 HAD1 H  N N 119 
DE1 HAD2 H  N N 120 
DE1 HAB  H  N N 121 
GLN N    N  N N 122 
GLN CA   C  N S 123 
GLN C    C  N N 124 
GLN O    O  N N 125 
GLN CB   C  N N 126 
GLN CG   C  N N 127 
GLN CD   C  N N 128 
GLN OE1  O  N N 129 
GLN NE2  N  N N 130 
GLN OXT  O  N N 131 
GLN H    H  N N 132 
GLN H2   H  N N 133 
GLN HA   H  N N 134 
GLN HB2  H  N N 135 
GLN HB3  H  N N 136 
GLN HG2  H  N N 137 
GLN HG3  H  N N 138 
GLN HE21 H  N N 139 
GLN HE22 H  N N 140 
GLN HXT  H  N N 141 
GLU N    N  N N 142 
GLU CA   C  N S 143 
GLU C    C  N N 144 
GLU O    O  N N 145 
GLU CB   C  N N 146 
GLU CG   C  N N 147 
GLU CD   C  N N 148 
GLU OE1  O  N N 149 
GLU OE2  O  N N 150 
GLU OXT  O  N N 151 
GLU H    H  N N 152 
GLU H2   H  N N 153 
GLU HA   H  N N 154 
GLU HB2  H  N N 155 
GLU HB3  H  N N 156 
GLU HG2  H  N N 157 
GLU HG3  H  N N 158 
GLU HE2  H  N N 159 
GLU HXT  H  N N 160 
GLY N    N  N N 161 
GLY CA   C  N N 162 
GLY C    C  N N 163 
GLY O    O  N N 164 
GLY OXT  O  N N 165 
GLY H    H  N N 166 
GLY H2   H  N N 167 
GLY HA2  H  N N 168 
GLY HA3  H  N N 169 
GLY HXT  H  N N 170 
HIS N    N  N N 171 
HIS CA   C  N S 172 
HIS C    C  N N 173 
HIS O    O  N N 174 
HIS CB   C  N N 175 
HIS CG   C  Y N 176 
HIS ND1  N  Y N 177 
HIS CD2  C  Y N 178 
HIS CE1  C  Y N 179 
HIS NE2  N  Y N 180 
HIS OXT  O  N N 181 
HIS H    H  N N 182 
HIS H2   H  N N 183 
HIS HA   H  N N 184 
HIS HB2  H  N N 185 
HIS HB3  H  N N 186 
HIS HD1  H  N N 187 
HIS HD2  H  N N 188 
HIS HE1  H  N N 189 
HIS HE2  H  N N 190 
HIS HXT  H  N N 191 
HOH O    O  N N 192 
HOH H1   H  N N 193 
HOH H2   H  N N 194 
ILE N    N  N N 195 
ILE CA   C  N S 196 
ILE C    C  N N 197 
ILE O    O  N N 198 
ILE CB   C  N S 199 
ILE CG1  C  N N 200 
ILE CG2  C  N N 201 
ILE CD1  C  N N 202 
ILE OXT  O  N N 203 
ILE H    H  N N 204 
ILE H2   H  N N 205 
ILE HA   H  N N 206 
ILE HB   H  N N 207 
ILE HG12 H  N N 208 
ILE HG13 H  N N 209 
ILE HG21 H  N N 210 
ILE HG22 H  N N 211 
ILE HG23 H  N N 212 
ILE HD11 H  N N 213 
ILE HD12 H  N N 214 
ILE HD13 H  N N 215 
ILE HXT  H  N N 216 
LEU N    N  N N 217 
LEU CA   C  N S 218 
LEU C    C  N N 219 
LEU O    O  N N 220 
LEU CB   C  N N 221 
LEU CG   C  N N 222 
LEU CD1  C  N N 223 
LEU CD2  C  N N 224 
LEU OXT  O  N N 225 
LEU H    H  N N 226 
LEU H2   H  N N 227 
LEU HA   H  N N 228 
LEU HB2  H  N N 229 
LEU HB3  H  N N 230 
LEU HG   H  N N 231 
LEU HD11 H  N N 232 
LEU HD12 H  N N 233 
LEU HD13 H  N N 234 
LEU HD21 H  N N 235 
LEU HD22 H  N N 236 
LEU HD23 H  N N 237 
LEU HXT  H  N N 238 
LYS N    N  N N 239 
LYS CA   C  N S 240 
LYS C    C  N N 241 
LYS O    O  N N 242 
LYS CB   C  N N 243 
LYS CG   C  N N 244 
LYS CD   C  N N 245 
LYS CE   C  N N 246 
LYS NZ   N  N N 247 
LYS OXT  O  N N 248 
LYS H    H  N N 249 
LYS H2   H  N N 250 
LYS HA   H  N N 251 
LYS HB2  H  N N 252 
LYS HB3  H  N N 253 
LYS HG2  H  N N 254 
LYS HG3  H  N N 255 
LYS HD2  H  N N 256 
LYS HD3  H  N N 257 
LYS HE2  H  N N 258 
LYS HE3  H  N N 259 
LYS HZ1  H  N N 260 
LYS HZ2  H  N N 261 
LYS HZ3  H  N N 262 
LYS HXT  H  N N 263 
MET N    N  N N 264 
MET CA   C  N S 265 
MET C    C  N N 266 
MET O    O  N N 267 
MET CB   C  N N 268 
MET CG   C  N N 269 
MET SD   S  N N 270 
MET CE   C  N N 271 
MET OXT  O  N N 272 
MET H    H  N N 273 
MET H2   H  N N 274 
MET HA   H  N N 275 
MET HB2  H  N N 276 
MET HB3  H  N N 277 
MET HG2  H  N N 278 
MET HG3  H  N N 279 
MET HE1  H  N N 280 
MET HE2  H  N N 281 
MET HE3  H  N N 282 
MET HXT  H  N N 283 
PHE N    N  N N 284 
PHE CA   C  N S 285 
PHE C    C  N N 286 
PHE O    O  N N 287 
PHE CB   C  N N 288 
PHE CG   C  Y N 289 
PHE CD1  C  Y N 290 
PHE CD2  C  Y N 291 
PHE CE1  C  Y N 292 
PHE CE2  C  Y N 293 
PHE CZ   C  Y N 294 
PHE OXT  O  N N 295 
PHE H    H  N N 296 
PHE H2   H  N N 297 
PHE HA   H  N N 298 
PHE HB2  H  N N 299 
PHE HB3  H  N N 300 
PHE HD1  H  N N 301 
PHE HD2  H  N N 302 
PHE HE1  H  N N 303 
PHE HE2  H  N N 304 
PHE HZ   H  N N 305 
PHE HXT  H  N N 306 
PRO N    N  N N 307 
PRO CA   C  N S 308 
PRO C    C  N N 309 
PRO O    O  N N 310 
PRO CB   C  N N 311 
PRO CG   C  N N 312 
PRO CD   C  N N 313 
PRO OXT  O  N N 314 
PRO H    H  N N 315 
PRO HA   H  N N 316 
PRO HB2  H  N N 317 
PRO HB3  H  N N 318 
PRO HG2  H  N N 319 
PRO HG3  H  N N 320 
PRO HD2  H  N N 321 
PRO HD3  H  N N 322 
PRO HXT  H  N N 323 
SER N    N  N N 324 
SER CA   C  N S 325 
SER C    C  N N 326 
SER O    O  N N 327 
SER CB   C  N N 328 
SER OG   O  N N 329 
SER OXT  O  N N 330 
SER H    H  N N 331 
SER H2   H  N N 332 
SER HA   H  N N 333 
SER HB2  H  N N 334 
SER HB3  H  N N 335 
SER HG   H  N N 336 
SER HXT  H  N N 337 
THR N    N  N N 338 
THR CA   C  N S 339 
THR C    C  N N 340 
THR O    O  N N 341 
THR CB   C  N R 342 
THR OG1  O  N N 343 
THR CG2  C  N N 344 
THR OXT  O  N N 345 
THR H    H  N N 346 
THR H2   H  N N 347 
THR HA   H  N N 348 
THR HB   H  N N 349 
THR HG1  H  N N 350 
THR HG21 H  N N 351 
THR HG22 H  N N 352 
THR HG23 H  N N 353 
THR HXT  H  N N 354 
TRP N    N  N N 355 
TRP CA   C  N S 356 
TRP C    C  N N 357 
TRP O    O  N N 358 
TRP CB   C  N N 359 
TRP CG   C  Y N 360 
TRP CD1  C  Y N 361 
TRP CD2  C  Y N 362 
TRP NE1  N  Y N 363 
TRP CE2  C  Y N 364 
TRP CE3  C  Y N 365 
TRP CZ2  C  Y N 366 
TRP CZ3  C  Y N 367 
TRP CH2  C  Y N 368 
TRP OXT  O  N N 369 
TRP H    H  N N 370 
TRP H2   H  N N 371 
TRP HA   H  N N 372 
TRP HB2  H  N N 373 
TRP HB3  H  N N 374 
TRP HD1  H  N N 375 
TRP HE1  H  N N 376 
TRP HE3  H  N N 377 
TRP HZ2  H  N N 378 
TRP HZ3  H  N N 379 
TRP HH2  H  N N 380 
TRP HXT  H  N N 381 
TYR N    N  N N 382 
TYR CA   C  N S 383 
TYR C    C  N N 384 
TYR O    O  N N 385 
TYR CB   C  N N 386 
TYR CG   C  Y N 387 
TYR CD1  C  Y N 388 
TYR CD2  C  Y N 389 
TYR CE1  C  Y N 390 
TYR CE2  C  Y N 391 
TYR CZ   C  Y N 392 
TYR OH   O  N N 393 
TYR OXT  O  N N 394 
TYR H    H  N N 395 
TYR H2   H  N N 396 
TYR HA   H  N N 397 
TYR HB2  H  N N 398 
TYR HB3  H  N N 399 
TYR HD1  H  N N 400 
TYR HD2  H  N N 401 
TYR HE1  H  N N 402 
TYR HE2  H  N N 403 
TYR HH   H  N N 404 
TYR HXT  H  N N 405 
VAL N    N  N N 406 
VAL CA   C  N S 407 
VAL C    C  N N 408 
VAL O    O  N N 409 
VAL CB   C  N N 410 
VAL CG1  C  N N 411 
VAL CG2  C  N N 412 
VAL OXT  O  N N 413 
VAL H    H  N N 414 
VAL H2   H  N N 415 
VAL HA   H  N N 416 
VAL HB   H  N N 417 
VAL HG11 H  N N 418 
VAL HG12 H  N N 419 
VAL HG13 H  N N 420 
VAL HG21 H  N N 421 
VAL HG22 H  N N 422 
VAL HG23 H  N N 423 
VAL HXT  H  N N 424 
# 
loop_
_chem_comp_bond.comp_id 
_chem_comp_bond.atom_id_1 
_chem_comp_bond.atom_id_2 
_chem_comp_bond.value_order 
_chem_comp_bond.pdbx_aromatic_flag 
_chem_comp_bond.pdbx_stereo_config 
_chem_comp_bond.pdbx_ordinal 
ALA N   CA   sing N N 1   
ALA N   H    sing N N 2   
ALA N   H2   sing N N 3   
ALA CA  C    sing N N 4   
ALA CA  CB   sing N N 5   
ALA CA  HA   sing N N 6   
ALA C   O    doub N N 7   
ALA C   OXT  sing N N 8   
ALA CB  HB1  sing N N 9   
ALA CB  HB2  sing N N 10  
ALA CB  HB3  sing N N 11  
ALA OXT HXT  sing N N 12  
ARG N   CA   sing N N 13  
ARG N   H    sing N N 14  
ARG N   H2   sing N N 15  
ARG CA  C    sing N N 16  
ARG CA  CB   sing N N 17  
ARG CA  HA   sing N N 18  
ARG C   O    doub N N 19  
ARG C   OXT  sing N N 20  
ARG CB  CG   sing N N 21  
ARG CB  HB2  sing N N 22  
ARG CB  HB3  sing N N 23  
ARG CG  CD   sing N N 24  
ARG CG  HG2  sing N N 25  
ARG CG  HG3  sing N N 26  
ARG CD  NE   sing N N 27  
ARG CD  HD2  sing N N 28  
ARG CD  HD3  sing N N 29  
ARG NE  CZ   sing N N 30  
ARG NE  HE   sing N N 31  
ARG CZ  NH1  sing N N 32  
ARG CZ  NH2  doub N N 33  
ARG NH1 HH11 sing N N 34  
ARG NH1 HH12 sing N N 35  
ARG NH2 HH21 sing N N 36  
ARG NH2 HH22 sing N N 37  
ARG OXT HXT  sing N N 38  
ASN N   CA   sing N N 39  
ASN N   H    sing N N 40  
ASN N   H2   sing N N 41  
ASN CA  C    sing N N 42  
ASN CA  CB   sing N N 43  
ASN CA  HA   sing N N 44  
ASN C   O    doub N N 45  
ASN C   OXT  sing N N 46  
ASN CB  CG   sing N N 47  
ASN CB  HB2  sing N N 48  
ASN CB  HB3  sing N N 49  
ASN CG  OD1  doub N N 50  
ASN CG  ND2  sing N N 51  
ASN ND2 HD21 sing N N 52  
ASN ND2 HD22 sing N N 53  
ASN OXT HXT  sing N N 54  
ASP N   CA   sing N N 55  
ASP N   H    sing N N 56  
ASP N   H2   sing N N 57  
ASP CA  C    sing N N 58  
ASP CA  CB   sing N N 59  
ASP CA  HA   sing N N 60  
ASP C   O    doub N N 61  
ASP C   OXT  sing N N 62  
ASP CB  CG   sing N N 63  
ASP CB  HB2  sing N N 64  
ASP CB  HB3  sing N N 65  
ASP CG  OD1  doub N N 66  
ASP CG  OD2  sing N N 67  
ASP OD2 HD2  sing N N 68  
ASP OXT HXT  sing N N 69  
CYS N   CA   sing N N 70  
CYS N   H    sing N N 71  
CYS N   H2   sing N N 72  
CYS CA  C    sing N N 73  
CYS CA  CB   sing N N 74  
CYS CA  HA   sing N N 75  
CYS C   O    doub N N 76  
CYS C   OXT  sing N N 77  
CYS CB  SG   sing N N 78  
CYS CB  HB2  sing N N 79  
CYS CB  HB3  sing N N 80  
CYS SG  HG   sing N N 81  
CYS OXT HXT  sing N N 82  
DE1 CAA CAC  sing N N 83  
DE1 CAA HAA1 sing N N 84  
DE1 CAA HAA2 sing N N 85  
DE1 CAA HAA3 sing N N 86  
DE1 CAC CAE  sing N N 87  
DE1 CAC HAC1 sing N N 88  
DE1 CAC HAC2 sing N N 89  
DE1 CAE CAG  sing N N 90  
DE1 CAE HAE1 sing N N 91  
DE1 CAE HAE2 sing N N 92  
DE1 CAG CAI  sing N N 93  
DE1 CAG HAG1 sing N N 94  
DE1 CAG HAG2 sing N N 95  
DE1 CAI CAK  sing N N 96  
DE1 CAI HAI1 sing N N 97  
DE1 CAI HAI2 sing N N 98  
DE1 CAK CAJ  sing N N 99  
DE1 CAK HAK1 sing N N 100 
DE1 CAK HAK2 sing N N 101 
DE1 CAJ CAH  sing N N 102 
DE1 CAJ HAJ1 sing N N 103 
DE1 CAJ HAJ2 sing N N 104 
DE1 CAH CAF  sing N N 105 
DE1 CAH HAH1 sing N N 106 
DE1 CAH HAH2 sing N N 107 
DE1 CAF CAD  sing N N 108 
DE1 CAF HAF1 sing N N 109 
DE1 CAF HAF2 sing N N 110 
DE1 CAD OAB  sing N N 111 
DE1 CAD HAD1 sing N N 112 
DE1 CAD HAD2 sing N N 113 
DE1 OAB HAB  sing N N 114 
GLN N   CA   sing N N 115 
GLN N   H    sing N N 116 
GLN N   H2   sing N N 117 
GLN CA  C    sing N N 118 
GLN CA  CB   sing N N 119 
GLN CA  HA   sing N N 120 
GLN C   O    doub N N 121 
GLN C   OXT  sing N N 122 
GLN CB  CG   sing N N 123 
GLN CB  HB2  sing N N 124 
GLN CB  HB3  sing N N 125 
GLN CG  CD   sing N N 126 
GLN CG  HG2  sing N N 127 
GLN CG  HG3  sing N N 128 
GLN CD  OE1  doub N N 129 
GLN CD  NE2  sing N N 130 
GLN NE2 HE21 sing N N 131 
GLN NE2 HE22 sing N N 132 
GLN OXT HXT  sing N N 133 
GLU N   CA   sing N N 134 
GLU N   H    sing N N 135 
GLU N   H2   sing N N 136 
GLU CA  C    sing N N 137 
GLU CA  CB   sing N N 138 
GLU CA  HA   sing N N 139 
GLU C   O    doub N N 140 
GLU C   OXT  sing N N 141 
GLU CB  CG   sing N N 142 
GLU CB  HB2  sing N N 143 
GLU CB  HB3  sing N N 144 
GLU CG  CD   sing N N 145 
GLU CG  HG2  sing N N 146 
GLU CG  HG3  sing N N 147 
GLU CD  OE1  doub N N 148 
GLU CD  OE2  sing N N 149 
GLU OE2 HE2  sing N N 150 
GLU OXT HXT  sing N N 151 
GLY N   CA   sing N N 152 
GLY N   H    sing N N 153 
GLY N   H2   sing N N 154 
GLY CA  C    sing N N 155 
GLY CA  HA2  sing N N 156 
GLY CA  HA3  sing N N 157 
GLY C   O    doub N N 158 
GLY C   OXT  sing N N 159 
GLY OXT HXT  sing N N 160 
HIS N   CA   sing N N 161 
HIS N   H    sing N N 162 
HIS N   H2   sing N N 163 
HIS CA  C    sing N N 164 
HIS CA  CB   sing N N 165 
HIS CA  HA   sing N N 166 
HIS C   O    doub N N 167 
HIS C   OXT  sing N N 168 
HIS CB  CG   sing N N 169 
HIS CB  HB2  sing N N 170 
HIS CB  HB3  sing N N 171 
HIS CG  ND1  sing Y N 172 
HIS CG  CD2  doub Y N 173 
HIS ND1 CE1  doub Y N 174 
HIS ND1 HD1  sing N N 175 
HIS CD2 NE2  sing Y N 176 
HIS CD2 HD2  sing N N 177 
HIS CE1 NE2  sing Y N 178 
HIS CE1 HE1  sing N N 179 
HIS NE2 HE2  sing N N 180 
HIS OXT HXT  sing N N 181 
HOH O   H1   sing N N 182 
HOH O   H2   sing N N 183 
ILE N   CA   sing N N 184 
ILE N   H    sing N N 185 
ILE N   H2   sing N N 186 
ILE CA  C    sing N N 187 
ILE CA  CB   sing N N 188 
ILE CA  HA   sing N N 189 
ILE C   O    doub N N 190 
ILE C   OXT  sing N N 191 
ILE CB  CG1  sing N N 192 
ILE CB  CG2  sing N N 193 
ILE CB  HB   sing N N 194 
ILE CG1 CD1  sing N N 195 
ILE CG1 HG12 sing N N 196 
ILE CG1 HG13 sing N N 197 
ILE CG2 HG21 sing N N 198 
ILE CG2 HG22 sing N N 199 
ILE CG2 HG23 sing N N 200 
ILE CD1 HD11 sing N N 201 
ILE CD1 HD12 sing N N 202 
ILE CD1 HD13 sing N N 203 
ILE OXT HXT  sing N N 204 
LEU N   CA   sing N N 205 
LEU N   H    sing N N 206 
LEU N   H2   sing N N 207 
LEU CA  C    sing N N 208 
LEU CA  CB   sing N N 209 
LEU CA  HA   sing N N 210 
LEU C   O    doub N N 211 
LEU C   OXT  sing N N 212 
LEU CB  CG   sing N N 213 
LEU CB  HB2  sing N N 214 
LEU CB  HB3  sing N N 215 
LEU CG  CD1  sing N N 216 
LEU CG  CD2  sing N N 217 
LEU CG  HG   sing N N 218 
LEU CD1 HD11 sing N N 219 
LEU CD1 HD12 sing N N 220 
LEU CD1 HD13 sing N N 221 
LEU CD2 HD21 sing N N 222 
LEU CD2 HD22 sing N N 223 
LEU CD2 HD23 sing N N 224 
LEU OXT HXT  sing N N 225 
LYS N   CA   sing N N 226 
LYS N   H    sing N N 227 
LYS N   H2   sing N N 228 
LYS CA  C    sing N N 229 
LYS CA  CB   sing N N 230 
LYS CA  HA   sing N N 231 
LYS C   O    doub N N 232 
LYS C   OXT  sing N N 233 
LYS CB  CG   sing N N 234 
LYS CB  HB2  sing N N 235 
LYS CB  HB3  sing N N 236 
LYS CG  CD   sing N N 237 
LYS CG  HG2  sing N N 238 
LYS CG  HG3  sing N N 239 
LYS CD  CE   sing N N 240 
LYS CD  HD2  sing N N 241 
LYS CD  HD3  sing N N 242 
LYS CE  NZ   sing N N 243 
LYS CE  HE2  sing N N 244 
LYS CE  HE3  sing N N 245 
LYS NZ  HZ1  sing N N 246 
LYS NZ  HZ2  sing N N 247 
LYS NZ  HZ3  sing N N 248 
LYS OXT HXT  sing N N 249 
MET N   CA   sing N N 250 
MET N   H    sing N N 251 
MET N   H2   sing N N 252 
MET CA  C    sing N N 253 
MET CA  CB   sing N N 254 
MET CA  HA   sing N N 255 
MET C   O    doub N N 256 
MET C   OXT  sing N N 257 
MET CB  CG   sing N N 258 
MET CB  HB2  sing N N 259 
MET CB  HB3  sing N N 260 
MET CG  SD   sing N N 261 
MET CG  HG2  sing N N 262 
MET CG  HG3  sing N N 263 
MET SD  CE   sing N N 264 
MET CE  HE1  sing N N 265 
MET CE  HE2  sing N N 266 
MET CE  HE3  sing N N 267 
MET OXT HXT  sing N N 268 
PHE N   CA   sing N N 269 
PHE N   H    sing N N 270 
PHE N   H2   sing N N 271 
PHE CA  C    sing N N 272 
PHE CA  CB   sing N N 273 
PHE CA  HA   sing N N 274 
PHE C   O    doub N N 275 
PHE C   OXT  sing N N 276 
PHE CB  CG   sing N N 277 
PHE CB  HB2  sing N N 278 
PHE CB  HB3  sing N N 279 
PHE CG  CD1  doub Y N 280 
PHE CG  CD2  sing Y N 281 
PHE CD1 CE1  sing Y N 282 
PHE CD1 HD1  sing N N 283 
PHE CD2 CE2  doub Y N 284 
PHE CD2 HD2  sing N N 285 
PHE CE1 CZ   doub Y N 286 
PHE CE1 HE1  sing N N 287 
PHE CE2 CZ   sing Y N 288 
PHE CE2 HE2  sing N N 289 
PHE CZ  HZ   sing N N 290 
PHE OXT HXT  sing N N 291 
PRO N   CA   sing N N 292 
PRO N   CD   sing N N 293 
PRO N   H    sing N N 294 
PRO CA  C    sing N N 295 
PRO CA  CB   sing N N 296 
PRO CA  HA   sing N N 297 
PRO C   O    doub N N 298 
PRO C   OXT  sing N N 299 
PRO CB  CG   sing N N 300 
PRO CB  HB2  sing N N 301 
PRO CB  HB3  sing N N 302 
PRO CG  CD   sing N N 303 
PRO CG  HG2  sing N N 304 
PRO CG  HG3  sing N N 305 
PRO CD  HD2  sing N N 306 
PRO CD  HD3  sing N N 307 
PRO OXT HXT  sing N N 308 
SER N   CA   sing N N 309 
SER N   H    sing N N 310 
SER N   H2   sing N N 311 
SER CA  C    sing N N 312 
SER CA  CB   sing N N 313 
SER CA  HA   sing N N 314 
SER C   O    doub N N 315 
SER C   OXT  sing N N 316 
SER CB  OG   sing N N 317 
SER CB  HB2  sing N N 318 
SER CB  HB3  sing N N 319 
SER OG  HG   sing N N 320 
SER OXT HXT  sing N N 321 
THR N   CA   sing N N 322 
THR N   H    sing N N 323 
THR N   H2   sing N N 324 
THR CA  C    sing N N 325 
THR CA  CB   sing N N 326 
THR CA  HA   sing N N 327 
THR C   O    doub N N 328 
THR C   OXT  sing N N 329 
THR CB  OG1  sing N N 330 
THR CB  CG2  sing N N 331 
THR CB  HB   sing N N 332 
THR OG1 HG1  sing N N 333 
THR CG2 HG21 sing N N 334 
THR CG2 HG22 sing N N 335 
THR CG2 HG23 sing N N 336 
THR OXT HXT  sing N N 337 
TRP N   CA   sing N N 338 
TRP N   H    sing N N 339 
TRP N   H2   sing N N 340 
TRP CA  C    sing N N 341 
TRP CA  CB   sing N N 342 
TRP CA  HA   sing N N 343 
TRP C   O    doub N N 344 
TRP C   OXT  sing N N 345 
TRP CB  CG   sing N N 346 
TRP CB  HB2  sing N N 347 
TRP CB  HB3  sing N N 348 
TRP CG  CD1  doub Y N 349 
TRP CG  CD2  sing Y N 350 
TRP CD1 NE1  sing Y N 351 
TRP CD1 HD1  sing N N 352 
TRP CD2 CE2  doub Y N 353 
TRP CD2 CE3  sing Y N 354 
TRP NE1 CE2  sing Y N 355 
TRP NE1 HE1  sing N N 356 
TRP CE2 CZ2  sing Y N 357 
TRP CE3 CZ3  doub Y N 358 
TRP CE3 HE3  sing N N 359 
TRP CZ2 CH2  doub Y N 360 
TRP CZ2 HZ2  sing N N 361 
TRP CZ3 CH2  sing Y N 362 
TRP CZ3 HZ3  sing N N 363 
TRP CH2 HH2  sing N N 364 
TRP OXT HXT  sing N N 365 
TYR N   CA   sing N N 366 
TYR N   H    sing N N 367 
TYR N   H2   sing N N 368 
TYR CA  C    sing N N 369 
TYR CA  CB   sing N N 370 
TYR CA  HA   sing N N 371 
TYR C   O    doub N N 372 
TYR C   OXT  sing N N 373 
TYR CB  CG   sing N N 374 
TYR CB  HB2  sing N N 375 
TYR CB  HB3  sing N N 376 
TYR CG  CD1  doub Y N 377 
TYR CG  CD2  sing Y N 378 
TYR CD1 CE1  sing Y N 379 
TYR CD1 HD1  sing N N 380 
TYR CD2 CE2  doub Y N 381 
TYR CD2 HD2  sing N N 382 
TYR CE1 CZ   doub Y N 383 
TYR CE1 HE1  sing N N 384 
TYR CE2 CZ   sing Y N 385 
TYR CE2 HE2  sing N N 386 
TYR CZ  OH   sing N N 387 
TYR OH  HH   sing N N 388 
TYR OXT HXT  sing N N 389 
VAL N   CA   sing N N 390 
VAL N   H    sing N N 391 
VAL N   H2   sing N N 392 
VAL CA  C    sing N N 393 
VAL CA  CB   sing N N 394 
VAL CA  HA   sing N N 395 
VAL C   O    doub N N 396 
VAL C   OXT  sing N N 397 
VAL CB  CG1  sing N N 398 
VAL CB  CG2  sing N N 399 
VAL CB  HB   sing N N 400 
VAL CG1 HG11 sing N N 401 
VAL CG1 HG12 sing N N 402 
VAL CG1 HG13 sing N N 403 
VAL CG2 HG21 sing N N 404 
VAL CG2 HG22 sing N N 405 
VAL CG2 HG23 sing N N 406 
VAL OXT HXT  sing N N 407 
# 
_pdbx_initial_refinement_model.id               1 
_pdbx_initial_refinement_model.entity_id_list   ? 
_pdbx_initial_refinement_model.type             'experimental model' 
_pdbx_initial_refinement_model.source_name      PDB 
_pdbx_initial_refinement_model.accession_code   1QY0 
_pdbx_initial_refinement_model.details          ? 
# 
_atom_sites.entry_id                    1ZNL 
_atom_sites.fract_transf_matrix[1][1]   -0.01383661 
_atom_sites.fract_transf_matrix[1][2]   -0.00162379 
_atom_sites.fract_transf_matrix[1][3]   -0.01234776 
_atom_sites.fract_transf_matrix[2][1]   0.00318592 
_atom_sites.fract_transf_matrix[2][2]   -0.01830445 
_atom_sites.fract_transf_matrix[2][3]   -0.00116294 
_atom_sites.fract_transf_matrix[3][1]   -0.00470308 
_atom_sites.fract_transf_matrix[3][2]   -0.00116313 
_atom_sites.fract_transf_matrix[3][3]   0.00542312 
_atom_sites.fract_transf_vector[1]      0.875713 
_atom_sites.fract_transf_vector[2]      0.435314 
_atom_sites.fract_transf_vector[3]      0.311929 
# 
loop_
_atom_type.symbol 
C  
CD 
N  
O  
S  
# 
loop_
_atom_site.group_PDB 
_atom_site.id 
_atom_site.type_symbol 
_atom_site.label_atom_id 
_atom_site.label_alt_id 
_atom_site.label_comp_id 
_atom_site.label_asym_id 
_atom_site.label_entity_id 
_atom_site.label_seq_id 
_atom_site.pdbx_PDB_ins_code 
_atom_site.Cartn_x 
_atom_site.Cartn_y 
_atom_site.Cartn_z 
_atom_site.occupancy 
_atom_site.B_iso_or_equiv 
_atom_site.pdbx_formal_charge 
_atom_site.auth_seq_id 
_atom_site.auth_comp_id 
_atom_site.auth_asym_id 
_atom_site.auth_atom_id 
_atom_site.pdbx_PDB_model_num 
ATOM   1    N  N   . GLU A 1 13  ? 10.810  -6.732  15.893  1.00 44.30 ? 1   GLU A N   1 
ATOM   2    C  CA  . GLU A 1 13  ? 11.795  -5.970  15.080  1.00 43.53 ? 1   GLU A CA  1 
ATOM   3    C  C   . GLU A 1 13  ? 11.097  -5.352  13.876  1.00 40.08 ? 1   GLU A C   1 
ATOM   4    O  O   . GLU A 1 13  ? 10.013  -5.788  13.476  1.00 40.37 ? 1   GLU A O   1 
ATOM   5    C  CB  . GLU A 1 13  ? 12.932  -6.886  14.605  1.00 47.64 ? 1   GLU A CB  1 
ATOM   6    C  CG  . GLU A 1 13  ? 12.652  -7.709  13.341  1.00 54.14 ? 1   GLU A CG  1 
ATOM   7    C  CD  . GLU A 1 13  ? 11.562  -8.760  13.512  1.00 56.95 ? 1   GLU A CD  1 
ATOM   8    O  OE1 . GLU A 1 13  ? 11.478  -9.667  12.652  1.00 59.05 ? 1   GLU A OE1 1 
ATOM   9    O  OE2 . GLU A 1 13  ? 10.789  -8.685  14.492  1.00 59.43 ? 1   GLU A OE2 1 
ATOM   10   N  N   . GLU A 1 14  ? 11.715  -4.325  13.312  1.00 33.51 ? 2   GLU A N   1 
ATOM   11   C  CA  . GLU A 1 14  ? 11.150  -3.649  12.162  1.00 27.35 ? 2   GLU A CA  1 
ATOM   12   C  C   . GLU A 1 14  ? 12.151  -3.651  11.029  1.00 27.17 ? 2   GLU A C   1 
ATOM   13   O  O   . GLU A 1 14  ? 13.356  -3.780  11.250  1.00 26.42 ? 2   GLU A O   1 
ATOM   14   C  CB  . GLU A 1 14  ? 10.749  -2.227  12.542  1.00 25.09 ? 2   GLU A CB  1 
ATOM   15   C  CG  . GLU A 1 14  ? 9.618   -2.235  13.575  1.00 28.05 ? 2   GLU A CG  1 
ATOM   16   C  CD  . GLU A 1 14  ? 9.049   -0.870  13.855  1.00 28.25 ? 2   GLU A CD  1 
ATOM   17   O  OE1 . GLU A 1 14  ? 9.590   0.125   13.329  1.00 30.77 ? 2   GLU A OE1 1 
ATOM   18   O  OE2 . GLU A 1 14  ? 8.055   -0.799  14.615  1.00 28.60 ? 2   GLU A OE2 1 
ATOM   19   N  N   . ALA A 1 15  ? 11.649  -3.531  9.807   1.00 19.63 ? 3   ALA A N   1 
ATOM   20   C  CA  . ALA A 1 15  ? 12.540  -3.535  8.664   1.00 18.47 ? 3   ALA A CA  1 
ATOM   21   C  C   . ALA A 1 15  ? 11.952  -2.730  7.519   1.00 18.59 ? 3   ALA A C   1 
ATOM   22   O  O   . ALA A 1 15  ? 10.782  -2.346  7.536   1.00 17.10 ? 3   ALA A O   1 
ATOM   23   C  CB  . ALA A 1 15  ? 12.800  -4.979  8.202   1.00 21.26 ? 3   ALA A CB  1 
ATOM   24   N  N   . SER A 1 16  ? 12.803  -2.460  6.545   1.00 16.83 ? 4   SER A N   1 
ATOM   25   C  CA  . SER A 1 16  ? 12.430  -1.748  5.332   1.00 18.06 ? 4   SER A CA  1 
ATOM   26   C  C   . SER A 1 16  ? 12.764  -2.744  4.210   1.00 17.57 ? 4   SER A C   1 
ATOM   27   O  O   . SER A 1 16  ? 13.720  -3.517  4.341   1.00 17.53 ? 4   SER A O   1 
ATOM   28   C  CB  . SER A 1 16  ? 13.281  -0.479  5.207   1.00 19.82 ? 4   SER A CB  1 
ATOM   29   O  OG  . SER A 1 16  ? 13.228  0.020   3.881   1.00 28.29 ? 4   SER A OG  1 
ATOM   30   N  N   . SER A 1 17  ? 11.999  -2.750  3.118   1.00 15.30 ? 5   SER A N   1 
ATOM   31   C  CA  . SER A 1 17  ? 12.291  -3.696  2.037   1.00 15.24 ? 5   SER A CA  1 
ATOM   32   C  C   . SER A 1 17  ? 13.653  -3.448  1.374   1.00 16.23 ? 5   SER A C   1 
ATOM   33   O  O   . SER A 1 17  ? 14.239  -4.366  0.783   1.00 18.95 ? 5   SER A O   1 
ATOM   34   C  CB  . SER A 1 17  ? 11.177  -3.651  0.966   1.00 12.61 ? 5   SER A CB  1 
ATOM   35   O  OG  . SER A 1 17  ? 11.166  -2.390  0.300   1.00 13.74 ? 5   SER A OG  1 
ATOM   36   N  N   . THR A 1 18  ? 14.157  -2.228  1.504   1.00 16.46 ? 6   THR A N   1 
ATOM   37   C  CA  . THR A 1 18  ? 15.430  -1.853  0.908   1.00 19.79 ? 6   THR A CA  1 
ATOM   38   C  C   . THR A 1 18  ? 16.589  -2.145  1.872   1.00 22.97 ? 6   THR A C   1 
ATOM   39   O  O   . THR A 1 18  ? 17.752  -2.026  1.499   1.00 26.11 ? 6   THR A O   1 
ATOM   40   C  CB  . THR A 1 18  ? 15.416  -0.345  0.499   1.00 20.89 ? 6   THR A CB  1 
ATOM   41   O  OG1 . THR A 1 18  ? 15.050  0.462   1.623   1.00 29.09 ? 6   THR A OG1 1 
ATOM   42   C  CG2 . THR A 1 18  ? 14.402  -0.101  -0.618  1.00 21.79 ? 6   THR A CG2 1 
ATOM   43   N  N   . GLY A 1 19  ? 16.257  -2.539  3.098   1.00 21.86 ? 7   GLY A N   1 
ATOM   44   C  CA  . GLY A 1 19  ? 17.275  -2.836  4.101   1.00 26.74 ? 7   GLY A CA  1 
ATOM   45   C  C   . GLY A 1 19  ? 17.895  -4.223  3.998   1.00 27.34 ? 7   GLY A C   1 
ATOM   46   O  O   . GLY A 1 19  ? 17.301  -5.159  3.463   1.00 27.30 ? 7   GLY A O   1 
ATOM   47   N  N   . ARG A 1 20  ? 19.099  -4.369  4.532   1.00 31.13 ? 8   ARG A N   1 
ATOM   48   C  CA  . ARG A 1 20  ? 19.797  -5.650  4.467   1.00 35.02 ? 8   ARG A CA  1 
ATOM   49   C  C   . ARG A 1 20  ? 19.108  -6.790  5.207   1.00 34.00 ? 8   ARG A C   1 
ATOM   50   O  O   . ARG A 1 20  ? 19.163  -7.940  4.769   1.00 37.36 ? 8   ARG A O   1 
ATOM   51   C  CB  . ARG A 1 20  ? 21.213  -5.500  5.017   1.00 40.02 ? 8   ARG A CB  1 
ATOM   52   C  CG  . ARG A 1 20  ? 22.294  -6.029  4.088   1.00 46.53 ? 8   ARG A CG  1 
ATOM   53   C  CD  . ARG A 1 20  ? 22.318  -5.236  2.786   1.00 50.55 ? 8   ARG A CD  1 
ATOM   54   N  NE  . ARG A 1 20  ? 23.570  -5.417  2.054   1.00 55.03 ? 8   ARG A NE  1 
ATOM   55   C  CZ  . ARG A 1 20  ? 24.772  -5.128  2.544   1.00 56.95 ? 8   ARG A CZ  1 
ATOM   56   N  NH1 . ARG A 1 20  ? 24.894  -4.643  3.775   1.00 57.69 ? 8   ARG A NH1 1 
ATOM   57   N  NH2 . ARG A 1 20  ? 25.856  -5.320  1.802   1.00 58.62 ? 8   ARG A NH2 1 
ATOM   58   N  N   . ASN A 1 21  ? 18.460  -6.473  6.317   1.00 31.83 ? 9   ASN A N   1 
ATOM   59   C  CA  . ASN A 1 21  ? 17.787  -7.493  7.124   1.00 31.83 ? 9   ASN A CA  1 
ATOM   60   C  C   . ASN A 1 21  ? 16.346  -7.798  6.703   1.00 28.38 ? 9   ASN A C   1 
ATOM   61   O  O   . ASN A 1 21  ? 15.653  -8.517  7.414   1.00 28.01 ? 9   ASN A O   1 
ATOM   62   C  CB  . ASN A 1 21  ? 17.759  -7.056  8.584   1.00 35.61 ? 9   ASN A CB  1 
ATOM   63   C  CG  . ASN A 1 21  ? 16.960  -5.775  8.786   1.00 39.56 ? 9   ASN A CG  1 
ATOM   64   O  OD1 . ASN A 1 21  ? 16.486  -5.482  9.889   1.00 42.53 ? 9   ASN A OD1 1 
ATOM   65   N  ND2 . ASN A 1 21  ? 16.815  -4.999  7.716   1.00 42.13 ? 9   ASN A ND2 1 
ATOM   66   N  N   . PHE A 1 22  ? 15.885  -7.268  5.572   1.00 23.41 ? 10  PHE A N   1 
ATOM   67   C  CA  . PHE A 1 22  ? 14.493  -7.527  5.164   1.00 20.82 ? 10  PHE A CA  1 
ATOM   68   C  C   . PHE A 1 22  ? 14.244  -9.004  4.861   1.00 18.44 ? 10  PHE A C   1 
ATOM   69   O  O   . PHE A 1 22  ? 15.042  -9.663  4.186   1.00 22.17 ? 10  PHE A O   1 
ATOM   70   C  CB  . PHE A 1 22  ? 14.133  -6.686  3.933   1.00 18.64 ? 10  PHE A CB  1 
ATOM   71   C  CG  . PHE A 1 22  ? 12.670  -6.785  3.512   1.00 16.81 ? 10  PHE A CG  1 
ATOM   72   C  CD1 . PHE A 1 22  ? 11.641  -6.423  4.385   1.00 17.83 ? 10  PHE A CD1 1 
ATOM   73   C  CD2 . PHE A 1 22  ? 12.339  -7.187  2.230   1.00 19.58 ? 10  PHE A CD2 1 
ATOM   74   C  CE1 . PHE A 1 22  ? 10.299  -6.468  3.965   1.00 16.43 ? 10  PHE A CE1 1 
ATOM   75   C  CE2 . PHE A 1 22  ? 10.999  -7.229  1.800   1.00 18.20 ? 10  PHE A CE2 1 
ATOM   76   C  CZ  . PHE A 1 22  ? 9.994   -6.872  2.672   1.00 15.04 ? 10  PHE A CZ  1 
ATOM   77   N  N   . ASN A 1 23  ? 13.126  -9.523  5.356   1.00 17.86 ? 11  ASN A N   1 
ATOM   78   C  CA  . ASN A 1 23  ? 12.774  -10.918 5.131   1.00 18.31 ? 11  ASN A CA  1 
ATOM   79   C  C   . ASN A 1 23  ? 11.401  -10.910 4.461   1.00 18.72 ? 11  ASN A C   1 
ATOM   80   O  O   . ASN A 1 23  ? 10.362  -10.914 5.139   1.00 19.61 ? 11  ASN A O   1 
ATOM   81   C  CB  . ASN A 1 23  ? 12.719  -11.643 6.469   1.00 22.57 ? 11  ASN A CB  1 
ATOM   82   C  CG  . ASN A 1 23  ? 12.498  -13.132 6.309   1.00 25.90 ? 11  ASN A CG  1 
ATOM   83   O  OD1 . ASN A 1 23  ? 12.647  -13.898 7.268   1.00 30.82 ? 11  ASN A OD1 1 
ATOM   84   N  ND2 . ASN A 1 23  ? 12.127  -13.552 5.110   1.00 23.39 ? 11  ASN A ND2 1 
ATOM   85   N  N   . VAL A 1 24  ? 11.403  -10.863 3.132   1.00 18.78 ? 12  VAL A N   1 
ATOM   86   C  CA  . VAL A 1 24  ? 10.158  -10.775 2.371   1.00 15.54 ? 12  VAL A CA  1 
ATOM   87   C  C   . VAL A 1 24  ? 9.126   -11.869 2.672   1.00 18.59 ? 12  VAL A C   1 
ATOM   88   O  O   . VAL A 1 24  ? 7.929   -11.614 2.618   1.00 15.53 ? 12  VAL A O   1 
ATOM   89   C  CB  . VAL A 1 24  ? 10.458  -10.689 0.834   1.00 18.31 ? 12  VAL A CB  1 
ATOM   90   C  CG1 . VAL A 1 24  ? 11.050  -12.016 0.330   1.00 21.47 ? 12  VAL A CG1 1 
ATOM   91   C  CG2 . VAL A 1 24  ? 9.159   -10.293 0.064   1.00 18.19 ? 12  VAL A CG2 1 
ATOM   92   N  N   . GLU A 1 25  ? 9.568   -13.071 3.037   1.00 17.49 ? 13  GLU A N   1 
ATOM   93   C  CA  . GLU A 1 25  ? 8.607   -14.132 3.335   1.00 19.04 ? 13  GLU A CA  1 
ATOM   94   C  C   . GLU A 1 25  ? 7.658   -13.764 4.468   1.00 14.80 ? 13  GLU A C   1 
ATOM   95   O  O   . GLU A 1 25  ? 6.529   -14.246 4.519   1.00 16.12 ? 13  GLU A O   1 
ATOM   96   C  CB  . GLU A 1 25  ? 9.316   -15.434 3.746   1.00 20.43 ? 13  GLU A CB  1 
ATOM   97   C  CG  . GLU A 1 25  ? 10.021  -16.137 2.638   1.00 24.38 ? 13  GLU A CG  1 
ATOM   98   C  CD  . GLU A 1 25  ? 10.713  -17.395 3.138   1.00 25.57 ? 13  GLU A CD  1 
ATOM   99   O  OE1 . GLU A 1 25  ? 11.382  -17.313 4.193   1.00 20.50 ? 13  GLU A OE1 1 
ATOM   100  O  OE2 . GLU A 1 25  ? 10.582  -18.440 2.476   1.00 34.33 ? 13  GLU A OE2 1 
ATOM   101  N  N   . LYS A 1 26  ? 8.140   -12.955 5.396   1.00 14.68 ? 14  LYS A N   1 
ATOM   102  C  CA  . LYS A 1 26  ? 7.356   -12.554 6.542   1.00 13.47 ? 14  LYS A CA  1 
ATOM   103  C  C   . LYS A 1 26  ? 6.200   -11.590 6.249   1.00 14.57 ? 14  LYS A C   1 
ATOM   104  O  O   . LYS A 1 26  ? 5.396   -11.347 7.136   1.00 14.59 ? 14  LYS A O   1 
ATOM   105  C  CB  . LYS A 1 26  ? 8.266   -11.986 7.622   1.00 14.98 ? 14  LYS A CB  1 
ATOM   106  C  CG  . LYS A 1 26  ? 9.064   -13.083 8.362   1.00 22.30 ? 14  LYS A CG  1 
ATOM   107  C  CD  . LYS A 1 26  ? 10.104  -12.469 9.286   1.00 26.52 ? 14  LYS A CD  1 
ATOM   108  C  CE  . LYS A 1 26  ? 10.778  -13.518 10.142  1.00 33.86 ? 14  LYS A CE  1 
ATOM   109  N  NZ  . LYS A 1 26  ? 9.840   -14.044 11.172  1.00 38.78 ? 14  LYS A NZ  1 
ATOM   110  N  N   . ILE A 1 27  ? 6.113   -11.050 5.030   1.00 13.80 ? 15  ILE A N   1 
ATOM   111  C  CA  . ILE A 1 27  ? 4.959   -10.195 4.725   1.00 12.37 ? 15  ILE A CA  1 
ATOM   112  C  C   . ILE A 1 27  ? 3.902   -11.049 4.038   1.00 12.06 ? 15  ILE A C   1 
ATOM   113  O  O   . ILE A 1 27  ? 2.858   -10.572 3.644   1.00 13.45 ? 15  ILE A O   1 
ATOM   114  C  CB  . ILE A 1 27  ? 5.320   -8.954  3.839   1.00 12.86 ? 15  ILE A CB  1 
ATOM   115  C  CG1 . ILE A 1 27  ? 5.751   -9.360  2.421   1.00 13.85 ? 15  ILE A CG1 1 
ATOM   116  C  CG2 . ILE A 1 27  ? 6.396   -8.145  4.549   1.00 11.00 ? 15  ILE A CG2 1 
ATOM   117  C  CD1 . ILE A 1 27  ? 5.884   -8.130  1.460   1.00 16.54 ? 15  ILE A CD1 1 
ATOM   118  N  N   . ASN A 1 28  ? 4.159   -12.347 3.886   1.00 13.09 ? 16  ASN A N   1 
ATOM   119  C  CA  . ASN A 1 28  ? 3.141   -13.186 3.259   1.00 12.58 ? 16  ASN A CA  1 
ATOM   120  C  C   . ASN A 1 28  ? 1.849   -13.223 4.097   1.00 13.88 ? 16  ASN A C   1 
ATOM   121  O  O   . ASN A 1 28  ? 1.886   -13.070 5.323   1.00 13.89 ? 16  ASN A O   1 
ATOM   122  C  CB  . ASN A 1 28  ? 3.683   -14.616 3.129   1.00 14.16 ? 16  ASN A CB  1 
ATOM   123  C  CG  . ASN A 1 28  ? 2.768   -15.523 2.338   1.00 14.25 ? 16  ASN A CG  1 
ATOM   124  O  OD1 . ASN A 1 28  ? 2.653   -15.401 1.110   1.00 17.87 ? 16  ASN A OD1 1 
ATOM   125  N  ND2 . ASN A 1 28  ? 2.112   -16.453 3.034   1.00 15.84 ? 16  ASN A ND2 1 
ATOM   126  N  N   . GLY A 1 29  ? 0.706   -13.383 3.431   1.00 11.27 ? 17  GLY A N   1 
ATOM   127  C  CA  . GLY A 1 29  ? -0.529  -13.574 4.168   1.00 12.16 ? 17  GLY A CA  1 
ATOM   128  C  C   . GLY A 1 29  ? -1.571  -12.493 4.163   1.00 11.96 ? 17  GLY A C   1 
ATOM   129  O  O   . GLY A 1 29  ? -1.594  -11.633 3.293   1.00 12.69 ? 17  GLY A O   1 
ATOM   130  N  N   . GLU A 1 30  ? -2.418  -12.548 5.183   1.00 11.75 ? 18  GLU A N   1 
ATOM   131  C  CA  . GLU A 1 30  ? -3.527  -11.625 5.337   1.00 11.77 ? 18  GLU A CA  1 
ATOM   132  C  C   . GLU A 1 30  ? -3.127  -10.182 5.660   1.00 11.24 ? 18  GLU A C   1 
ATOM   133  O  O   . GLU A 1 30  ? -2.314  -9.954  6.543   1.00 11.43 ? 18  GLU A O   1 
ATOM   134  C  CB  . GLU A 1 30  ? -4.451  -12.137 6.466   1.00 11.01 ? 18  GLU A CB  1 
ATOM   135  C  CG  . GLU A 1 30  ? -5.555  -11.145 6.900   1.00 13.61 ? 18  GLU A CG  1 
ATOM   136  C  CD  . GLU A 1 30  ? -6.322  -11.594 8.146   1.00 14.82 ? 18  GLU A CD  1 
ATOM   137  O  OE1 . GLU A 1 30  ? -5.884  -12.539 8.868   1.00 15.60 ? 18  GLU A OE1 1 
ATOM   138  O  OE2 . GLU A 1 30  ? -7.357  -10.971 8.420   1.00 14.12 ? 18  GLU A OE2 1 
ATOM   139  N  N   . TRP A 1 31  ? -3.720  -9.228  4.937   1.00 11.93 ? 19  TRP A N   1 
ATOM   140  C  CA  . TRP A 1 31  ? -3.509  -7.798  5.202   1.00 9.95  ? 19  TRP A CA  1 
ATOM   141  C  C   . TRP A 1 31  ? -4.819  -7.084  4.889   1.00 13.26 ? 19  TRP A C   1 
ATOM   142  O  O   . TRP A 1 31  ? -5.678  -7.628  4.174   1.00 16.13 ? 19  TRP A O   1 
ATOM   143  C  CB  . TRP A 1 31  ? -2.397  -7.182  4.322   1.00 11.59 ? 19  TRP A CB  1 
ATOM   144  C  CG  . TRP A 1 31  ? -1.005  -7.633  4.718   1.00 12.87 ? 19  TRP A CG  1 
ATOM   145  C  CD1 . TRP A 1 31  ? -0.263  -8.601  4.101   1.00 11.13 ? 19  TRP A CD1 1 
ATOM   146  C  CD2 . TRP A 1 31  ? -0.206  -7.142  5.805   1.00 11.62 ? 19  TRP A CD2 1 
ATOM   147  N  NE1 . TRP A 1 31  ? 0.952   -8.740  4.732   1.00 11.76 ? 19  TRP A NE1 1 
ATOM   148  C  CE2 . TRP A 1 31  ? 1.012   -7.854  5.782   1.00 11.29 ? 19  TRP A CE2 1 
ATOM   149  C  CE3 . TRP A 1 31  ? -0.404  -6.168  6.797   1.00 11.93 ? 19  TRP A CE3 1 
ATOM   150  C  CZ2 . TRP A 1 31  ? 2.032   -7.629  6.712   1.00 11.48 ? 19  TRP A CZ2 1 
ATOM   151  C  CZ3 . TRP A 1 31  ? 0.615   -5.941  7.729   1.00 10.63 ? 19  TRP A CZ3 1 
ATOM   152  C  CH2 . TRP A 1 31  ? 1.819   -6.671  7.677   1.00 11.27 ? 19  TRP A CH2 1 
ATOM   153  N  N   . HIS A 1 32  ? -4.974  -5.878  5.434   1.00 10.21 ? 20  HIS A N   1 
ATOM   154  C  CA  . HIS A 1 32  ? -6.148  -5.057  5.213   1.00 11.51 ? 20  HIS A CA  1 
ATOM   155  C  C   . HIS A 1 32  ? -5.698  -3.605  4.977   1.00 12.06 ? 20  HIS A C   1 
ATOM   156  O  O   . HIS A 1 32  ? -4.738  -3.143  5.579   1.00 10.03 ? 20  HIS A O   1 
ATOM   157  C  CB  . HIS A 1 32  ? -7.051  -5.055  6.458   1.00 11.55 ? 20  HIS A CB  1 
ATOM   158  C  CG  . HIS A 1 32  ? -7.566  -6.404  6.825   1.00 14.49 ? 20  HIS A CG  1 
ATOM   159  N  ND1 . HIS A 1 32  ? -8.759  -6.908  6.339   1.00 16.77 ? 20  HIS A ND1 1 
ATOM   160  C  CD2 . HIS A 1 32  ? -7.008  -7.387  7.565   1.00 12.09 ? 20  HIS A CD2 1 
ATOM   161  C  CE1 . HIS A 1 32  ? -8.908  -8.155  6.769   1.00 16.04 ? 20  HIS A CE1 1 
ATOM   162  N  NE2 . HIS A 1 32  ? -7.860  -8.471  7.516   1.00 16.76 ? 20  HIS A NE2 1 
ATOM   163  N  N   . THR A 1 33  ? -6.382  -2.896  4.091   1.00 10.30 ? 21  THR A N   1 
ATOM   164  C  CA  . THR A 1 33  ? -6.061  -1.476  3.888   1.00 12.05 ? 21  THR A CA  1 
ATOM   165  C  C   . THR A 1 33  ? -6.621  -0.694  5.076   1.00 11.99 ? 21  THR A C   1 
ATOM   166  O  O   . THR A 1 33  ? -7.822  -0.750  5.357   1.00 14.30 ? 21  THR A O   1 
ATOM   167  C  CB  . THR A 1 33  ? -6.703  -0.943  2.605   1.00 11.02 ? 21  THR A CB  1 
ATOM   168  O  OG1 . THR A 1 33  ? -6.054  -1.559  1.492   1.00 11.93 ? 21  THR A OG1 1 
ATOM   169  C  CG2 . THR A 1 33  ? -6.540  0.607   2.515   1.00 12.35 ? 21  THR A CG2 1 
ATOM   170  N  N   . ILE A 1 34  ? -5.759  0.035   5.782   1.00 10.31 ? 22  ILE A N   1 
ATOM   171  C  CA  . ILE A 1 34  ? -6.188  0.811   6.939   1.00 10.37 ? 22  ILE A CA  1 
ATOM   172  C  C   . ILE A 1 34  ? -6.279  2.301   6.587   1.00 11.30 ? 22  ILE A C   1 
ATOM   173  O  O   . ILE A 1 34  ? -7.293  2.935   6.835   1.00 12.93 ? 22  ILE A O   1 
ATOM   174  C  CB  . ILE A 1 34  ? -5.213  0.641   8.131   1.00 10.04 ? 22  ILE A CB  1 
ATOM   175  C  CG1 . ILE A 1 34  ? -4.980  -0.851  8.427   1.00 10.50 ? 22  ILE A CG1 1 
ATOM   176  C  CG2 . ILE A 1 34  ? -5.816  1.282   9.386   1.00 12.95 ? 22  ILE A CG2 1 
ATOM   177  C  CD1 . ILE A 1 34  ? -6.288  -1.667  8.539   1.00 12.57 ? 22  ILE A CD1 1 
ATOM   178  N  N   . ILE A 1 35  ? -5.213  2.832   5.989   1.00 10.51 ? 23  ILE A N   1 
ATOM   179  C  CA  . ILE A 1 35  ? -5.178  4.244   5.584   1.00 10.88 ? 23  ILE A CA  1 
ATOM   180  C  C   . ILE A 1 35  ? -4.500  4.368   4.219   1.00 10.48 ? 23  ILE A C   1 
ATOM   181  O  O   . ILE A 1 35  ? -3.548  3.638   3.927   1.00 10.63 ? 23  ILE A O   1 
ATOM   182  C  CB  . ILE A 1 35  ? -4.341  5.083   6.608   1.00 11.99 ? 23  ILE A CB  1 
ATOM   183  C  CG1 . ILE A 1 35  ? -4.929  4.941   8.023   1.00 14.08 ? 23  ILE A CG1 1 
ATOM   184  C  CG2 . ILE A 1 35  ? -4.296  6.569   6.191   1.00 13.35 ? 23  ILE A CG2 1 
ATOM   185  C  CD1 . ILE A 1 35  ? -4.211  5.745   9.072   1.00 16.03 ? 23  ILE A CD1 1 
ATOM   186  N  N   . LEU A 1 36  ? -4.990  5.275   3.371   1.00 9.02  ? 24  LEU A N   1 
ATOM   187  C  CA  . LEU A 1 36  ? -4.321  5.552   2.093   1.00 8.81  ? 24  LEU A CA  1 
ATOM   188  C  C   . LEU A 1 36  ? -3.976  7.041   2.063   1.00 11.03 ? 24  LEU A C   1 
ATOM   189  O  O   . LEU A 1 36  ? -4.661  7.864   2.680   1.00 11.58 ? 24  LEU A O   1 
ATOM   190  C  CB  . LEU A 1 36  ? -5.218  5.218   0.888   1.00 9.84  ? 24  LEU A CB  1 
ATOM   191  C  CG  . LEU A 1 36  ? -5.474  3.707   0.747   1.00 11.09 ? 24  LEU A CG  1 
ATOM   192  C  CD1 . LEU A 1 36  ? -6.371  3.490   -0.463  1.00 13.33 ? 24  LEU A CD1 1 
ATOM   193  C  CD2 . LEU A 1 36  ? -4.146  2.932   0.574   1.00 12.43 ? 24  LEU A CD2 1 
ATOM   194  N  N   . ALA A 1 37  ? -2.908  7.400   1.346   1.00 9.58  ? 25  ALA A N   1 
ATOM   195  C  CA  . ALA A 1 37  ? -2.513  8.804   1.288   1.00 10.36 ? 25  ALA A CA  1 
ATOM   196  C  C   . ALA A 1 37  ? -1.980  9.106   -0.089  1.00 11.61 ? 25  ALA A C   1 
ATOM   197  O  O   . ALA A 1 37  ? -1.412  8.233   -0.729  1.00 13.10 ? 25  ALA A O   1 
ATOM   198  C  CB  . ALA A 1 37  ? -1.409  9.053   2.332   1.00 11.02 ? 25  ALA A CB  1 
ATOM   199  N  N   . SER A 1 38  ? -2.131  10.345  -0.549  1.00 10.65 ? 26  SER A N   1 
ATOM   200  C  CA  . SER A 1 38  ? -1.596  10.656  -1.873  1.00 11.81 ? 26  SER A CA  1 
ATOM   201  C  C   . SER A 1 38  ? -1.387  12.140  -2.066  1.00 14.47 ? 26  SER A C   1 
ATOM   202  O  O   . SER A 1 38  ? -2.118  12.926  -1.476  1.00 15.85 ? 26  SER A O   1 
ATOM   203  C  CB  . SER A 1 38  ? -2.559  10.181  -2.953  1.00 14.20 ? 26  SER A CB  1 
ATOM   204  O  OG  . SER A 1 38  ? -2.011  10.486  -4.239  1.00 18.04 ? 26  SER A OG  1 
ATOM   205  N  N   . ASP A 1 39  ? -0.386  12.534  -2.856  1.00 14.53 ? 27  ASP A N   1 
ATOM   206  C  CA  . ASP A 1 39  ? -0.274  13.960  -3.117  1.00 16.95 ? 27  ASP A CA  1 
ATOM   207  C  C   . ASP A 1 39  ? -1.232  14.377  -4.255  1.00 18.14 ? 27  ASP A C   1 
ATOM   208  O  O   . ASP A 1 39  ? -1.223  15.530  -4.674  1.00 21.55 ? 27  ASP A O   1 
ATOM   209  C  CB  . ASP A 1 39  ? 1.191   14.425  -3.335  1.00 18.21 ? 27  ASP A CB  1 
ATOM   210  C  CG  . ASP A 1 39  ? 1.952   13.601  -4.352  1.00 21.58 ? 27  ASP A CG  1 
ATOM   211  O  OD1 . ASP A 1 39  ? 1.334   12.818  -5.075  1.00 18.15 ? 27  ASP A OD1 1 
ATOM   212  O  OD2 . ASP A 1 39  ? 3.193   13.777  -4.437  1.00 21.95 ? 27  ASP A OD2 1 
ATOM   213  N  N   . LYS A 1 40  ? -2.058  13.435  -4.740  1.00 15.20 ? 28  LYS A N   1 
ATOM   214  C  CA  . LYS A 1 40  ? -3.124  13.696  -5.739  1.00 17.37 ? 28  LYS A CA  1 
ATOM   215  C  C   . LYS A 1 40  ? -4.337  12.990  -5.109  1.00 17.33 ? 28  LYS A C   1 
ATOM   216  O  O   . LYS A 1 40  ? -4.680  11.844  -5.444  1.00 16.07 ? 28  LYS A O   1 
ATOM   217  C  CB  . LYS A 1 40  ? -2.816  13.098  -7.125  1.00 22.38 ? 28  LYS A CB  1 
ATOM   218  C  CG  . LYS A 1 40  ? -1.868  13.954  -7.956  1.00 27.30 ? 28  LYS A CG  1 
ATOM   219  C  CD  . LYS A 1 40  ? -1.969  13.653  -9.460  1.00 31.18 ? 28  LYS A CD  1 
ATOM   220  C  CE  . LYS A 1 40  ? -0.879  14.414  -10.223 1.00 34.22 ? 28  LYS A CE  1 
ATOM   221  N  NZ  . LYS A 1 40  ? -0.764  13.977  -11.639 1.00 34.27 ? 28  LYS A NZ  1 
ATOM   222  N  N   . ARG A 1 41  ? -4.992  13.699  -4.196  1.00 18.23 ? 29  ARG A N   1 
ATOM   223  C  CA  . ARG A 1 41  ? -6.097  13.133  -3.419  1.00 17.63 ? 29  ARG A CA  1 
ATOM   224  C  C   . ARG A 1 41  ? -7.190  12.413  -4.197  1.00 17.13 ? 29  ARG A C   1 
ATOM   225  O  O   . ARG A 1 41  ? -7.700  11.393  -3.739  1.00 16.51 ? 29  ARG A O   1 
ATOM   226  C  CB  . ARG A 1 41  ? -6.728  14.218  -2.530  1.00 19.78 ? 29  ARG A CB  1 
ATOM   227  C  CG  . ARG A 1 41  ? -7.285  13.698  -1.176  1.00 16.57 ? 29  ARG A CG  1 
ATOM   228  C  CD  . ARG A 1 41  ? -7.924  14.850  -0.378  1.00 19.18 ? 29  ARG A CD  1 
ATOM   229  N  NE  . ARG A 1 41  ? -8.341  14.461  0.964   1.00 19.11 ? 29  ARG A NE  1 
ATOM   230  C  CZ  . ARG A 1 41  ? -9.492  13.871  1.270   1.00 21.40 ? 29  ARG A CZ  1 
ATOM   231  N  NH1 . ARG A 1 41  ? -10.389 13.583  0.330   1.00 22.62 ? 29  ARG A NH1 1 
ATOM   232  N  NH2 . ARG A 1 41  ? -9.762  13.580  2.529   1.00 23.52 ? 29  ARG A NH2 1 
ATOM   233  N  N   . GLU A 1 42  ? -7.524  12.903  -5.385  1.00 18.18 ? 30  GLU A N   1 
ATOM   234  C  CA  . GLU A 1 42  ? -8.606  12.275  -6.139  1.00 18.83 ? 30  GLU A CA  1 
ATOM   235  C  C   . GLU A 1 42  ? -8.370  10.808  -6.446  1.00 18.07 ? 30  GLU A C   1 
ATOM   236  O  O   . GLU A 1 42  ? -9.332  10.053  -6.603  1.00 17.78 ? 30  GLU A O   1 
ATOM   237  C  CB  . GLU A 1 42  ? -8.895  13.037  -7.448  1.00 26.02 ? 30  GLU A CB  1 
ATOM   238  C  CG  . GLU A 1 42  ? -7.789  12.943  -8.472  1.00 33.24 ? 30  GLU A CG  1 
ATOM   239  C  CD  . GLU A 1 42  ? -8.190  13.497  -9.832  1.00 42.00 ? 30  GLU A CD  1 
ATOM   240  O  OE1 . GLU A 1 42  ? -9.188  13.003  -10.419 1.00 45.32 ? 30  GLU A OE1 1 
ATOM   241  O  OE2 . GLU A 1 42  ? -7.499  14.426  -10.312 1.00 45.80 ? 30  GLU A OE2 1 
ATOM   242  N  N   . LYS A 1 43  ? -7.099  10.393  -6.508  1.00 15.25 ? 31  LYS A N   1 
ATOM   243  C  CA  . LYS A 1 43  ? -6.765  9.008   -6.825  1.00 14.78 ? 31  LYS A CA  1 
ATOM   244  C  C   . LYS A 1 43  ? -7.223  8.011   -5.759  1.00 15.02 ? 31  LYS A C   1 
ATOM   245  O  O   . LYS A 1 43  ? -7.393  6.845   -6.075  1.00 15.72 ? 31  LYS A O   1 
ATOM   246  C  CB  . LYS A 1 43  ? -5.252  8.842   -7.028  1.00 17.69 ? 31  LYS A CB  1 
ATOM   247  C  CG  . LYS A 1 43  ? -4.641  9.762   -8.098  1.00 22.13 ? 31  LYS A CG  1 
ATOM   248  C  CD  . LYS A 1 43  ? -5.323  9.576   -9.445  1.00 29.59 ? 31  LYS A CD  1 
ATOM   249  C  CE  . LYS A 1 43  ? -4.427  8.871   -10.429 1.00 35.75 ? 31  LYS A CE  1 
ATOM   250  N  NZ  . LYS A 1 43  ? -4.483  9.466   -11.809 1.00 34.11 ? 31  LYS A NZ  1 
ATOM   251  N  N   . ILE A 1 44  ? -7.411  8.468   -4.516  1.00 15.77 ? 32  ILE A N   1 
ATOM   252  C  CA  . ILE A 1 44  ? -7.843  7.579   -3.435  1.00 13.74 ? 32  ILE A CA  1 
ATOM   253  C  C   . ILE A 1 44  ? -9.212  7.936   -2.852  1.00 15.32 ? 32  ILE A C   1 
ATOM   254  O  O   . ILE A 1 44  ? -9.649  7.357   -1.850  1.00 16.83 ? 32  ILE A O   1 
ATOM   255  C  CB  . ILE A 1 44  ? -6.783  7.530   -2.281  1.00 13.23 ? 32  ILE A CB  1 
ATOM   256  C  CG1 . ILE A 1 44  ? -6.482  8.937   -1.750  1.00 15.17 ? 32  ILE A CG1 1 
ATOM   257  C  CG2 . ILE A 1 44  ? -5.498  6.900   -2.833  1.00 13.27 ? 32  ILE A CG2 1 
ATOM   258  C  CD1 . ILE A 1 44  ? -5.650  8.910   -0.434  1.00 13.68 ? 32  ILE A CD1 1 
ATOM   259  N  N   . GLU A 1 45  ? -9.888  8.893   -3.481  1.00 15.60 ? 33  GLU A N   1 
ATOM   260  C  CA  . GLU A 1 45  ? -11.218 9.284   -3.034  1.00 19.49 ? 33  GLU A CA  1 
ATOM   261  C  C   . GLU A 1 45  ? -12.210 8.253   -3.556  1.00 20.64 ? 33  GLU A C   1 
ATOM   262  O  O   . GLU A 1 45  ? -11.825 7.337   -4.279  1.00 20.10 ? 33  GLU A O   1 
ATOM   263  C  CB  . GLU A 1 45  ? -11.541 10.704  -3.523  1.00 20.28 ? 33  GLU A CB  1 
ATOM   264  C  CG  . GLU A 1 45  ? -10.890 11.766  -2.632  1.00 20.34 ? 33  GLU A CG  1 
ATOM   265  C  CD  . GLU A 1 45  ? -11.007 13.184  -3.149  1.00 24.33 ? 33  GLU A CD  1 
ATOM   266  O  OE1 . GLU A 1 45  ? -11.431 13.385  -4.306  1.00 24.91 ? 33  GLU A OE1 1 
ATOM   267  O  OE2 . GLU A 1 45  ? -10.647 14.103  -2.388  1.00 25.06 ? 33  GLU A OE2 1 
ATOM   268  N  N   . ASP A 1 46  ? -13.478 8.396   -3.172  1.00 24.09 ? 34  ASP A N   1 
ATOM   269  C  CA  . ASP A 1 46  ? -14.528 7.449   -3.548  1.00 29.48 ? 34  ASP A CA  1 
ATOM   270  C  C   . ASP A 1 46  ? -14.484 6.710   -4.874  1.00 30.62 ? 34  ASP A C   1 
ATOM   271  O  O   . ASP A 1 46  ? -14.663 5.492   -4.892  1.00 34.73 ? 34  ASP A O   1 
ATOM   272  C  CB  . ASP A 1 46  ? -15.905 8.098   -3.377  1.00 33.12 ? 34  ASP A CB  1 
ATOM   273  C  CG  . ASP A 1 46  ? -16.416 7.982   -1.959  1.00 37.71 ? 34  ASP A CG  1 
ATOM   274  O  OD1 . ASP A 1 46  ? -15.638 8.266   -1.023  1.00 41.38 ? 34  ASP A OD1 1 
ATOM   275  O  OD2 . ASP A 1 46  ? -17.590 7.608   -1.770  1.00 42.62 ? 34  ASP A OD2 1 
ATOM   276  N  N   . ASN A 1 47  ? -14.270 7.385   -5.992  1.00 30.40 ? 35  ASN A N   1 
ATOM   277  C  CA  . ASN A 1 47  ? -14.229 6.597   -7.223  1.00 32.71 ? 35  ASN A CA  1 
ATOM   278  C  C   . ASN A 1 47  ? -12.839 6.511   -7.828  1.00 29.57 ? 35  ASN A C   1 
ATOM   279  O  O   . ASN A 1 47  ? -12.679 6.205   -9.006  1.00 29.80 ? 35  ASN A O   1 
ATOM   280  C  CB  . ASN A 1 47  ? -15.235 7.137   -8.245  1.00 37.29 ? 35  ASN A CB  1 
ATOM   281  C  CG  . ASN A 1 47  ? -16.672 6.929   -7.799  1.00 40.52 ? 35  ASN A CG  1 
ATOM   282  O  OD1 . ASN A 1 47  ? -17.353 7.872   -7.390  1.00 44.57 ? 35  ASN A OD1 1 
ATOM   283  N  ND2 . ASN A 1 47  ? -17.132 5.684   -7.855  1.00 42.77 ? 35  ASN A ND2 1 
ATOM   284  N  N   . GLY A 1 48  ? -11.828 6.725   -6.990  1.00 25.01 ? 36  GLY A N   1 
ATOM   285  C  CA  . GLY A 1 48  ? -10.463 6.680   -7.465  1.00 19.99 ? 36  GLY A CA  1 
ATOM   286  C  C   . GLY A 1 48  ? -9.953  5.293   -7.775  1.00 17.72 ? 36  GLY A C   1 
ATOM   287  O  O   . GLY A 1 48  ? -10.277 4.318   -7.075  1.00 19.43 ? 36  GLY A O   1 
ATOM   288  N  N   . ASN A 1 49  ? -9.118  5.202   -8.804  1.00 19.21 ? 37  ASN A N   1 
ATOM   289  C  CA  . ASN A 1 49  ? -8.592  3.915   -9.215  1.00 18.31 ? 37  ASN A CA  1 
ATOM   290  C  C   . ASN A 1 49  ? -7.643  3.342   -8.182  1.00 17.14 ? 37  ASN A C   1 
ATOM   291  O  O   . ASN A 1 49  ? -7.379  2.143   -8.204  1.00 18.19 ? 37  ASN A O   1 
ATOM   292  C  CB  . ASN A 1 49  ? -7.854  4.023   -10.560 1.00 20.58 ? 37  ASN A CB  1 
ATOM   293  C  CG  . ASN A 1 49  ? -8.806  4.176   -11.740 1.00 25.41 ? 37  ASN A CG  1 
ATOM   294  O  OD1 . ASN A 1 49  ? -8.410  4.611   -12.825 1.00 29.37 ? 37  ASN A OD1 1 
ATOM   295  N  ND2 . ASN A 1 49  ? -10.067 3.813   -11.528 1.00 25.98 ? 37  ASN A ND2 1 
ATOM   296  N  N   . PHE A 1 50  ? -7.131  4.189   -7.284  1.00 15.45 ? 38  PHE A N   1 
ATOM   297  C  CA  . PHE A 1 50  ? -6.194  3.705   -6.265  1.00 14.06 ? 38  PHE A CA  1 
ATOM   298  C  C   . PHE A 1 50  ? -6.781  3.479   -4.872  1.00 12.46 ? 38  PHE A C   1 
ATOM   299  O  O   . PHE A 1 50  ? -6.044  3.231   -3.896  1.00 14.91 ? 38  PHE A O   1 
ATOM   300  C  CB  . PHE A 1 50  ? -4.957  4.591   -6.227  1.00 13.01 ? 38  PHE A CB  1 
ATOM   301  C  CG  . PHE A 1 50  ? -4.094  4.437   -7.459  1.00 17.55 ? 38  PHE A CG  1 
ATOM   302  C  CD1 . PHE A 1 50  ? -4.468  5.033   -8.663  1.00 20.65 ? 38  PHE A CD1 1 
ATOM   303  C  CD2 . PHE A 1 50  ? -2.967  3.619   -7.442  1.00 19.16 ? 38  PHE A CD2 1 
ATOM   304  C  CE1 . PHE A 1 50  ? -3.728  4.809   -9.822  1.00 18.46 ? 38  PHE A CE1 1 
ATOM   305  C  CE2 . PHE A 1 50  ? -2.229  3.396   -8.601  1.00 20.66 ? 38  PHE A CE2 1 
ATOM   306  C  CZ  . PHE A 1 50  ? -2.619  3.997   -9.790  1.00 20.38 ? 38  PHE A CZ  1 
ATOM   307  N  N   . ARG A 1 51  ? -8.101  3.537   -4.780  1.00 11.82 ? 39  ARG A N   1 
ATOM   308  C  CA  . ARG A 1 51  ? -8.768  3.259   -3.500  1.00 12.67 ? 39  ARG A CA  1 
ATOM   309  C  C   . ARG A 1 51  ? -8.940  1.741   -3.510  1.00 15.94 ? 39  ARG A C   1 
ATOM   310  O  O   . ARG A 1 51  ? -10.032 1.203   -3.762  1.00 16.58 ? 39  ARG A O   1 
ATOM   311  C  CB  . ARG A 1 51  ? -10.124 3.961   -3.428  1.00 14.61 ? 39  ARG A CB  1 
ATOM   312  C  CG  . ARG A 1 51  ? -10.891 3.595   -2.150  1.00 17.88 ? 39  ARG A CG  1 
ATOM   313  C  CD  . ARG A 1 51  ? -12.147 4.432   -2.023  1.00 24.27 ? 39  ARG A CD  1 
ATOM   314  N  NE  . ARG A 1 51  ? -11.778 5.695   -1.429  1.00 34.20 ? 39  ARG A NE  1 
ATOM   315  C  CZ  . ARG A 1 51  ? -12.379 6.243   -0.383  1.00 28.16 ? 39  ARG A CZ  1 
ATOM   316  N  NH1 . ARG A 1 51  ? -13.403 5.638   0.205   1.00 31.88 ? 39  ARG A NH1 1 
ATOM   317  N  NH2 . ARG A 1 51  ? -11.939 7.405   0.063   1.00 22.78 ? 39  ARG A NH2 1 
ATOM   318  N  N   . LEU A 1 52  ? -7.831  1.051   -3.228  1.00 15.51 ? 40  LEU A N   1 
ATOM   319  C  CA  . LEU A 1 52  ? -7.784  -0.401  -3.271  1.00 14.89 ? 40  LEU A CA  1 
ATOM   320  C  C   . LEU A 1 52  ? -7.681  -1.004  -1.887  1.00 14.89 ? 40  LEU A C   1 
ATOM   321  O  O   . LEU A 1 52  ? -6.867  -0.582  -1.070  1.00 14.20 ? 40  LEU A O   1 
ATOM   322  C  CB  . LEU A 1 52  ? -6.583  -0.866  -4.108  1.00 18.76 ? 40  LEU A CB  1 
ATOM   323  C  CG  . LEU A 1 52  ? -6.550  -0.447  -5.586  1.00 22.25 ? 40  LEU A CG  1 
ATOM   324  C  CD1 . LEU A 1 52  ? -5.335  -1.063  -6.247  1.00 27.01 ? 40  LEU A CD1 1 
ATOM   325  C  CD2 . LEU A 1 52  ? -7.806  -0.905  -6.295  1.00 24.33 ? 40  LEU A CD2 1 
ATOM   326  N  N   . PHE A 1 53  ? -8.554  -1.968  -1.632  1.00 13.23 ? 41  PHE A N   1 
ATOM   327  C  CA  . PHE A 1 53  ? -8.601  -2.664  -0.345  1.00 15.05 ? 41  PHE A CA  1 
ATOM   328  C  C   . PHE A 1 53  ? -7.847  -3.996  -0.438  1.00 14.85 ? 41  PHE A C   1 
ATOM   329  O  O   . PHE A 1 53  ? -8.333  -4.972  -1.039  1.00 15.38 ? 41  PHE A O   1 
ATOM   330  C  CB  . PHE A 1 53  ? -10.064 -2.881  0.090   1.00 15.13 ? 41  PHE A CB  1 
ATOM   331  C  CG  . PHE A 1 53  ? -10.830 -1.592  0.297   1.00 15.67 ? 41  PHE A CG  1 
ATOM   332  C  CD1 . PHE A 1 53  ? -11.531 -1.010  -0.759  1.00 16.63 ? 41  PHE A CD1 1 
ATOM   333  C  CD2 . PHE A 1 53  ? -10.792 -0.932  1.515   1.00 18.10 ? 41  PHE A CD2 1 
ATOM   334  C  CE1 . PHE A 1 53  ? -12.179 0.225   -0.598  1.00 18.98 ? 41  PHE A CE1 1 
ATOM   335  C  CE2 . PHE A 1 53  ? -11.437 0.295   1.683   1.00 19.53 ? 41  PHE A CE2 1 
ATOM   336  C  CZ  . PHE A 1 53  ? -12.129 0.870   0.616   1.00 18.01 ? 41  PHE A CZ  1 
ATOM   337  N  N   . LEU A 1 54  ? -6.642  -4.022  0.139   1.00 13.07 ? 42  LEU A N   1 
ATOM   338  C  CA  . LEU A 1 54  ? -5.801  -5.210  0.101   1.00 14.84 ? 42  LEU A CA  1 
ATOM   339  C  C   . LEU A 1 54  ? -6.416  -6.345  0.936   1.00 13.40 ? 42  LEU A C   1 
ATOM   340  O  O   . LEU A 1 54  ? -7.064  -6.106  1.960   1.00 15.28 ? 42  LEU A O   1 
ATOM   341  C  CB  . LEU A 1 54  ? -4.397  -4.852  0.619   1.00 13.77 ? 42  LEU A CB  1 
ATOM   342  C  CG  . LEU A 1 54  ? -3.342  -5.951  0.553   1.00 12.74 ? 42  LEU A CG  1 
ATOM   343  C  CD1 . LEU A 1 54  ? -3.101  -6.328  -0.923  1.00 13.52 ? 42  LEU A CD1 1 
ATOM   344  C  CD2 . LEU A 1 54  ? -2.028  -5.434  1.182   1.00 12.58 ? 42  LEU A CD2 1 
ATOM   345  N  N   . GLU A 1 55  ? -6.210  -7.585  0.491   1.00 13.68 ? 43  GLU A N   1 
ATOM   346  C  CA  . GLU A 1 55  ? -6.744  -8.748  1.177   1.00 14.47 ? 43  GLU A CA  1 
ATOM   347  C  C   . GLU A 1 55  ? -5.632  -9.720  1.537   1.00 16.09 ? 43  GLU A C   1 
ATOM   348  O  O   . GLU A 1 55  ? -5.638  -10.317 2.615   1.00 16.13 ? 43  GLU A O   1 
ATOM   349  C  CB  . GLU A 1 55  ? -7.790  -9.450  0.302   1.00 14.22 ? 43  GLU A CB  1 
ATOM   350  C  CG  . GLU A 1 55  ? -8.993  -8.584  0.060   1.00 19.89 ? 43  GLU A CG  1 
ATOM   351  C  CD  . GLU A 1 55  ? -9.980  -9.201  -0.919  1.00 26.26 ? 43  GLU A CD  1 
ATOM   352  O  OE1 . GLU A 1 55  ? -9.677  -10.287 -1.454  1.00 31.97 ? 43  GLU A OE1 1 
ATOM   353  O  OE2 . GLU A 1 55  ? -11.050 -8.591  -1.140  1.00 27.80 ? 43  GLU A OE2 1 
ATOM   354  N  N   . GLN A 1 56  ? -4.698  -9.891  0.616   1.00 15.53 ? 44  GLN A N   1 
ATOM   355  C  CA  . GLN A 1 56  ? -3.571  -10.747 0.900   1.00 17.37 ? 44  GLN A CA  1 
ATOM   356  C  C   . GLN A 1 56  ? -2.407  -10.539 -0.016  1.00 16.03 ? 44  GLN A C   1 
ATOM   357  O  O   . GLN A 1 56  ? -2.534  -10.003 -1.113  1.00 15.12 ? 44  GLN A O   1 
ATOM   358  C  CB  . GLN A 1 56  ? -3.967  -12.213 0.877   1.00 27.49 ? 44  GLN A CB  1 
ATOM   359  C  CG  . GLN A 1 56  ? -4.421  -12.742 -0.411  1.00 33.66 ? 44  GLN A CG  1 
ATOM   360  C  CD  . GLN A 1 56  ? -4.640  -14.237 -0.314  1.00 41.53 ? 44  GLN A CD  1 
ATOM   361  O  OE1 . GLN A 1 56  ? -3.682  -15.015 -0.289  1.00 46.40 ? 44  GLN A OE1 1 
ATOM   362  N  NE2 . GLN A 1 56  ? -5.896  -14.646 -0.231  1.00 43.34 ? 44  GLN A NE2 1 
ATOM   363  N  N   . ILE A 1 57  ? -1.249  -10.954 0.471   1.00 13.27 ? 45  ILE A N   1 
ATOM   364  C  CA  . ILE A 1 57  ? -0.030  -10.884 -0.288  1.00 12.81 ? 45  ILE A CA  1 
ATOM   365  C  C   . ILE A 1 57  ? 0.504   -12.308 -0.383  1.00 17.43 ? 45  ILE A C   1 
ATOM   366  O  O   . ILE A 1 57  ? 0.598   -12.999 0.632   1.00 16.36 ? 45  ILE A O   1 
ATOM   367  C  CB  . ILE A 1 57  ? 1.039   -10.039 0.419   1.00 15.28 ? 45  ILE A CB  1 
ATOM   368  C  CG1 . ILE A 1 57  ? 0.593   -8.575  0.482   1.00 14.00 ? 45  ILE A CG1 1 
ATOM   369  C  CG2 . ILE A 1 57  ? 2.384   -10.138 -0.362  1.00 15.73 ? 45  ILE A CG2 1 
ATOM   370  C  CD1 . ILE A 1 57  ? 1.588   -7.640  1.239   1.00 15.92 ? 45  ILE A CD1 1 
ATOM   371  N  N   . HIS A 1 58  ? 0.811   -12.767 -1.592  1.00 16.88 ? 46  HIS A N   1 
ATOM   372  C  CA  . HIS A 1 58  ? 1.411   -14.086 -1.728  1.00 20.42 ? 46  HIS A CA  1 
ATOM   373  C  C   . HIS A 1 58  ? 2.844   -13.869 -2.216  1.00 18.95 ? 46  HIS A C   1 
ATOM   374  O  O   . HIS A 1 58  ? 3.081   -13.328 -3.305  1.00 19.70 ? 46  HIS A O   1 
ATOM   375  C  CB  . HIS A 1 58  ? 0.632   -14.949 -2.715  1.00 26.09 ? 46  HIS A CB  1 
ATOM   376  C  CG  . HIS A 1 58  ? 0.824   -16.413 -2.492  1.00 36.57 ? 46  HIS A CG  1 
ATOM   377  N  ND1 . HIS A 1 58  ? 0.309   -17.072 -1.395  1.00 41.15 ? 46  HIS A ND1 1 
ATOM   378  C  CD2 . HIS A 1 58  ? 1.502   -17.344 -3.205  1.00 40.35 ? 46  HIS A CD2 1 
ATOM   379  C  CE1 . HIS A 1 58  ? 0.659   -18.344 -1.442  1.00 38.69 ? 46  HIS A CE1 1 
ATOM   380  N  NE2 . HIS A 1 58  ? 1.385   -18.536 -2.530  1.00 42.80 ? 46  HIS A NE2 1 
ATOM   381  N  N   . VAL A 1 59  ? 3.811   -14.250 -1.389  1.00 17.02 ? 47  VAL A N   1 
ATOM   382  C  CA  . VAL A 1 59  ? 5.199   -14.057 -1.722  1.00 17.92 ? 47  VAL A CA  1 
ATOM   383  C  C   . VAL A 1 59  ? 5.715   -15.214 -2.543  1.00 22.61 ? 47  VAL A C   1 
ATOM   384  O  O   . VAL A 1 59  ? 5.585   -16.375 -2.144  1.00 20.78 ? 47  VAL A O   1 
ATOM   385  C  CB  . VAL A 1 59  ? 6.043   -13.933 -0.454  1.00 19.36 ? 47  VAL A CB  1 
ATOM   386  C  CG1 . VAL A 1 59  ? 7.508   -13.759 -0.812  1.00 19.99 ? 47  VAL A CG1 1 
ATOM   387  C  CG2 . VAL A 1 59  ? 5.544   -12.755 0.393   1.00 18.36 ? 47  VAL A CG2 1 
ATOM   388  N  N   . LEU A 1 60  ? 6.271   -14.879 -3.702  1.00 22.96 ? 48  LEU A N   1 
ATOM   389  C  CA  . LEU A 1 60  ? 6.848   -15.862 -4.608  1.00 25.79 ? 48  LEU A CA  1 
ATOM   390  C  C   . LEU A 1 60  ? 8.320   -15.520 -4.770  1.00 27.11 ? 48  LEU A C   1 
ATOM   391  O  O   . LEU A 1 60  ? 8.802   -14.518 -4.247  1.00 26.82 ? 48  LEU A O   1 
ATOM   392  C  CB  . LEU A 1 60  ? 6.134   -15.826 -5.963  1.00 24.56 ? 48  LEU A CB  1 
ATOM   393  C  CG  . LEU A 1 60  ? 4.635   -16.124 -5.959  1.00 28.85 ? 48  LEU A CG  1 
ATOM   394  C  CD1 . LEU A 1 60  ? 4.108   -16.047 -7.384  1.00 32.20 ? 48  LEU A CD1 1 
ATOM   395  C  CD2 . LEU A 1 60  ? 4.363   -17.511 -5.370  1.00 33.01 ? 48  LEU A CD2 1 
ATOM   396  N  N   . GLU A 1 61  ? 9.034   -16.362 -5.505  1.00 31.14 ? 49  GLU A N   1 
ATOM   397  C  CA  . GLU A 1 61  ? 10.459  -16.203 -5.745  1.00 32.91 ? 49  GLU A CA  1 
ATOM   398  C  C   . GLU A 1 61  ? 10.906  -14.805 -6.159  1.00 31.01 ? 49  GLU A C   1 
ATOM   399  O  O   . GLU A 1 61  ? 11.786  -14.208 -5.538  1.00 32.67 ? 49  GLU A O   1 
ATOM   400  C  CB  . GLU A 1 61  ? 10.880  -17.197 -6.826  1.00 37.47 ? 49  GLU A CB  1 
ATOM   401  C  CG  . GLU A 1 61  ? 12.202  -17.908 -6.606  1.00 43.80 ? 49  GLU A CG  1 
ATOM   402  C  CD  . GLU A 1 61  ? 12.378  -19.057 -7.595  1.00 47.23 ? 49  GLU A CD  1 
ATOM   403  O  OE1 . GLU A 1 61  ? 13.306  -19.880 -7.425  1.00 50.63 ? 49  GLU A OE1 1 
ATOM   404  O  OE2 . GLU A 1 61  ? 11.573  -19.130 -8.553  1.00 48.49 ? 49  GLU A OE2 1 
ATOM   405  N  N   . LYS A 1 62  ? 10.313  -14.296 -7.229  1.00 30.15 ? 50  LYS A N   1 
ATOM   406  C  CA  . LYS A 1 62  ? 10.690  -12.992 -7.752  1.00 30.92 ? 50  LYS A CA  1 
ATOM   407  C  C   . LYS A 1 62  ? 9.500   -12.074 -7.942  1.00 27.08 ? 50  LYS A C   1 
ATOM   408  O  O   . LYS A 1 62  ? 9.557   -11.151 -8.751  1.00 27.42 ? 50  LYS A O   1 
ATOM   409  C  CB  . LYS A 1 62  ? 11.404  -13.150 -9.100  1.00 33.50 ? 50  LYS A CB  1 
ATOM   410  C  CG  . LYS A 1 62  ? 12.787  -13.773 -9.034  1.00 37.48 ? 50  LYS A CG  1 
ATOM   411  C  CD  . LYS A 1 62  ? 13.322  -14.010 -10.444 1.00 41.63 ? 50  LYS A CD  1 
ATOM   412  C  CE  . LYS A 1 62  ? 14.765  -14.502 -10.425 1.00 44.25 ? 50  LYS A CE  1 
ATOM   413  N  NZ  . LYS A 1 62  ? 15.719  -13.439 -9.972  1.00 48.84 ? 50  LYS A NZ  1 
ATOM   414  N  N   . SER A 1 63  ? 8.422   -12.314 -7.209  1.00 24.47 ? 51  SER A N   1 
ATOM   415  C  CA  . SER A 1 63  ? 7.255   -11.466 -7.381  1.00 22.06 ? 51  SER A CA  1 
ATOM   416  C  C   . SER A 1 63  ? 6.363   -11.535 -6.164  1.00 20.93 ? 51  SER A C   1 
ATOM   417  O  O   . SER A 1 63  ? 6.628   -12.317 -5.251  1.00 20.19 ? 51  SER A O   1 
ATOM   418  C  CB  . SER A 1 63  ? 6.473   -11.907 -8.625  1.00 22.56 ? 51  SER A CB  1 
ATOM   419  O  OG  . SER A 1 63  ? 6.103   -13.276 -8.517  1.00 27.23 ? 51  SER A OG  1 
ATOM   420  N  N   . LEU A 1 64  ? 5.345   -10.669 -6.128  1.00 17.63 ? 52  LEU A N   1 
ATOM   421  C  CA  . LEU A 1 64  ? 4.370   -10.664 -5.043  1.00 16.45 ? 52  LEU A CA  1 
ATOM   422  C  C   . LEU A 1 64  ? 3.023   -10.707 -5.750  1.00 17.39 ? 52  LEU A C   1 
ATOM   423  O  O   . LEU A 1 64  ? 2.825   -9.957  -6.710  1.00 20.20 ? 52  LEU A O   1 
ATOM   424  C  CB  . LEU A 1 64  ? 4.440   -9.356  -4.214  1.00 14.50 ? 52  LEU A CB  1 
ATOM   425  C  CG  . LEU A 1 64  ? 5.767   -8.996  -3.532  1.00 18.50 ? 52  LEU A CG  1 
ATOM   426  C  CD1 . LEU A 1 64  ? 5.646   -7.593  -2.907  1.00 18.49 ? 52  LEU A CD1 1 
ATOM   427  C  CD2 . LEU A 1 64  ? 6.127   -10.042 -2.442  1.00 18.15 ? 52  LEU A CD2 1 
ATOM   428  N  N   . VAL A 1 65  ? 2.119   -11.588 -5.338  1.00 15.01 ? 53  VAL A N   1 
ATOM   429  C  CA  . VAL A 1 65  ? 0.794   -11.596 -5.963  1.00 15.90 ? 53  VAL A CA  1 
ATOM   430  C  C   . VAL A 1 65  ? -0.108  -10.858 -4.976  1.00 16.30 ? 53  VAL A C   1 
ATOM   431  O  O   . VAL A 1 65  ? -0.276  -11.288 -3.842  1.00 17.93 ? 53  VAL A O   1 
ATOM   432  C  CB  . VAL A 1 65  ? 0.268   -13.032 -6.193  1.00 17.97 ? 53  VAL A CB  1 
ATOM   433  C  CG1 . VAL A 1 65  ? -1.148  -12.973 -6.758  1.00 20.98 ? 53  VAL A CG1 1 
ATOM   434  C  CG2 . VAL A 1 65  ? 1.198   -13.772 -7.166  1.00 20.12 ? 53  VAL A CG2 1 
ATOM   435  N  N   . LEU A 1 66  ? -0.694  -9.748  -5.420  1.00 15.87 ? 54  LEU A N   1 
ATOM   436  C  CA  . LEU A 1 66  ? -1.523  -8.925  -4.559  1.00 14.95 ? 54  LEU A CA  1 
ATOM   437  C  C   . LEU A 1 66  ? -3.003  -9.090  -4.875  1.00 17.57 ? 54  LEU A C   1 
ATOM   438  O  O   . LEU A 1 66  ? -3.416  -8.981  -6.030  1.00 20.70 ? 54  LEU A O   1 
ATOM   439  C  CB  . LEU A 1 66  ? -1.103  -7.463  -4.734  1.00 15.37 ? 54  LEU A CB  1 
ATOM   440  C  CG  . LEU A 1 66  ? 0.404   -7.206  -4.621  1.00 14.74 ? 54  LEU A CG  1 
ATOM   441  C  CD1 . LEU A 1 66  ? 0.660   -5.740  -5.016  1.00 19.28 ? 54  LEU A CD1 1 
ATOM   442  C  CD2 . LEU A 1 66  ? 0.919   -7.497  -3.209  1.00 19.90 ? 54  LEU A CD2 1 
ATOM   443  N  N   . LYS A 1 67  ? -3.792  -9.399  -3.857  1.00 15.64 ? 55  LYS A N   1 
ATOM   444  C  CA  . LYS A 1 67  ? -5.227  -9.556  -4.042  1.00 15.67 ? 55  LYS A CA  1 
ATOM   445  C  C   . LYS A 1 67  ? -5.944  -8.418  -3.341  1.00 16.57 ? 55  LYS A C   1 
ATOM   446  O  O   . LYS A 1 67  ? -5.744  -8.193  -2.143  1.00 16.06 ? 55  LYS A O   1 
ATOM   447  C  CB  . LYS A 1 67  ? -5.669  -10.903 -3.481  1.00 20.83 ? 55  LYS A CB  1 
ATOM   448  C  CG  . LYS A 1 67  ? -4.950  -12.028 -4.199  1.00 28.06 ? 55  LYS A CG  1 
ATOM   449  C  CD  . LYS A 1 67  ? -5.469  -13.403 -3.815  1.00 36.48 ? 55  LYS A CD  1 
ATOM   450  C  CE  . LYS A 1 67  ? -4.640  -14.492 -4.498  1.00 39.03 ? 55  LYS A CE  1 
ATOM   451  N  NZ  . LYS A 1 67  ? -5.173  -15.859 -4.199  1.00 45.65 ? 55  LYS A NZ  1 
ATOM   452  N  N   . PHE A 1 68  ? -6.772  -7.702  -4.104  1.00 15.58 ? 56  PHE A N   1 
ATOM   453  C  CA  . PHE A 1 68  ? -7.513  -6.545  -3.613  1.00 15.35 ? 56  PHE A CA  1 
ATOM   454  C  C   . PHE A 1 68  ? -8.981  -6.620  -3.996  1.00 19.24 ? 56  PHE A C   1 
ATOM   455  O  O   . PHE A 1 68  ? -9.406  -7.490  -4.744  1.00 20.13 ? 56  PHE A O   1 
ATOM   456  C  CB  . PHE A 1 68  ? -7.074  -5.235  -4.312  1.00 15.64 ? 56  PHE A CB  1 
ATOM   457  C  CG  . PHE A 1 68  ? -5.628  -4.846  -4.148  1.00 15.38 ? 56  PHE A CG  1 
ATOM   458  C  CD1 . PHE A 1 68  ? -4.678  -5.217  -5.104  1.00 14.45 ? 56  PHE A CD1 1 
ATOM   459  C  CD2 . PHE A 1 68  ? -5.236  -3.992  -3.110  1.00 14.79 ? 56  PHE A CD2 1 
ATOM   460  C  CE1 . PHE A 1 68  ? -3.359  -4.736  -5.036  1.00 14.23 ? 56  PHE A CE1 1 
ATOM   461  C  CE2 . PHE A 1 68  ? -3.916  -3.512  -3.040  1.00 14.46 ? 56  PHE A CE2 1 
ATOM   462  C  CZ  . PHE A 1 68  ? -2.983  -3.883  -4.005  1.00 14.83 ? 56  PHE A CZ  1 
ATOM   463  N  N   . HIS A 1 69  ? -9.751  -5.677  -3.471  1.00 20.59 ? 57  HIS A N   1 
ATOM   464  C  CA  . HIS A 1 69  ? -11.107 -5.517  -3.963  1.00 20.54 ? 57  HIS A CA  1 
ATOM   465  C  C   . HIS A 1 69  ? -11.315 -4.009  -4.059  1.00 22.13 ? 57  HIS A C   1 
ATOM   466  O  O   . HIS A 1 69  ? -10.621 -3.229  -3.385  1.00 18.12 ? 57  HIS A O   1 
ATOM   467  C  CB  . HIS A 1 69  ? -12.179 -6.208  -3.096  1.00 20.68 ? 57  HIS A CB  1 
ATOM   468  C  CG  . HIS A 1 69  ? -12.406 -5.596  -1.751  1.00 20.22 ? 57  HIS A CG  1 
ATOM   469  N  ND1 . HIS A 1 69  ? -11.914 -6.158  -0.594  1.00 21.27 ? 57  HIS A ND1 1 
ATOM   470  C  CD2 . HIS A 1 69  ? -13.147 -4.531  -1.368  1.00 20.05 ? 57  HIS A CD2 1 
ATOM   471  C  CE1 . HIS A 1 69  ? -12.349 -5.471  0.446   1.00 20.29 ? 57  HIS A CE1 1 
ATOM   472  N  NE2 . HIS A 1 69  ? -13.100 -4.478  0.005   1.00 21.90 ? 57  HIS A NE2 1 
ATOM   473  N  N   . THR A 1 70  ? -12.202 -3.592  -4.955  1.00 22.86 ? 58  THR A N   1 
ATOM   474  C  CA  . THR A 1 70  ? -12.526 -2.174  -5.096  1.00 24.76 ? 58  THR A CA  1 
ATOM   475  C  C   . THR A 1 70  ? -14.009 -2.079  -4.771  1.00 28.65 ? 58  THR A C   1 
ATOM   476  O  O   . THR A 1 70  ? -14.711 -3.092  -4.757  1.00 26.05 ? 58  THR A O   1 
ATOM   477  C  CB  . THR A 1 70  ? -12.320 -1.643  -6.535  1.00 28.88 ? 58  THR A CB  1 
ATOM   478  O  OG1 . THR A 1 70  ? -12.926 -2.544  -7.470  1.00 32.59 ? 58  THR A OG1 1 
ATOM   479  C  CG2 . THR A 1 70  ? -10.858 -1.489  -6.844  1.00 32.05 ? 58  THR A CG2 1 
ATOM   480  N  N   . VAL A 1 71  ? -14.477 -0.868  -4.501  1.00 29.96 ? 59  VAL A N   1 
ATOM   481  C  CA  . VAL A 1 71  ? -15.885 -0.659  -4.173  1.00 34.52 ? 59  VAL A CA  1 
ATOM   482  C  C   . VAL A 1 71  ? -16.500 0.422   -5.051  1.00 38.50 ? 59  VAL A C   1 
ATOM   483  O  O   . VAL A 1 71  ? -15.841 1.396   -5.405  1.00 36.02 ? 59  VAL A O   1 
ATOM   484  C  CB  . VAL A 1 71  ? -16.069 -0.211  -2.704  1.00 34.06 ? 59  VAL A CB  1 
ATOM   485  C  CG1 . VAL A 1 71  ? -17.549 0.039   -2.418  1.00 34.80 ? 59  VAL A CG1 1 
ATOM   486  C  CG2 . VAL A 1 71  ? -15.539 -1.258  -1.761  1.00 32.45 ? 59  VAL A CG2 1 
ATOM   487  N  N   . ARG A 1 72  ? -17.769 0.236   -5.395  1.00 45.04 ? 60  ARG A N   1 
ATOM   488  C  CA  . ARG A 1 72  ? -18.511 1.200   -6.197  1.00 52.35 ? 60  ARG A CA  1 
ATOM   489  C  C   . ARG A 1 72  ? -20.005 0.960   -6.003  1.00 54.86 ? 60  ARG A C   1 
ATOM   490  O  O   . ARG A 1 72  ? -20.484 -0.172  -6.103  1.00 54.72 ? 60  ARG A O   1 
ATOM   491  C  CB  . ARG A 1 72  ? -18.123 1.099   -7.679  1.00 56.45 ? 60  ARG A CB  1 
ATOM   492  C  CG  . ARG A 1 72  ? -18.058 -0.313  -8.239  1.00 62.28 ? 60  ARG A CG  1 
ATOM   493  C  CD  . ARG A 1 72  ? -19.440 -0.887  -8.511  1.00 67.63 ? 60  ARG A CD  1 
ATOM   494  N  NE  . ARG A 1 72  ? -20.143 -0.157  -9.565  1.00 71.12 ? 60  ARG A NE  1 
ATOM   495  C  CZ  . ARG A 1 72  ? -21.413 -0.369  -9.898  1.00 73.03 ? 60  ARG A CZ  1 
ATOM   496  N  NH1 . ARG A 1 72  ? -22.127 -1.288  -9.256  1.00 73.25 ? 60  ARG A NH1 1 
ATOM   497  N  NH2 . ARG A 1 72  ? -21.970 0.337   -10.874 1.00 74.15 ? 60  ARG A NH2 1 
ATOM   498  N  N   . ASP A 1 73  ? -20.733 2.030   -5.697  1.00 57.38 ? 61  ASP A N   1 
ATOM   499  C  CA  . ASP A 1 73  ? -22.168 1.927   -5.475  1.00 59.65 ? 61  ASP A CA  1 
ATOM   500  C  C   . ASP A 1 73  ? -22.435 0.774   -4.514  1.00 59.93 ? 61  ASP A C   1 
ATOM   501  O  O   . ASP A 1 73  ? -23.365 -0.009  -4.697  1.00 60.88 ? 61  ASP A O   1 
ATOM   502  C  CB  . ASP A 1 73  ? -22.891 1.702   -6.806  1.00 62.13 ? 61  ASP A CB  1 
ATOM   503  C  CG  . ASP A 1 73  ? -22.776 2.899   -7.745  1.00 63.61 ? 61  ASP A CG  1 
ATOM   504  O  OD1 . ASP A 1 73  ? -21.640 3.349   -8.011  1.00 64.98 ? 61  ASP A OD1 1 
ATOM   505  O  OD2 . ASP A 1 73  ? -23.822 3.391   -8.220  1.00 64.34 ? 61  ASP A OD2 1 
ATOM   506  N  N   . GLU A 1 74  ? -21.590 0.681   -3.493  1.00 59.77 ? 62  GLU A N   1 
ATOM   507  C  CA  . GLU A 1 74  ? -21.695 -0.350  -2.471  1.00 58.99 ? 62  GLU A CA  1 
ATOM   508  C  C   . GLU A 1 74  ? -21.513 -1.778  -2.975  1.00 57.12 ? 62  GLU A C   1 
ATOM   509  O  O   . GLU A 1 74  ? -21.989 -2.725  -2.347  1.00 56.88 ? 62  GLU A O   1 
ATOM   510  C  CB  . GLU A 1 74  ? -23.035 -0.227  -1.744  1.00 61.71 ? 62  GLU A CB  1 
ATOM   511  C  CG  . GLU A 1 74  ? -23.161 1.046   -0.930  1.00 64.54 ? 62  GLU A CG  1 
ATOM   512  C  CD  . GLU A 1 74  ? -24.483 1.139   -0.198  1.00 67.01 ? 62  GLU A CD  1 
ATOM   513  O  OE1 . GLU A 1 74  ? -24.801 0.211   0.582   1.00 67.62 ? 62  GLU A OE1 1 
ATOM   514  O  OE2 . GLU A 1 74  ? -25.203 2.141   -0.401  1.00 67.50 ? 62  GLU A OE2 1 
ATOM   515  N  N   . GLU A 1 75  ? -20.826 -1.937  -4.101  1.00 53.75 ? 63  GLU A N   1 
ATOM   516  C  CA  . GLU A 1 75  ? -20.592 -3.271  -4.636  1.00 50.93 ? 63  GLU A CA  1 
ATOM   517  C  C   . GLU A 1 75  ? -19.095 -3.555  -4.766  1.00 46.98 ? 63  GLU A C   1 
ATOM   518  O  O   . GLU A 1 75  ? -18.356 -2.795  -5.389  1.00 43.94 ? 63  GLU A O   1 
ATOM   519  C  CB  . GLU A 1 75  ? -21.293 -3.436  -5.989  1.00 54.41 ? 63  GLU A CB  1 
ATOM   520  C  CG  . GLU A 1 75  ? -21.371 -4.882  -6.468  1.00 58.82 ? 63  GLU A CG  1 
ATOM   521  C  CD  . GLU A 1 75  ? -22.601 -5.153  -7.329  1.00 62.18 ? 63  GLU A CD  1 
ATOM   522  O  OE1 . GLU A 1 75  ? -23.727 -4.891  -6.851  1.00 63.57 ? 63  GLU A OE1 1 
ATOM   523  O  OE2 . GLU A 1 75  ? -22.446 -5.632  -8.476  1.00 64.10 ? 63  GLU A OE2 1 
ATOM   524  N  N   . CYS A 1 76  ? -18.662 -4.654  -4.160  1.00 42.81 ? 64  CYS A N   1 
ATOM   525  C  CA  . CYS A 1 76  ? -17.265 -5.060  -4.185  1.00 40.36 ? 64  CYS A CA  1 
ATOM   526  C  C   . CYS A 1 76  ? -16.894 -5.845  -5.431  1.00 38.34 ? 64  CYS A C   1 
ATOM   527  O  O   . CYS A 1 76  ? -17.663 -6.680  -5.910  1.00 38.14 ? 64  CYS A O   1 
ATOM   528  C  CB  . CYS A 1 76  ? -16.942 -5.902  -2.948  1.00 41.53 ? 64  CYS A CB  1 
ATOM   529  S  SG  . CYS A 1 76  ? -16.639 -4.926  -1.442  1.00 42.69 ? 64  CYS A SG  1 
ATOM   530  N  N   . SER A 1 77  ? -15.700 -5.572  -5.944  1.00 34.82 ? 65  SER A N   1 
ATOM   531  C  CA  . SER A 1 77  ? -15.180 -6.244  -7.125  1.00 33.53 ? 65  SER A CA  1 
ATOM   532  C  C   . SER A 1 77  ? -13.740 -6.663  -6.846  1.00 32.58 ? 65  SER A C   1 
ATOM   533  O  O   . SER A 1 77  ? -12.925 -5.863  -6.374  1.00 31.40 ? 65  SER A O   1 
ATOM   534  C  CB  . SER A 1 77  ? -15.225 -5.301  -8.330  1.00 37.32 ? 65  SER A CB  1 
ATOM   535  O  OG  . SER A 1 77  ? -14.569 -5.878  -9.445  1.00 42.25 ? 65  SER A OG  1 
ATOM   536  N  N   . GLU A 1 78  ? -13.421 -7.914  -7.145  1.00 29.44 ? 66  GLU A N   1 
ATOM   537  C  CA  . GLU A 1 78  ? -12.081 -8.406  -6.889  1.00 30.38 ? 66  GLU A CA  1 
ATOM   538  C  C   . GLU A 1 78  ? -11.084 -8.087  -7.998  1.00 29.68 ? 66  GLU A C   1 
ATOM   539  O  O   . GLU A 1 78  ? -11.440 -7.976  -9.177  1.00 28.59 ? 66  GLU A O   1 
ATOM   540  C  CB  . GLU A 1 78  ? -12.129 -9.918  -6.649  1.00 33.60 ? 66  GLU A CB  1 
ATOM   541  C  CG  . GLU A 1 78  ? -12.911 -10.323 -5.397  1.00 39.77 ? 66  GLU A CG  1 
ATOM   542  C  CD  . GLU A 1 78  ? -12.138 -10.070 -4.105  1.00 42.81 ? 66  GLU A CD  1 
ATOM   543  O  OE1 . GLU A 1 78  ? -11.466 -9.032  -4.017  1.00 46.65 ? 66  GLU A OE1 1 
ATOM   544  O  OE2 . GLU A 1 78  ? -12.209 -10.902 -3.169  1.00 48.56 ? 66  GLU A OE2 1 
ATOM   545  N  N   . LEU A 1 79  ? -9.827  -7.904  -7.616  1.00 27.56 ? 67  LEU A N   1 
ATOM   546  C  CA  . LEU A 1 79  ? -8.786  -7.661  -8.597  1.00 26.19 ? 67  LEU A CA  1 
ATOM   547  C  C   . LEU A 1 79  ? -7.449  -8.131  -8.062  1.00 26.84 ? 67  LEU A C   1 
ATOM   548  O  O   . LEU A 1 79  ? -7.129  -7.945  -6.884  1.00 27.28 ? 67  LEU A O   1 
ATOM   549  C  CB  . LEU A 1 79  ? -8.715  -6.191  -8.997  1.00 31.38 ? 67  LEU A CB  1 
ATOM   550  C  CG  . LEU A 1 79  ? -8.211  -5.157  -8.012  1.00 35.29 ? 67  LEU A CG  1 
ATOM   551  C  CD1 . LEU A 1 79  ? -7.510  -4.024  -8.764  1.00 37.48 ? 67  LEU A CD1 1 
ATOM   552  C  CD2 . LEU A 1 79  ? -9.379  -4.660  -7.183  1.00 36.86 ? 67  LEU A CD2 1 
ATOM   553  N  N   . SER A 1 80  ? -6.677  -8.770  -8.932  1.00 22.88 ? 68  SER A N   1 
ATOM   554  C  CA  . SER A 1 80  ? -5.370  -9.282  -8.559  1.00 24.89 ? 68  SER A CA  1 
ATOM   555  C  C   . SER A 1 80  ? -4.334  -8.631  -9.428  1.00 24.63 ? 68  SER A C   1 
ATOM   556  O  O   . SER A 1 80  ? -4.619  -8.243  -10.558 1.00 25.87 ? 68  SER A O   1 
ATOM   557  C  CB  . SER A 1 80  ? -5.299  -10.797 -8.740  1.00 25.41 ? 68  SER A CB  1 
ATOM   558  O  OG  . SER A 1 80  ? -5.967  -11.434 -7.676  1.00 35.75 ? 68  SER A OG  1 
ATOM   559  N  N   . MET A 1 81  ? -3.129  -8.513  -8.889  1.00 22.90 ? 69  MET A N   1 
ATOM   560  C  CA  . MET A 1 81  ? -2.015  -7.893  -9.590  1.00 22.70 ? 69  MET A CA  1 
ATOM   561  C  C   . MET A 1 81  ? -0.773  -8.668  -9.256  1.00 20.29 ? 69  MET A C   1 
ATOM   562  O  O   . MET A 1 81  ? -0.662  -9.197  -8.151  1.00 21.86 ? 69  MET A O   1 
ATOM   563  C  CB  . MET A 1 81  ? -1.742  -6.494  -9.048  1.00 24.63 ? 69  MET A CB  1 
ATOM   564  C  CG  . MET A 1 81  ? -2.484  -5.388  -9.632  1.00 31.81 ? 69  MET A CG  1 
ATOM   565  S  SD  . MET A 1 81  ? -1.949  -4.004  -8.621  1.00 25.95 ? 69  MET A SD  1 
ATOM   566  C  CE  . MET A 1 81  ? -3.547  -3.161  -8.491  1.00 29.33 ? 69  MET A CE  1 
ATOM   567  N  N   . VAL A 1 82  ? 0.178   -8.702  -10.182 1.00 18.26 ? 70  VAL A N   1 
ATOM   568  C  CA  . VAL A 1 82  ? 1.445   -9.354  -9.906  1.00 17.89 ? 70  VAL A CA  1 
ATOM   569  C  C   . VAL A 1 82  ? 2.528   -8.279  -9.909  1.00 18.89 ? 70  VAL A C   1 
ATOM   570  O  O   . VAL A 1 82  ? 2.709   -7.585  -10.918 1.00 20.31 ? 70  VAL A O   1 
ATOM   571  C  CB  . VAL A 1 82  ? 1.815   -10.389 -10.976 1.00 22.52 ? 70  VAL A CB  1 
ATOM   572  C  CG1 . VAL A 1 82  ? 3.180   -10.996 -10.644 1.00 23.85 ? 70  VAL A CG1 1 
ATOM   573  C  CG2 . VAL A 1 82  ? 0.744   -11.455 -11.050 1.00 24.86 ? 70  VAL A CG2 1 
ATOM   574  N  N   . ALA A 1 83  ? 3.257   -8.141  -8.803  1.00 17.02 ? 71  ALA A N   1 
ATOM   575  C  CA  . ALA A 1 83  ? 4.310   -7.141  -8.729  1.00 17.37 ? 71  ALA A CA  1 
ATOM   576  C  C   . ALA A 1 83  ? 5.646   -7.852  -8.854  1.00 17.58 ? 71  ALA A C   1 
ATOM   577  O  O   . ALA A 1 83  ? 5.927   -8.814  -8.127  1.00 19.07 ? 71  ALA A O   1 
ATOM   578  C  CB  . ALA A 1 83  ? 4.229   -6.381  -7.394  1.00 16.22 ? 71  ALA A CB  1 
ATOM   579  N  N   . ASP A 1 84  ? 6.461   -7.412  -9.803  1.00 18.08 ? 72  ASP A N   1 
ATOM   580  C  CA  . ASP A 1 84  ? 7.754   -8.037  -10.034 1.00 20.39 ? 72  ASP A CA  1 
ATOM   581  C  C   . ASP A 1 84  ? 8.924   -7.312  -9.395  1.00 21.05 ? 72  ASP A C   1 
ATOM   582  O  O   . ASP A 1 84  ? 8.938   -6.084  -9.310  1.00 20.38 ? 72  ASP A O   1 
ATOM   583  C  CB  . ASP A 1 84  ? 8.006   -8.158  -11.545 1.00 21.80 ? 72  ASP A CB  1 
ATOM   584  C  CG  . ASP A 1 84  ? 7.040   -9.109  -12.212 1.00 27.46 ? 72  ASP A CG  1 
ATOM   585  O  OD1 . ASP A 1 84  ? 6.950   -10.268 -11.768 1.00 30.53 ? 72  ASP A OD1 1 
ATOM   586  O  OD2 . ASP A 1 84  ? 6.366   -8.705  -13.174 1.00 32.61 ? 72  ASP A OD2 1 
ATOM   587  N  N   . LYS A 1 85  ? 9.921   -8.064  -8.938  1.00 20.98 ? 73  LYS A N   1 
ATOM   588  C  CA  . LYS A 1 85  ? 11.095  -7.418  -8.363  1.00 24.22 ? 73  LYS A CA  1 
ATOM   589  C  C   . LYS A 1 85  ? 11.796  -6.646  -9.479  1.00 24.49 ? 73  LYS A C   1 
ATOM   590  O  O   . LYS A 1 85  ? 11.776  -7.065  -10.637 1.00 23.52 ? 73  LYS A O   1 
ATOM   591  C  CB  . LYS A 1 85  ? 12.074  -8.462  -7.807  1.00 28.87 ? 73  LYS A CB  1 
ATOM   592  C  CG  . LYS A 1 85  ? 11.468  -9.425  -6.814  1.00 28.13 ? 73  LYS A CG  1 
ATOM   593  C  CD  . LYS A 1 85  ? 12.415  -10.565 -6.481  1.00 37.64 ? 73  LYS A CD  1 
ATOM   594  C  CE  . LYS A 1 85  ? 13.377  -10.191 -5.388  1.00 37.40 ? 73  LYS A CE  1 
ATOM   595  N  NZ  . LYS A 1 85  ? 14.092  -8.932  -5.720  1.00 45.35 ? 73  LYS A NZ  1 
ATOM   596  N  N   . THR A 1 86  ? 12.396  -5.507  -9.149  1.00 24.38 ? 74  THR A N   1 
ATOM   597  C  CA  . THR A 1 86  ? 13.127  -4.746  -10.154 1.00 23.82 ? 74  THR A CA  1 
ATOM   598  C  C   . THR A 1 86  ? 14.602  -4.986  -9.841  1.00 26.59 ? 74  THR A C   1 
ATOM   599  O  O   . THR A 1 86  ? 14.943  -5.833  -8.999  1.00 25.16 ? 74  THR A O   1 
ATOM   600  C  CB  . THR A 1 86  ? 12.848  -3.223  -10.087 1.00 22.26 ? 74  THR A CB  1 
ATOM   601  O  OG1 . THR A 1 86  ? 13.468  -2.672  -8.923  1.00 23.82 ? 74  THR A OG1 1 
ATOM   602  C  CG2 . THR A 1 86  ? 11.347  -2.929  -10.082 1.00 22.64 ? 74  THR A CG2 1 
ATOM   603  N  N   . GLU A 1 87  ? 15.478  -4.237  -10.501 1.00 29.78 ? 75  GLU A N   1 
ATOM   604  C  CA  . GLU A 1 87  ? 16.902  -4.403  -10.278 1.00 32.69 ? 75  GLU A CA  1 
ATOM   605  C  C   . GLU A 1 87  ? 17.352  -3.824  -8.943  1.00 33.40 ? 75  GLU A C   1 
ATOM   606  O  O   . GLU A 1 87  ? 18.449  -4.124  -8.473  1.00 32.71 ? 75  GLU A O   1 
ATOM   607  C  CB  . GLU A 1 87  ? 17.678  -3.809  -11.455 1.00 36.45 ? 75  GLU A CB  1 
ATOM   608  C  CG  . GLU A 1 87  ? 17.303  -4.514  -12.758 1.00 42.89 ? 75  GLU A CG  1 
ATOM   609  C  CD  . GLU A 1 87  ? 18.095  -4.053  -13.966 1.00 46.57 ? 75  GLU A CD  1 
ATOM   610  O  OE1 . GLU A 1 87  ? 17.922  -2.890  -14.392 1.00 49.33 ? 75  GLU A OE1 1 
ATOM   611  O  OE2 . GLU A 1 87  ? 18.887  -4.863  -14.493 1.00 49.18 ? 75  GLU A OE2 1 
ATOM   612  N  N   . LYS A 1 88  ? 16.515  -3.006  -8.308  1.00 30.50 ? 76  LYS A N   1 
ATOM   613  C  CA  . LYS A 1 88  ? 16.917  -2.490  -7.007  1.00 32.20 ? 76  LYS A CA  1 
ATOM   614  C  C   . LYS A 1 88  ? 16.248  -3.320  -5.921  1.00 30.42 ? 76  LYS A C   1 
ATOM   615  O  O   . LYS A 1 88  ? 15.044  -3.539  -5.947  1.00 27.95 ? 76  LYS A O   1 
ATOM   616  C  CB  . LYS A 1 88  ? 16.599  -0.998  -6.864  1.00 36.57 ? 76  LYS A CB  1 
ATOM   617  C  CG  . LYS A 1 88  ? 15.216  -0.563  -7.234  1.00 42.73 ? 76  LYS A CG  1 
ATOM   618  C  CD  . LYS A 1 88  ? 15.037  0.921   -6.886  1.00 45.76 ? 76  LYS A CD  1 
ATOM   619  C  CE  . LYS A 1 88  ? 15.836  1.824   -7.811  1.00 46.97 ? 76  LYS A CE  1 
ATOM   620  N  NZ  . LYS A 1 88  ? 15.402  1.676   -9.224  1.00 46.95 ? 76  LYS A NZ  1 
ATOM   621  N  N   . ALA A 1 89  ? 17.047  -3.824  -4.984  1.00 30.36 ? 77  ALA A N   1 
ATOM   622  C  CA  . ALA A 1 89  ? 16.520  -4.667  -3.918  1.00 29.51 ? 77  ALA A CA  1 
ATOM   623  C  C   . ALA A 1 89  ? 15.439  -3.942  -3.117  1.00 26.23 ? 77  ALA A C   1 
ATOM   624  O  O   . ALA A 1 89  ? 15.579  -2.772  -2.779  1.00 27.85 ? 77  ALA A O   1 
ATOM   625  C  CB  . ALA A 1 89  ? 17.660  -5.114  -2.992  1.00 30.80 ? 77  ALA A CB  1 
ATOM   626  N  N   . GLY A 1 90  ? 14.355  -4.652  -2.833  1.00 25.31 ? 78  GLY A N   1 
ATOM   627  C  CA  . GLY A 1 90  ? 13.280  -4.055  -2.071  1.00 21.83 ? 78  GLY A CA  1 
ATOM   628  C  C   . GLY A 1 90  ? 12.285  -3.272  -2.904  1.00 20.52 ? 78  GLY A C   1 
ATOM   629  O  O   . GLY A 1 90  ? 11.322  -2.762  -2.345  1.00 17.43 ? 78  GLY A O   1 
ATOM   630  N  N   . GLU A 1 91  ? 12.501  -3.161  -4.217  1.00 17.53 ? 79  GLU A N   1 
ATOM   631  C  CA  . GLU A 1 91  ? 11.564  -2.428  -5.071  1.00 15.26 ? 79  GLU A CA  1 
ATOM   632  C  C   . GLU A 1 91  ? 10.848  -3.373  -6.014  1.00 17.92 ? 79  GLU A C   1 
ATOM   633  O  O   . GLU A 1 91  ? 11.432  -4.335  -6.515  1.00 18.52 ? 79  GLU A O   1 
ATOM   634  C  CB  . GLU A 1 91  ? 12.289  -1.336  -5.884  1.00 19.36 ? 79  GLU A CB  1 
ATOM   635  C  CG  . GLU A 1 91  ? 11.347  -0.504  -6.754  1.00 22.95 ? 79  GLU A CG  1 
ATOM   636  C  CD  . GLU A 1 91  ? 12.065  0.525   -7.626  1.00 31.37 ? 79  GLU A CD  1 
ATOM   637  O  OE1 . GLU A 1 91  ? 12.004  1.732   -7.315  1.00 34.51 ? 79  GLU A OE1 1 
ATOM   638  O  OE2 . GLU A 1 91  ? 12.697  0.128   -8.625  1.00 32.51 ? 79  GLU A OE2 1 
ATOM   639  N  N   . TYR A 1 92  ? 9.570   -3.099  -6.250  1.00 13.89 ? 80  TYR A N   1 
ATOM   640  C  CA  . TYR A 1 92  ? 8.743   -3.907  -7.116  1.00 12.29 ? 80  TYR A CA  1 
ATOM   641  C  C   . TYR A 1 92  ? 8.025   -3.016  -8.107  1.00 14.37 ? 80  TYR A C   1 
ATOM   642  O  O   . TYR A 1 92  ? 7.810   -1.832  -7.851  1.00 17.24 ? 80  TYR A O   1 
ATOM   643  C  CB  . TYR A 1 92  ? 7.683   -4.660  -6.292  1.00 14.30 ? 80  TYR A CB  1 
ATOM   644  C  CG  . TYR A 1 92  ? 8.254   -5.728  -5.414  1.00 17.43 ? 80  TYR A CG  1 
ATOM   645  C  CD1 . TYR A 1 92  ? 8.817   -5.414  -4.188  1.00 20.09 ? 80  TYR A CD1 1 
ATOM   646  C  CD2 . TYR A 1 92  ? 8.265   -7.056  -5.831  1.00 19.18 ? 80  TYR A CD2 1 
ATOM   647  C  CE1 . TYR A 1 92  ? 9.387   -6.414  -3.392  1.00 20.13 ? 80  TYR A CE1 1 
ATOM   648  C  CE2 . TYR A 1 92  ? 8.824   -8.050  -5.048  1.00 20.21 ? 80  TYR A CE2 1 
ATOM   649  C  CZ  . TYR A 1 92  ? 9.384   -7.714  -3.831  1.00 20.12 ? 80  TYR A CZ  1 
ATOM   650  O  OH  . TYR A 1 92  ? 9.962   -8.685  -3.049  1.00 25.65 ? 80  TYR A OH  1 
ATOM   651  N  N   . SER A 1 93  ? 7.654   -3.586  -9.247  1.00 15.62 ? 81  SER A N   1 
ATOM   652  C  CA  . SER A 1 93  ? 6.918   -2.815  -10.239 1.00 14.93 ? 81  SER A CA  1 
ATOM   653  C  C   . SER A 1 93  ? 5.644   -3.553  -10.647 1.00 18.36 ? 81  SER A C   1 
ATOM   654  O  O   . SER A 1 93  ? 5.539   -4.794  -10.557 1.00 17.22 ? 81  SER A O   1 
ATOM   655  C  CB  . SER A 1 93  ? 7.813   -2.539  -11.465 1.00 14.78 ? 81  SER A CB  1 
ATOM   656  O  OG  . SER A 1 93  ? 8.141   -3.751  -12.116 1.00 18.67 ? 81  SER A OG  1 
ATOM   657  N  N   . VAL A 1 94  ? 4.639   -2.789  -11.060 1.00 15.45 ? 82  VAL A N   1 
ATOM   658  C  CA  . VAL A 1 94  ? 3.406   -3.393  -11.497 1.00 16.61 ? 82  VAL A CA  1 
ATOM   659  C  C   . VAL A 1 94  ? 2.661   -2.447  -12.417 1.00 16.01 ? 82  VAL A C   1 
ATOM   660  O  O   . VAL A 1 94  ? 2.663   -1.221  -12.218 1.00 16.96 ? 82  VAL A O   1 
ATOM   661  C  CB  . VAL A 1 94  ? 2.496   -3.801  -10.294 1.00 20.32 ? 82  VAL A CB  1 
ATOM   662  C  CG1 . VAL A 1 94  ? 2.168   -2.592  -9.450  1.00 22.11 ? 82  VAL A CG1 1 
ATOM   663  C  CG2 . VAL A 1 94  ? 1.221   -4.480  -10.803 1.00 21.47 ? 82  VAL A CG2 1 
ATOM   664  N  N   . THR A 1 95  ? 2.055   -3.001  -13.454 1.00 16.20 ? 83  THR A N   1 
ATOM   665  C  CA  . THR A 1 95  ? 1.290   -2.158  -14.362 1.00 17.46 ? 83  THR A CA  1 
ATOM   666  C  C   . THR A 1 95  ? -0.152  -2.129  -13.869 1.00 17.11 ? 83  THR A C   1 
ATOM   667  O  O   . THR A 1 95  ? -0.777  -3.183  -13.683 1.00 18.98 ? 83  THR A O   1 
ATOM   668  C  CB  . THR A 1 95  ? 1.330   -2.702  -15.809 1.00 21.17 ? 83  THR A CB  1 
ATOM   669  O  OG1 . THR A 1 95  ? 2.668   -2.616  -16.306 1.00 22.61 ? 83  THR A OG1 1 
ATOM   670  C  CG2 . THR A 1 95  ? 0.405   -1.887  -16.725 1.00 22.01 ? 83  THR A CG2 1 
ATOM   671  N  N   . TYR A 1 96  ? -0.659  -0.924  -13.626 1.00 17.08 ? 84  TYR A N   1 
ATOM   672  C  CA  . TYR A 1 96  ? -2.028  -0.709  -13.163 1.00 15.64 ? 84  TYR A CA  1 
ATOM   673  C  C   . TYR A 1 96  ? -2.291  0.782   -13.278 1.00 17.36 ? 84  TYR A C   1 
ATOM   674  O  O   . TYR A 1 96  ? -1.686  1.576   -12.553 1.00 17.78 ? 84  TYR A O   1 
ATOM   675  C  CB  . TYR A 1 96  ? -2.208  -1.128  -11.698 1.00 16.41 ? 84  TYR A CB  1 
ATOM   676  C  CG  . TYR A 1 96  ? -3.599  -0.814  -11.182 1.00 16.03 ? 84  TYR A CG  1 
ATOM   677  C  CD1 . TYR A 1 96  ? -4.695  -1.572  -11.572 1.00 19.31 ? 84  TYR A CD1 1 
ATOM   678  C  CD2 . TYR A 1 96  ? -3.822  0.290   -10.349 1.00 18.06 ? 84  TYR A CD2 1 
ATOM   679  C  CE1 . TYR A 1 96  ? -5.988  -1.244  -11.147 1.00 17.32 ? 84  TYR A CE1 1 
ATOM   680  C  CE2 . TYR A 1 96  ? -5.104  0.630   -9.915  1.00 18.07 ? 84  TYR A CE2 1 
ATOM   681  C  CZ  . TYR A 1 96  ? -6.189  -0.144  -10.321 1.00 18.44 ? 84  TYR A CZ  1 
ATOM   682  O  OH  . TYR A 1 96  ? -7.462  0.204   -9.927  1.00 18.83 ? 84  TYR A OH  1 
ATOM   683  N  N   . ASP A 1 97  ? -3.206  1.160   -14.168 1.00 16.57 ? 85  ASP A N   1 
ATOM   684  C  CA  . ASP A 1 97  ? -3.527  2.569   -14.409 1.00 15.49 ? 85  ASP A CA  1 
ATOM   685  C  C   . ASP A 1 97  ? -2.217  3.374   -14.535 1.00 15.07 ? 85  ASP A C   1 
ATOM   686  O  O   . ASP A 1 97  ? -2.032  4.444   -13.932 1.00 16.86 ? 85  ASP A O   1 
ATOM   687  C  CB  . ASP A 1 97  ? -4.411  3.134   -13.290 1.00 19.35 ? 85  ASP A CB  1 
ATOM   688  C  CG  . ASP A 1 97  ? -5.062  4.447   -13.691 1.00 20.74 ? 85  ASP A CG  1 
ATOM   689  O  OD1 . ASP A 1 97  ? -5.290  4.618   -14.908 1.00 24.43 ? 85  ASP A OD1 1 
ATOM   690  O  OD2 . ASP A 1 97  ? -5.344  5.297   -12.821 1.00 26.05 ? 85  ASP A OD2 1 
ATOM   691  N  N   . GLY A 1 98  ? -1.333  2.846   -15.365 1.00 13.97 ? 86  GLY A N   1 
ATOM   692  C  CA  . GLY A 1 98  ? -0.039  3.451   -15.596 1.00 15.22 ? 86  GLY A CA  1 
ATOM   693  C  C   . GLY A 1 98  ? 1.029   2.492   -15.082 1.00 16.71 ? 86  GLY A C   1 
ATOM   694  O  O   . GLY A 1 98  ? 0.743   1.322   -14.798 1.00 18.13 ? 86  GLY A O   1 
ATOM   695  N  N   . PHE A 1 99  ? 2.254   2.987   -14.963 1.00 13.65 ? 87  PHE A N   1 
ATOM   696  C  CA  . PHE A 1 99  ? 3.385   2.177   -14.493 1.00 11.51 ? 87  PHE A CA  1 
ATOM   697  C  C   . PHE A 1 99  ? 3.691   2.545   -13.057 1.00 12.83 ? 87  PHE A C   1 
ATOM   698  O  O   . PHE A 1 99  ? 3.868   3.720   -12.751 1.00 12.20 ? 87  PHE A O   1 
ATOM   699  C  CB  . PHE A 1 99  ? 4.603   2.468   -15.363 1.00 13.70 ? 87  PHE A CB  1 
ATOM   700  C  CG  . PHE A 1 99  ? 5.862   1.825   -14.881 1.00 14.41 ? 87  PHE A CG  1 
ATOM   701  C  CD1 . PHE A 1 99  ? 6.004   0.444   -14.899 1.00 17.65 ? 87  PHE A CD1 1 
ATOM   702  C  CD2 . PHE A 1 99  ? 6.907   2.601   -14.408 1.00 17.04 ? 87  PHE A CD2 1 
ATOM   703  C  CE1 . PHE A 1 99  ? 7.188   -0.157  -14.447 1.00 18.82 ? 87  PHE A CE1 1 
ATOM   704  C  CE2 . PHE A 1 99  ? 8.095   2.012   -13.953 1.00 18.97 ? 87  PHE A CE2 1 
ATOM   705  C  CZ  . PHE A 1 99  ? 8.226   0.627   -13.978 1.00 19.75 ? 87  PHE A CZ  1 
ATOM   706  N  N   . ASN A 1 100 ? 3.780   1.539   -12.192 1.00 12.46 ? 88  ASN A N   1 
ATOM   707  C  CA  . ASN A 1 100 ? 4.048   1.793   -10.774 1.00 14.18 ? 88  ASN A CA  1 
ATOM   708  C  C   . ASN A 1 100 ? 5.292   1.114   -10.250 1.00 13.11 ? 88  ASN A C   1 
ATOM   709  O  O   . ASN A 1 100 ? 5.632   -0.002  -10.669 1.00 13.85 ? 88  ASN A O   1 
ATOM   710  C  CB  . ASN A 1 100 ? 2.896   1.257   -9.922  1.00 12.16 ? 88  ASN A CB  1 
ATOM   711  C  CG  . ASN A 1 100 ? 1.545   1.736   -10.403 1.00 16.81 ? 88  ASN A CG  1 
ATOM   712  O  OD1 . ASN A 1 100 ? 1.153   2.841   -10.101 1.00 12.52 ? 88  ASN A OD1 1 
ATOM   713  N  ND2 . ASN A 1 100 ? 0.841   0.910   -11.181 1.00 13.09 ? 88  ASN A ND2 1 
ATOM   714  N  N   . THR A 1 101 ? 5.979   1.786   -9.331  1.00 11.72 ? 89  THR A N   1 
ATOM   715  C  CA  . THR A 1 101 ? 7.098   1.125   -8.642  1.00 12.76 ? 89  THR A CA  1 
ATOM   716  C  C   . THR A 1 101 ? 6.833   1.369   -7.157  1.00 14.28 ? 89  THR A C   1 
ATOM   717  O  O   . THR A 1 101 ? 6.284   2.411   -6.776  1.00 15.42 ? 89  THR A O   1 
ATOM   718  C  CB  . THR A 1 101 ? 8.485   1.697   -9.016  1.00 18.37 ? 89  THR A CB  1 
ATOM   719  O  OG1 . THR A 1 101 ? 8.537   3.076   -8.671  1.00 21.25 ? 89  THR A OG1 1 
ATOM   720  C  CG2 . THR A 1 101 ? 8.743   1.520   -10.509 1.00 19.60 ? 89  THR A CG2 1 
ATOM   721  N  N   . PHE A 1 102 ? 7.149   0.401   -6.301  1.00 12.33 ? 90  PHE A N   1 
ATOM   722  C  CA  . PHE A 1 102 ? 6.941   0.649   -4.882  1.00 11.98 ? 90  PHE A CA  1 
ATOM   723  C  C   . PHE A 1 102 ? 7.946   -0.073  -4.004  1.00 12.92 ? 90  PHE A C   1 
ATOM   724  O  O   . PHE A 1 102 ? 8.627   -1.017  -4.449  1.00 12.98 ? 90  PHE A O   1 
ATOM   725  C  CB  . PHE A 1 102 ? 5.504   0.273   -4.419  1.00 10.74 ? 90  PHE A CB  1 
ATOM   726  C  CG  . PHE A 1 102 ? 5.180   -1.207  -4.479  1.00 10.46 ? 90  PHE A CG  1 
ATOM   727  C  CD1 . PHE A 1 102 ? 4.541   -1.738  -5.582  1.00 13.13 ? 90  PHE A CD1 1 
ATOM   728  C  CD2 . PHE A 1 102 ? 5.519   -2.051  -3.427  1.00 13.99 ? 90  PHE A CD2 1 
ATOM   729  C  CE1 . PHE A 1 102 ? 4.222   -3.105  -5.659  1.00 14.56 ? 90  PHE A CE1 1 
ATOM   730  C  CE2 . PHE A 1 102 ? 5.214   -3.433  -3.481  1.00 14.79 ? 90  PHE A CE2 1 
ATOM   731  C  CZ  . PHE A 1 102 ? 4.558   -3.956  -4.604  1.00 13.57 ? 90  PHE A CZ  1 
ATOM   732  N  N   . THR A 1 103 ? 8.050   0.418   -2.770  1.00 12.74 ? 91  THR A N   1 
ATOM   733  C  CA  . THR A 1 103 ? 8.914   -0.194  -1.765  1.00 11.19 ? 91  THR A CA  1 
ATOM   734  C  C   . THR A 1 103 ? 8.121   -0.216  -0.465  1.00 13.65 ? 91  THR A C   1 
ATOM   735  O  O   . THR A 1 103 ? 7.020   0.345   -0.373  1.00 10.36 ? 91  THR A O   1 
ATOM   736  C  CB  . THR A 1 103 ? 10.206  0.580   -1.487  1.00 13.42 ? 91  THR A CB  1 
ATOM   737  O  OG1 . THR A 1 103 ? 9.872   1.870   -0.989  1.00 13.20 ? 91  THR A OG1 1 
ATOM   738  C  CG2 . THR A 1 103 ? 11.092  0.714   -2.769  1.00 13.71 ? 91  THR A CG2 1 
ATOM   739  N  N   . ILE A 1 104 ? 8.681   -0.876  0.538   1.00 11.22 ? 92  ILE A N   1 
ATOM   740  C  CA  . ILE A 1 104 ? 8.048   -0.943  1.849   1.00 10.36 ? 92  ILE A CA  1 
ATOM   741  C  C   . ILE A 1 104 ? 9.029   -0.271  2.814   1.00 11.68 ? 92  ILE A C   1 
ATOM   742  O  O   . ILE A 1 104 ? 9.943   -0.910  3.376   1.00 14.55 ? 92  ILE A O   1 
ATOM   743  C  CB  . ILE A 1 104 ? 7.807   -2.429  2.241   1.00 10.91 ? 92  ILE A CB  1 
ATOM   744  C  CG1 . ILE A 1 104 ? 6.857   -3.069  1.229   1.00 13.13 ? 92  ILE A CG1 1 
ATOM   745  C  CG2 . ILE A 1 104 ? 7.230   -2.539  3.648   1.00 13.90 ? 92  ILE A CG2 1 
ATOM   746  C  CD1 . ILE A 1 104 ? 6.794   -4.595  1.331   1.00 16.48 ? 92  ILE A CD1 1 
ATOM   747  N  N   . PRO A 1 105 ? 8.843   1.031   3.051   1.00 11.55 ? 93  PRO A N   1 
ATOM   748  C  CA  . PRO A 1 105 ? 9.768   1.718   3.959   1.00 11.85 ? 93  PRO A CA  1 
ATOM   749  C  C   . PRO A 1 105 ? 9.775   1.249   5.405   1.00 13.44 ? 93  PRO A C   1 
ATOM   750  O  O   . PRO A 1 105 ? 10.781  1.423   6.078   1.00 14.45 ? 93  PRO A O   1 
ATOM   751  C  CB  . PRO A 1 105 ? 9.401   3.194   3.819   1.00 13.56 ? 93  PRO A CB  1 
ATOM   752  C  CG  . PRO A 1 105 ? 8.006   3.188   3.263   1.00 15.19 ? 93  PRO A CG  1 
ATOM   753  C  CD  . PRO A 1 105 ? 7.949   1.976   2.366   1.00 11.83 ? 93  PRO A CD  1 
ATOM   754  N  N   . LYS A 1 106 ? 8.660   0.695   5.891   1.00 12.12 ? 94  LYS A N   1 
ATOM   755  C  CA  . LYS A 1 106 ? 8.651   0.215   7.278   1.00 11.36 ? 94  LYS A CA  1 
ATOM   756  C  C   . LYS A 1 106 ? 7.576   -0.846  7.505   1.00 13.04 ? 94  LYS A C   1 
ATOM   757  O  O   . LYS A 1 106 ? 6.434   -0.661  7.103   1.00 14.36 ? 94  LYS A O   1 
ATOM   758  C  CB  . LYS A 1 106 ? 8.384   1.378   8.240   1.00 15.57 ? 94  LYS A CB  1 
ATOM   759  C  CG  . LYS A 1 106 ? 8.768   1.058   9.699   1.00 22.10 ? 94  LYS A CG  1 
ATOM   760  C  CD  . LYS A 1 106 ? 10.256  0.698   9.794   1.00 27.11 ? 94  LYS A CD  1 
ATOM   761  C  CE  . LYS A 1 106 ? 11.148  1.846   9.352   1.00 34.03 ? 94  LYS A CE  1 
ATOM   762  N  NZ  . LYS A 1 106 ? 12.577  1.517   9.592   1.00 39.96 ? 94  LYS A NZ  1 
ATOM   763  N  N   . THR A 1 107 ? 7.953   -1.975  8.099   1.00 12.41 ? 95  THR A N   1 
ATOM   764  C  CA  . THR A 1 107 ? 6.944   -2.970  8.480   1.00 12.66 ? 95  THR A CA  1 
ATOM   765  C  C   . THR A 1 107 ? 7.492   -3.670  9.739   1.00 13.90 ? 95  THR A C   1 
ATOM   766  O  O   . THR A 1 107 ? 8.702   -3.692  9.958   1.00 14.11 ? 95  THR A O   1 
ATOM   767  C  CB  . THR A 1 107 ? 6.707   -4.043  7.376   1.00 10.68 ? 95  THR A CB  1 
ATOM   768  O  OG1 . THR A 1 107 ? 5.785   -5.023  7.864   1.00 12.48 ? 95  THR A OG1 1 
ATOM   769  C  CG2 . THR A 1 107 ? 8.034   -4.753  6.979   1.00 12.77 ? 95  THR A CG2 1 
ATOM   770  N  N   . ASP A 1 108 ? 6.606   -4.181  10.586  1.00 13.30 ? 96  ASP A N   1 
ATOM   771  C  CA  . ASP A 1 108 ? 7.067   -4.969  11.728  1.00 13.36 ? 96  ASP A CA  1 
ATOM   772  C  C   . ASP A 1 108 ? 6.594   -6.422  11.501  1.00 15.03 ? 96  ASP A C   1 
ATOM   773  O  O   . ASP A 1 108 ? 6.683   -7.263  12.401  1.00 14.91 ? 96  ASP A O   1 
ATOM   774  C  CB  . ASP A 1 108 ? 6.557   -4.398  13.060  1.00 15.16 ? 96  ASP A CB  1 
ATOM   775  C  CG  . ASP A 1 108 ? 5.085   -4.601  13.279  1.00 16.18 ? 96  ASP A CG  1 
ATOM   776  O  OD1 . ASP A 1 108 ? 4.335   -4.848  12.319  1.00 13.02 ? 96  ASP A OD1 1 
ATOM   777  O  OD2 . ASP A 1 108 ? 4.661   -4.500  14.457  1.00 16.40 ? 96  ASP A OD2 1 
ATOM   778  N  N   . TYR A 1 109 ? 6.094   -6.677  10.289  1.00 13.89 ? 97  TYR A N   1 
ATOM   779  C  CA  . TYR A 1 109 ? 5.609   -7.985  9.806   1.00 13.09 ? 97  TYR A CA  1 
ATOM   780  C  C   . TYR A 1 109 ? 4.335   -8.517  10.470  1.00 13.85 ? 97  TYR A C   1 
ATOM   781  O  O   . TYR A 1 109 ? 3.455   -9.030  9.788   1.00 15.57 ? 97  TYR A O   1 
ATOM   782  C  CB  . TYR A 1 109 ? 6.690   -9.083  9.971   1.00 13.58 ? 97  TYR A CB  1 
ATOM   783  C  CG  . TYR A 1 109 ? 8.016   -8.780  9.347   1.00 13.77 ? 97  TYR A CG  1 
ATOM   784  C  CD1 . TYR A 1 109 ? 8.158   -8.716  7.964   1.00 15.32 ? 97  TYR A CD1 1 
ATOM   785  C  CD2 . TYR A 1 109 ? 9.150   -8.612  10.137  1.00 17.26 ? 97  TYR A CD2 1 
ATOM   786  C  CE1 . TYR A 1 109 ? 9.410   -8.496  7.366   1.00 16.63 ? 97  TYR A CE1 1 
ATOM   787  C  CE2 . TYR A 1 109 ? 10.413  -8.402  9.547   1.00 19.33 ? 97  TYR A CE2 1 
ATOM   788  C  CZ  . TYR A 1 109 ? 10.523  -8.350  8.163   1.00 18.58 ? 97  TYR A CZ  1 
ATOM   789  O  OH  . TYR A 1 109 ? 11.757  -8.180  7.588   1.00 18.72 ? 97  TYR A OH  1 
ATOM   790  N  N   . ASP A 1 110 ? 4.253   -8.388  11.790  1.00 11.97 ? 98  ASP A N   1 
ATOM   791  C  CA  . ASP A 1 110 ? 3.156   -8.908  12.608  1.00 13.07 ? 98  ASP A CA  1 
ATOM   792  C  C   . ASP A 1 110 ? 1.969   -8.008  12.866  1.00 13.55 ? 98  ASP A C   1 
ATOM   793  O  O   . ASP A 1 110 ? 0.920   -8.484  13.311  1.00 14.22 ? 98  ASP A O   1 
ATOM   794  C  CB  . ASP A 1 110 ? 3.649   -9.309  13.996  1.00 16.28 ? 98  ASP A CB  1 
ATOM   795  C  CG  . ASP A 1 110 ? 4.649   -10.388 13.973  1.00 22.57 ? 98  ASP A CG  1 
ATOM   796  O  OD1 . ASP A 1 110 ? 4.551   -11.272 13.099  1.00 24.78 ? 98  ASP A OD1 1 
ATOM   797  O  OD2 . ASP A 1 110 ? 5.523   -10.341 14.871  1.00 25.88 ? 98  ASP A OD2 1 
ATOM   798  N  N   . ASN A 1 111 ? 2.121   -6.706  12.635  1.00 12.88 ? 99  ASN A N   1 
ATOM   799  C  CA  . ASN A 1 111 ? 1.013   -5.769  12.845  1.00 11.65 ? 99  ASN A CA  1 
ATOM   800  C  C   . ASN A 1 111 ? 0.755   -4.882  11.642  1.00 10.55 ? 99  ASN A C   1 
ATOM   801  O  O   . ASN A 1 111 ? -0.372  -4.805  11.149  1.00 11.56 ? 99  ASN A O   1 
ATOM   802  C  CB  . ASN A 1 111 ? 1.282   -4.801  14.015  1.00 14.60 ? 99  ASN A CB  1 
ATOM   803  C  CG  . ASN A 1 111 ? 1.162   -5.460  15.365  1.00 17.69 ? 99  ASN A CG  1 
ATOM   804  O  OD1 . ASN A 1 111 ? 0.072   -5.833  15.814  1.00 19.32 ? 99  ASN A OD1 1 
ATOM   805  N  ND2 . ASN A 1 111 ? 2.290   -5.611  16.019  1.00 16.49 ? 99  ASN A ND2 1 
ATOM   806  N  N   . PHE A 1 112 ? 1.808   -4.196  11.194  1.00 9.85  ? 100 PHE A N   1 
ATOM   807  C  CA  . PHE A 1 112 ? 1.652   -3.214  10.103  1.00 10.01 ? 100 PHE A CA  1 
ATOM   808  C  C   . PHE A 1 112 ? 2.659   -3.284  8.979   1.00 11.01 ? 100 PHE A C   1 
ATOM   809  O  O   . PHE A 1 112 ? 3.745   -3.825  9.123   1.00 10.47 ? 100 PHE A O   1 
ATOM   810  C  CB  . PHE A 1 112 ? 1.709   -1.762  10.679  1.00 10.30 ? 100 PHE A CB  1 
ATOM   811  C  CG  . PHE A 1 112 ? 3.107   -1.308  11.085  1.00 7.94  ? 100 PHE A CG  1 
ATOM   812  C  CD1 . PHE A 1 112 ? 3.951   -0.696  10.152  1.00 11.08 ? 100 PHE A CD1 1 
ATOM   813  C  CD2 . PHE A 1 112 ? 3.571   -1.515  12.376  1.00 13.30 ? 100 PHE A CD2 1 
ATOM   814  C  CE1 . PHE A 1 112 ? 5.248   -0.297  10.504  1.00 13.44 ? 100 PHE A CE1 1 
ATOM   815  C  CE2 . PHE A 1 112 ? 4.871   -1.119  12.747  1.00 13.96 ? 100 PHE A CE2 1 
ATOM   816  C  CZ  . PHE A 1 112 ? 5.707   -0.508  11.794  1.00 11.93 ? 100 PHE A CZ  1 
ATOM   817  N  N   . LEU A 1 113 ? 2.284   -2.677  7.856   1.00 8.48  ? 101 LEU A N   1 
ATOM   818  C  CA  . LEU A 1 113 ? 3.141   -2.575  6.690   1.00 8.89  ? 101 LEU A CA  1 
ATOM   819  C  C   . LEU A 1 113 ? 2.839   -1.208  6.048   1.00 11.48 ? 101 LEU A C   1 
ATOM   820  O  O   . LEU A 1 113 ? 1.665   -0.855  5.824   1.00 10.06 ? 101 LEU A O   1 
ATOM   821  C  CB  . LEU A 1 113 ? 2.847   -3.727  5.721   1.00 12.35 ? 101 LEU A CB  1 
ATOM   822  C  CG  . LEU A 1 113 ? 3.756   -3.878  4.490   1.00 13.02 ? 101 LEU A CG  1 
ATOM   823  C  CD1 . LEU A 1 113 ? 3.641   -5.333  4.000   1.00 13.03 ? 101 LEU A CD1 1 
ATOM   824  C  CD2 . LEU A 1 113 ? 3.320   -2.902  3.393   1.00 11.91 ? 101 LEU A CD2 1 
ATOM   825  N  N   . MET A 1 114 ? 3.893   -0.432  5.797   1.00 9.75  ? 102 MET A N   1 
ATOM   826  C  CA  . MET A 1 114 ? 3.739   0.894   5.185   1.00 9.85  ? 102 MET A CA  1 
ATOM   827  C  C   . MET A 1 114 ? 4.434   0.813   3.833   1.00 10.81 ? 102 MET A C   1 
ATOM   828  O  O   . MET A 1 114 ? 5.619   0.435   3.761   1.00 13.37 ? 102 MET A O   1 
ATOM   829  C  CB  . MET A 1 114 ? 4.424   1.947   6.049   1.00 10.67 ? 102 MET A CB  1 
ATOM   830  C  CG  . MET A 1 114 ? 3.864   2.052   7.471   1.00 12.10 ? 102 MET A CG  1 
ATOM   831  S  SD  . MET A 1 114 ? 4.603   3.454   8.390   1.00 14.43 ? 102 MET A SD  1 
ATOM   832  C  CE  . MET A 1 114 ? 3.915   3.158   9.983   1.00 13.30 ? 102 MET A CE  1 
ATOM   833  N  N   . ALA A 1 115 ? 3.699   1.160   2.775   1.00 8.89  ? 103 ALA A N   1 
ATOM   834  C  CA  . ALA A 1 115 ? 4.213   1.102   1.413   1.00 10.61 ? 103 ALA A CA  1 
ATOM   835  C  C   . ALA A 1 115 ? 4.254   2.475   0.815   1.00 10.66 ? 103 ALA A C   1 
ATOM   836  O  O   . ALA A 1 115 ? 3.412   3.320   1.132   1.00 11.67 ? 103 ALA A O   1 
ATOM   837  C  CB  . ALA A 1 115 ? 3.311   0.207   0.532   1.00 11.57 ? 103 ALA A CB  1 
ATOM   838  N  N   . HIS A 1 116 ? 5.250   2.689   -0.048  1.00 7.71  ? 104 HIS A N   1 
ATOM   839  C  CA  . HIS A 1 116 ? 5.362   3.970   -0.767  1.00 11.52 ? 104 HIS A CA  1 
ATOM   840  C  C   . HIS A 1 116 ? 5.428   3.630   -2.253  1.00 11.39 ? 104 HIS A C   1 
ATOM   841  O  O   . HIS A 1 116 ? 6.274   2.836   -2.697  1.00 12.11 ? 104 HIS A O   1 
ATOM   842  C  CB  . HIS A 1 116 ? 6.596   4.748   -0.338  1.00 10.44 ? 104 HIS A CB  1 
ATOM   843  C  CG  . HIS A 1 116 ? 6.810   5.992   -1.146  1.00 13.28 ? 104 HIS A CG  1 
ATOM   844  N  ND1 . HIS A 1 116 ? 7.697   6.048   -2.199  1.00 16.77 ? 104 HIS A ND1 1 
ATOM   845  C  CD2 . HIS A 1 116 ? 6.240   7.222   -1.067  1.00 14.09 ? 104 HIS A CD2 1 
ATOM   846  C  CE1 . HIS A 1 116 ? 7.674   7.263   -2.726  1.00 18.05 ? 104 HIS A CE1 1 
ATOM   847  N  NE2 . HIS A 1 116 ? 6.801   7.995   -2.060  1.00 12.05 ? 104 HIS A NE2 1 
ATOM   848  N  N   . LEU A 1 117 ? 4.541   4.239   -3.020  1.00 9.60  ? 105 LEU A N   1 
ATOM   849  C  CA  . LEU A 1 117 ? 4.436   3.930   -4.436  1.00 10.91 ? 105 LEU A CA  1 
ATOM   850  C  C   . LEU A 1 117 ? 4.481   5.167   -5.315  1.00 10.90 ? 105 LEU A C   1 
ATOM   851  O  O   . LEU A 1 117 ? 3.970   6.223   -4.953  1.00 11.78 ? 105 LEU A O   1 
ATOM   852  C  CB  . LEU A 1 117 ? 3.102   3.183   -4.672  1.00 10.12 ? 105 LEU A CB  1 
ATOM   853  C  CG  . LEU A 1 117 ? 2.739   2.832   -6.136  1.00 12.87 ? 105 LEU A CG  1 
ATOM   854  C  CD1 . LEU A 1 117 ? 1.870   1.557   -6.133  1.00 14.31 ? 105 LEU A CD1 1 
ATOM   855  C  CD2 . LEU A 1 117 ? 1.962   3.967   -6.806  1.00 11.95 ? 105 LEU A CD2 1 
ATOM   856  N  N   . ILE A 1 118 ? 5.122   5.022   -6.467  1.00 9.15  ? 106 ILE A N   1 
ATOM   857  C  CA  . ILE A 1 118 ? 5.169   6.109   -7.449  1.00 11.05 ? 106 ILE A CA  1 
ATOM   858  C  C   . ILE A 1 118 ? 4.423   5.619   -8.693  1.00 11.44 ? 106 ILE A C   1 
ATOM   859  O  O   . ILE A 1 118 ? 4.751   4.569   -9.245  1.00 10.61 ? 106 ILE A O   1 
ATOM   860  C  CB  . ILE A 1 118 ? 6.597   6.416   -7.882  1.00 12.22 ? 106 ILE A CB  1 
ATOM   861  C  CG1 . ILE A 1 118 ? 7.409   6.952   -6.690  1.00 13.47 ? 106 ILE A CG1 1 
ATOM   862  C  CG2 . ILE A 1 118 ? 6.599   7.422   -9.044  1.00 13.74 ? 106 ILE A CG2 1 
ATOM   863  C  CD1 . ILE A 1 118 ? 6.877   8.270   -6.111  1.00 14.92 ? 106 ILE A CD1 1 
ATOM   864  N  N   . ASN A 1 119 ? 3.417   6.377   -9.110  1.00 9.37  ? 107 ASN A N   1 
ATOM   865  C  CA  . ASN A 1 119 ? 2.667   6.029   -10.335 1.00 10.25 ? 107 ASN A CA  1 
ATOM   866  C  C   . ASN A 1 119 ? 3.085   6.983   -11.448 1.00 11.72 ? 107 ASN A C   1 
ATOM   867  O  O   . ASN A 1 119 ? 3.305   8.156   -11.199 1.00 10.89 ? 107 ASN A O   1 
ATOM   868  C  CB  . ASN A 1 119 ? 1.167   6.187   -10.116 1.00 11.92 ? 107 ASN A CB  1 
ATOM   869  C  CG  . ASN A 1 119 ? 0.375   6.052   -11.413 1.00 12.54 ? 107 ASN A CG  1 
ATOM   870  O  OD1 . ASN A 1 119 ? 0.051   7.047   -12.068 1.00 15.05 ? 107 ASN A OD1 1 
ATOM   871  N  ND2 . ASN A 1 119 ? 0.048   4.813   -11.773 1.00 11.62 ? 107 ASN A ND2 1 
ATOM   872  N  N   . GLU A 1 120 ? 3.169   6.469   -12.676 1.00 9.93  ? 108 GLU A N   1 
ATOM   873  C  CA  . GLU A 1 120 ? 3.490   7.313   -13.825 1.00 11.14 ? 108 GLU A CA  1 
ATOM   874  C  C   . GLU A 1 120 ? 2.444   6.982   -14.899 1.00 10.49 ? 108 GLU A C   1 
ATOM   875  O  O   . GLU A 1 120 ? 2.318   5.835   -15.303 1.00 14.29 ? 108 GLU A O   1 
ATOM   876  C  CB  . GLU A 1 120 ? 4.909   7.016   -14.328 1.00 12.67 ? 108 GLU A CB  1 
ATOM   877  C  CG  . GLU A 1 120 ? 5.893   7.519   -13.291 1.00 13.91 ? 108 GLU A CG  1 
ATOM   878  C  CD  . GLU A 1 120 ? 7.342   7.188   -13.517 1.00 20.05 ? 108 GLU A CD  1 
ATOM   879  O  OE1 . GLU A 1 120 ? 7.689   6.369   -14.382 1.00 19.07 ? 108 GLU A OE1 1 
ATOM   880  O  OE2 . GLU A 1 120 ? 8.164   7.777   -12.776 1.00 22.23 ? 108 GLU A OE2 1 
ATOM   881  N  N   . LYS A 1 121 ? 1.706   7.997   -15.346 1.00 11.96 ? 109 LYS A N   1 
ATOM   882  C  CA  . LYS A 1 121 ? 0.687   7.798   -16.365 1.00 14.38 ? 109 LYS A CA  1 
ATOM   883  C  C   . LYS A 1 121 ? 0.583   9.049   -17.219 1.00 13.34 ? 109 LYS A C   1 
ATOM   884  O  O   . LYS A 1 121 ? 0.620   10.162  -16.702 1.00 14.59 ? 109 LYS A O   1 
ATOM   885  C  CB  . LYS A 1 121 ? -0.667  7.495   -15.693 1.00 16.93 ? 109 LYS A CB  1 
ATOM   886  C  CG  . LYS A 1 121 ? -1.579  8.678   -15.518 1.00 30.15 ? 109 LYS A CG  1 
ATOM   887  C  CD  . LYS A 1 121 ? -3.038  8.253   -15.206 1.00 33.19 ? 109 LYS A CD  1 
ATOM   888  C  CE  . LYS A 1 121 ? -3.460  7.090   -16.076 1.00 30.15 ? 109 LYS A CE  1 
ATOM   889  N  NZ  . LYS A 1 121 ? -2.447  6.868   -17.142 1.00 39.80 ? 109 LYS A NZ  1 
ATOM   890  N  N   . ASP A 1 122 ? 0.519   8.856   -18.537 1.00 15.31 ? 110 ASP A N   1 
ATOM   891  C  CA  . ASP A 1 122 ? 0.371   9.971   -19.470 1.00 14.42 ? 110 ASP A CA  1 
ATOM   892  C  C   . ASP A 1 122 ? 1.408   11.095  -19.288 1.00 13.31 ? 110 ASP A C   1 
ATOM   893  O  O   . ASP A 1 122 ? 1.075   12.284  -19.419 1.00 14.52 ? 110 ASP A O   1 
ATOM   894  C  CB  . ASP A 1 122 ? -1.053  10.540  -19.316 1.00 16.12 ? 110 ASP A CB  1 
ATOM   895  C  CG  . ASP A 1 122 ? -2.116  9.552   -19.743 1.00 20.05 ? 110 ASP A CG  1 
ATOM   896  O  OD1 . ASP A 1 122 ? -3.231  9.604   -19.173 1.00 21.89 ? 110 ASP A OD1 1 
ATOM   897  O  OD2 . ASP A 1 122 ? -1.824  8.732   -20.641 1.00 18.91 ? 110 ASP A OD2 1 
ATOM   898  N  N   . GLY A 1 123 ? 2.637   10.715  -18.931 1.00 11.05 ? 111 GLY A N   1 
ATOM   899  C  CA  . GLY A 1 123 ? 3.714   11.681  -18.738 1.00 13.54 ? 111 GLY A CA  1 
ATOM   900  C  C   . GLY A 1 123 ? 3.736   12.411  -17.402 1.00 12.50 ? 111 GLY A C   1 
ATOM   901  O  O   . GLY A 1 123 ? 4.606   13.260  -17.181 1.00 15.33 ? 111 GLY A O   1 
ATOM   902  N  N   . GLU A 1 124 ? 2.801   12.068  -16.521 1.00 11.72 ? 112 GLU A N   1 
ATOM   903  C  CA  . GLU A 1 124 ? 2.706   12.693  -15.197 1.00 13.47 ? 112 GLU A CA  1 
ATOM   904  C  C   . GLU A 1 124 ? 3.129   11.687  -14.114 1.00 12.63 ? 112 GLU A C   1 
ATOM   905  O  O   . GLU A 1 124 ? 3.506   10.531  -14.405 1.00 13.82 ? 112 GLU A O   1 
ATOM   906  C  CB  . GLU A 1 124 ? 1.245   13.120  -14.922 1.00 16.73 ? 112 GLU A CB  1 
ATOM   907  C  CG  . GLU A 1 124 ? 0.608   13.978  -16.007 1.00 24.46 ? 112 GLU A CG  1 
ATOM   908  C  CD  . GLU A 1 124 ? -0.584  14.775  -15.492 1.00 32.29 ? 112 GLU A CD  1 
ATOM   909  O  OE1 . GLU A 1 124 ? -1.459  14.195  -14.808 1.00 32.25 ? 112 GLU A OE1 1 
ATOM   910  O  OE2 . GLU A 1 124 ? -0.641  15.996  -15.779 1.00 39.72 ? 112 GLU A OE2 1 
ATOM   911  N  N   . THR A 1 125 ? 3.080   12.133  -12.865 1.00 12.49 ? 113 THR A N   1 
ATOM   912  C  CA  . THR A 1 125 ? 3.418   11.239  -11.763 1.00 11.51 ? 113 THR A CA  1 
ATOM   913  C  C   . THR A 1 125 ? 2.697   11.673  -10.501 1.00 13.25 ? 113 THR A C   1 
ATOM   914  O  O   . THR A 1 125 ? 2.219   12.818  -10.394 1.00 12.94 ? 113 THR A O   1 
ATOM   915  C  CB  . THR A 1 125 ? 4.958   11.274  -11.490 1.00 14.55 ? 113 THR A CB  1 
ATOM   916  O  OG1 . THR A 1 125 ? 5.336   10.229  -10.584 1.00 12.86 ? 113 THR A OG1 1 
ATOM   917  C  CG2 . THR A 1 125 ? 5.360   12.587  -10.857 1.00 12.75 ? 113 THR A CG2 1 
ATOM   918  N  N   . PHE A 1 126 ? 2.573   10.740  -9.565  1.00 11.66 ? 114 PHE A N   1 
ATOM   919  C  CA  . PHE A 1 126 ? 2.053   11.077  -8.238  1.00 12.83 ? 114 PHE A CA  1 
ATOM   920  C  C   . PHE A 1 126 ? 2.571   10.021  -7.249  1.00 11.86 ? 114 PHE A C   1 
ATOM   921  O  O   . PHE A 1 126 ? 3.022   8.938   -7.652  1.00 11.99 ? 114 PHE A O   1 
ATOM   922  C  CB  . PHE A 1 126 ? 0.502   11.206  -8.197  1.00 15.69 ? 114 PHE A CB  1 
ATOM   923  C  CG  . PHE A 1 126 ? -0.262  9.913   -8.273  1.00 17.55 ? 114 PHE A CG  1 
ATOM   924  C  CD1 . PHE A 1 126 ? -0.488  9.148   -7.141  1.00 18.78 ? 114 PHE A CD1 1 
ATOM   925  C  CD2 . PHE A 1 126 ? -0.785  9.469   -9.487  1.00 20.12 ? 114 PHE A CD2 1 
ATOM   926  C  CE1 . PHE A 1 126 ? -1.229  7.948   -7.208  1.00 22.01 ? 114 PHE A CE1 1 
ATOM   927  C  CE2 . PHE A 1 126 ? -1.523  8.284   -9.560  1.00 19.37 ? 114 PHE A CE2 1 
ATOM   928  C  CZ  . PHE A 1 126 ? -1.742  7.526   -8.422  1.00 21.77 ? 114 PHE A CZ  1 
ATOM   929  N  N   . GLN A 1 127 ? 2.553   10.371  -5.962  1.00 11.64 ? 115 GLN A N   1 
ATOM   930  C  CA  . GLN A 1 127 ? 2.973   9.475   -4.894  1.00 11.50 ? 115 GLN A CA  1 
ATOM   931  C  C   . GLN A 1 127 ? 1.727   8.939   -4.172  1.00 11.01 ? 115 GLN A C   1 
ATOM   932  O  O   . GLN A 1 127 ? 0.768   9.674   -3.944  1.00 10.92 ? 115 GLN A O   1 
ATOM   933  C  CB  . GLN A 1 127 ? 3.758   10.213  -3.802  1.00 12.57 ? 115 GLN A CB  1 
ATOM   934  C  CG  . GLN A 1 127 ? 4.993   10.958  -4.224  1.00 12.78 ? 115 GLN A CG  1 
ATOM   935  C  CD  . GLN A 1 127 ? 5.651   11.569  -3.002  1.00 12.50 ? 115 GLN A CD  1 
ATOM   936  O  OE1 . GLN A 1 127 ? 5.380   12.734  -2.619  1.00 17.32 ? 115 GLN A OE1 1 
ATOM   937  N  NE2 . GLN A 1 127 ? 6.490   10.803  -2.374  1.00 10.07 ? 115 GLN A NE2 1 
ATOM   938  N  N   . LEU A 1 128 ? 1.775   7.661   -3.810  1.00 9.60  ? 116 LEU A N   1 
ATOM   939  C  CA  . LEU A 1 128 ? 0.726   7.023   -3.022  1.00 10.45 ? 116 LEU A CA  1 
ATOM   940  C  C   . LEU A 1 128 ? 1.417   6.346   -1.830  1.00 10.54 ? 116 LEU A C   1 
ATOM   941  O  O   . LEU A 1 128 ? 2.501   5.760   -1.980  1.00 12.87 ? 116 LEU A O   1 
ATOM   942  C  CB  . LEU A 1 128 ? 0.003   5.964   -3.868  1.00 13.36 ? 116 LEU A CB  1 
ATOM   943  C  CG  . LEU A 1 128 ? -1.083  5.022   -3.307  1.00 22.58 ? 116 LEU A CG  1 
ATOM   944  C  CD1 . LEU A 1 128 ? -0.569  4.223   -2.148  1.00 28.10 ? 116 LEU A CD1 1 
ATOM   945  C  CD2 . LEU A 1 128 ? -2.319  5.785   -2.950  1.00 28.63 ? 116 LEU A CD2 1 
ATOM   946  N  N   . MET A 1 129 ? 0.806   6.433   -0.646  1.00 10.07 ? 117 MET A N   1 
ATOM   947  C  CA  . MET A 1 129 ? 1.361   5.749   0.511   1.00 12.23 ? 117 MET A CA  1 
ATOM   948  C  C   . MET A 1 129 ? 0.203   4.972   1.092   1.00 12.54 ? 117 MET A C   1 
ATOM   949  O  O   . MET A 1 129 ? -0.926  5.452   1.092   1.00 14.16 ? 117 MET A O   1 
ATOM   950  C  CB  . MET A 1 129 ? 1.900   6.740   1.531   1.00 14.27 ? 117 MET A CB  1 
ATOM   951  C  CG  . MET A 1 129 ? 2.810   7.760   0.861   1.00 22.88 ? 117 MET A CG  1 
ATOM   952  S  SD  . MET A 1 129 ? 4.131   8.222   1.942   1.00 24.23 ? 117 MET A SD  1 
ATOM   953  C  CE  . MET A 1 129 ? 4.723   6.375   2.084   1.00 13.34 ? 117 MET A CE  1 
ATOM   954  N  N   . GLY A 1 130 ? 0.486   3.764   1.566   1.00 10.81 ? 118 GLY A N   1 
ATOM   955  C  CA  . GLY A 1 130 ? -0.562  2.952   2.140   1.00 10.58 ? 118 GLY A CA  1 
ATOM   956  C  C   . GLY A 1 130 ? -0.124  2.358   3.473   1.00 9.46  ? 118 GLY A C   1 
ATOM   957  O  O   . GLY A 1 130 ? 1.059   2.017   3.647   1.00 9.66  ? 118 GLY A O   1 
ATOM   958  N  N   . LEU A 1 131 ? -1.072  2.265   4.411   1.00 8.44  ? 119 LEU A N   1 
ATOM   959  C  CA  . LEU A 1 131 ? -0.841  1.651   5.733   1.00 9.54  ? 119 LEU A CA  1 
ATOM   960  C  C   . LEU A 1 131 ? -1.748  0.431   5.766   1.00 11.37 ? 119 LEU A C   1 
ATOM   961  O  O   . LEU A 1 131 ? -2.976  0.542   5.619   1.00 9.22  ? 119 LEU A O   1 
ATOM   962  C  CB  . LEU A 1 131 ? -1.237  2.604   6.881   1.00 9.55  ? 119 LEU A CB  1 
ATOM   963  C  CG  . LEU A 1 131 ? -1.086  1.936   8.279   1.00 12.95 ? 119 LEU A CG  1 
ATOM   964  C  CD1 . LEU A 1 131 ? 0.400   1.593   8.620   1.00 10.91 ? 119 LEU A CD1 1 
ATOM   965  C  CD2 . LEU A 1 131 ? -1.678  2.884   9.330   1.00 10.70 ? 119 LEU A CD2 1 
ATOM   966  N  N   . TYR A 1 132 ? -1.139  -0.730  5.923   1.00 8.98  ? 120 TYR A N   1 
ATOM   967  C  CA  . TYR A 1 132 ? -1.882  -1.987  5.938   1.00 8.56  ? 120 TYR A CA  1 
ATOM   968  C  C   . TYR A 1 132 ? -1.718  -2.676  7.294   1.00 9.60  ? 120 TYR A C   1 
ATOM   969  O  O   . TYR A 1 132 ? -0.672  -2.563  7.927   1.00 8.64  ? 120 TYR A O   1 
ATOM   970  C  CB  . TYR A 1 132 ? -1.318  -2.882  4.818   1.00 9.84  ? 120 TYR A CB  1 
ATOM   971  C  CG  . TYR A 1 132 ? -1.410  -2.207  3.470   1.00 10.20 ? 120 TYR A CG  1 
ATOM   972  C  CD1 . TYR A 1 132 ? -2.608  -2.200  2.755   1.00 10.49 ? 120 TYR A CD1 1 
ATOM   973  C  CD2 . TYR A 1 132 ? -0.327  -1.483  2.960   1.00 8.40  ? 120 TYR A CD2 1 
ATOM   974  C  CE1 . TYR A 1 132 ? -2.726  -1.473  1.570   1.00 11.46 ? 120 TYR A CE1 1 
ATOM   975  C  CE2 . TYR A 1 132 ? -0.433  -0.745  1.773   1.00 12.35 ? 120 TYR A CE2 1 
ATOM   976  C  CZ  . TYR A 1 132 ? -1.634  -0.745  1.094   1.00 13.05 ? 120 TYR A CZ  1 
ATOM   977  O  OH  . TYR A 1 132 ? -1.771  0.026   -0.049  1.00 13.84 ? 120 TYR A OH  1 
ATOM   978  N  N   . GLY A 1 133 ? -2.758  -3.374  7.737   1.00 11.38 ? 121 GLY A N   1 
ATOM   979  C  CA  . GLY A 1 133 ? -2.698  -4.065  9.023   1.00 12.16 ? 121 GLY A CA  1 
ATOM   980  C  C   . GLY A 1 133 ? -3.052  -5.541  8.919   1.00 12.23 ? 121 GLY A C   1 
ATOM   981  O  O   . GLY A 1 133 ? -3.764  -5.975  7.996   1.00 10.66 ? 121 GLY A O   1 
ATOM   982  N  N   . ARG A 1 134 ? -2.509  -6.332  9.839   1.00 8.79  ? 122 ARG A N   1 
ATOM   983  C  CA  . ARG A 1 134 ? -2.859  -7.754  9.862   1.00 11.42 ? 122 ARG A CA  1 
ATOM   984  C  C   . ARG A 1 134 ? -4.331  -7.915  10.254  1.00 12.08 ? 122 ARG A C   1 
ATOM   985  O  O   . ARG A 1 134 ? -4.995  -8.871  9.798   1.00 13.00 ? 122 ARG A O   1 
ATOM   986  C  CB  . ARG A 1 134 ? -1.963  -8.515  10.827  1.00 11.55 ? 122 ARG A CB  1 
ATOM   987  C  CG  . ARG A 1 134 ? -0.531  -8.637  10.297  1.00 10.37 ? 122 ARG A CG  1 
ATOM   988  C  CD  . ARG A 1 134 ? -0.460  -9.434  8.982   1.00 10.15 ? 122 ARG A CD  1 
ATOM   989  N  NE  . ARG A 1 134 ? 0.901   -9.909  8.734   1.00 9.77  ? 122 ARG A NE  1 
ATOM   990  C  CZ  . ARG A 1 134 ? 1.219   -10.760 7.768   1.00 9.99  ? 122 ARG A CZ  1 
ATOM   991  N  NH1 . ARG A 1 134 ? 0.277   -11.249 6.931   1.00 12.39 ? 122 ARG A NH1 1 
ATOM   992  N  NH2 . ARG A 1 134 ? 2.490   -11.112 7.624   1.00 11.26 ? 122 ARG A NH2 1 
ATOM   993  N  N   . GLU A 1 135 ? -4.838  -7.005  11.098  1.00 10.95 ? 123 GLU A N   1 
ATOM   994  C  CA  . GLU A 1 135 ? -6.253  -6.969  11.458  1.00 12.36 ? 123 GLU A CA  1 
ATOM   995  C  C   . GLU A 1 135 ? -6.902  -5.824  10.675  1.00 12.65 ? 123 GLU A C   1 
ATOM   996  O  O   . GLU A 1 135 ? -6.208  -5.032  10.028  1.00 11.30 ? 123 GLU A O   1 
ATOM   997  C  CB  . GLU A 1 135 ? -6.446  -6.708  12.951  1.00 12.81 ? 123 GLU A CB  1 
ATOM   998  C  CG  . GLU A 1 135 ? -5.775  -7.763  13.824  1.00 15.17 ? 123 GLU A CG  1 
ATOM   999  C  CD  . GLU A 1 135 ? -6.268  -7.680  15.256  1.00 18.08 ? 123 GLU A CD  1 
ATOM   1000 O  OE1 . GLU A 1 135 ? -6.824  -6.618  15.633  1.00 13.93 ? 123 GLU A OE1 1 
ATOM   1001 O  OE2 . GLU A 1 135 ? -6.101  -8.668  16.012  1.00 21.83 ? 123 GLU A OE2 1 
ATOM   1002 N  N   . PRO A 1 136 ? -8.241  -5.708  10.726  1.00 12.56 ? 124 PRO A N   1 
ATOM   1003 C  CA  . PRO A 1 136 ? -8.936  -4.642  9.991   1.00 11.20 ? 124 PRO A CA  1 
ATOM   1004 C  C   . PRO A 1 136 ? -8.740  -3.202  10.499  1.00 12.61 ? 124 PRO A C   1 
ATOM   1005 O  O   . PRO A 1 136 ? -9.325  -2.264  9.946   1.00 14.48 ? 124 PRO A O   1 
ATOM   1006 C  CB  . PRO A 1 136 ? -10.412 -5.075  10.038  1.00 15.63 ? 124 PRO A CB  1 
ATOM   1007 C  CG  . PRO A 1 136 ? -10.309 -6.580  10.212  1.00 16.13 ? 124 PRO A CG  1 
ATOM   1008 C  CD  . PRO A 1 136 ? -9.200  -6.703  11.227  1.00 12.76 ? 124 PRO A CD  1 
ATOM   1009 N  N   . ASP A 1 137 ? -7.951  -3.037  11.560  1.00 14.14 ? 125 ASP A N   1 
ATOM   1010 C  CA  . ASP A 1 137 ? -7.635  -1.710  12.090  1.00 12.93 ? 125 ASP A CA  1 
ATOM   1011 C  C   . ASP A 1 137 ? -6.270  -1.807  12.781  1.00 12.89 ? 125 ASP A C   1 
ATOM   1012 O  O   . ASP A 1 137 ? -5.701  -2.915  12.940  1.00 12.44 ? 125 ASP A O   1 
ATOM   1013 C  CB  . ASP A 1 137 ? -8.706  -1.225  13.102  1.00 12.22 ? 125 ASP A CB  1 
ATOM   1014 C  CG  . ASP A 1 137 ? -8.778  0.307   13.174  1.00 18.89 ? 125 ASP A CG  1 
ATOM   1015 O  OD1 . ASP A 1 137 ? -7.966  0.986   12.498  1.00 15.64 ? 125 ASP A OD1 1 
ATOM   1016 O  OD2 . ASP A 1 137 ? -9.661  0.816   13.898  1.00 20.06 ? 125 ASP A OD2 1 
ATOM   1017 N  N   . LEU A 1 138 ? -5.723  -0.648  13.146  1.00 12.56 ? 126 LEU A N   1 
ATOM   1018 C  CA  . LEU A 1 138 ? -4.435  -0.534  13.828  1.00 10.39 ? 126 LEU A CA  1 
ATOM   1019 C  C   . LEU A 1 138 ? -4.578  0.475   14.950  1.00 11.07 ? 126 LEU A C   1 
ATOM   1020 O  O   . LEU A 1 138 ? -5.529  1.248   14.992  1.00 12.98 ? 126 LEU A O   1 
ATOM   1021 C  CB  . LEU A 1 138 ? -3.341  -0.042  12.861  1.00 9.94  ? 126 LEU A CB  1 
ATOM   1022 C  CG  . LEU A 1 138 ? -2.845  -1.116  11.892  1.00 10.56 ? 126 LEU A CG  1 
ATOM   1023 C  CD1 . LEU A 1 138 ? -2.021  -0.500  10.748  1.00 11.20 ? 126 LEU A CD1 1 
ATOM   1024 C  CD2 . LEU A 1 138 ? -2.004  -2.099  12.657  1.00 12.59 ? 126 LEU A CD2 1 
ATOM   1025 N  N   . SER A 1 139 ? -3.614  0.463   15.854  1.00 12.19 ? 127 SER A N   1 
ATOM   1026 C  CA  . SER A 1 139 ? -3.623  1.375   16.989  1.00 13.79 ? 127 SER A CA  1 
ATOM   1027 C  C   . SER A 1 139 ? -3.421  2.828   16.555  1.00 15.11 ? 127 SER A C   1 
ATOM   1028 O  O   . SER A 1 139 ? -2.853  3.113   15.506  1.00 14.41 ? 127 SER A O   1 
ATOM   1029 C  CB  . SER A 1 139 ? -2.515  0.977   17.959  1.00 15.16 ? 127 SER A CB  1 
ATOM   1030 O  OG  . SER A 1 139 ? -1.237  1.283   17.422  1.00 16.68 ? 127 SER A OG  1 
ATOM   1031 N  N   . SER A 1 140 ? -3.879  3.753   17.380  1.00 16.32 ? 128 SER A N   1 
ATOM   1032 C  CA  . SER A 1 140 ? -3.707  5.163   17.055  1.00 18.00 ? 128 SER A CA  1 
ATOM   1033 C  C   . SER A 1 140 ? -2.218  5.491   16.989  1.00 17.67 ? 128 SER A C   1 
ATOM   1034 O  O   . SER A 1 140 ? -1.824  6.345   16.199  1.00 18.09 ? 128 SER A O   1 
ATOM   1035 C  CB  . SER A 1 140 ? -4.433  6.049   18.085  1.00 19.37 ? 128 SER A CB  1 
ATOM   1036 O  OG  . SER A 1 140 ? -3.876  5.848   19.352  1.00 28.50 ? 128 SER A OG  1 
ATOM   1037 N  N   . ASP A 1 141 ? -1.389  4.836   17.804  1.00 16.95 ? 129 ASP A N   1 
ATOM   1038 C  CA  . ASP A 1 141 ? 0.071   5.062   17.761  1.00 17.46 ? 129 ASP A CA  1 
ATOM   1039 C  C   . ASP A 1 141 ? 0.651   4.708   16.372  1.00 17.02 ? 129 ASP A C   1 
ATOM   1040 O  O   . ASP A 1 141 ? 1.440   5.477   15.801  1.00 16.53 ? 129 ASP A O   1 
ATOM   1041 C  CB  . ASP A 1 141 ? 0.819   4.229   18.819  1.00 24.48 ? 129 ASP A CB  1 
ATOM   1042 C  CG  . ASP A 1 141 ? 0.712   4.806   20.224  1.00 33.56 ? 129 ASP A CG  1 
ATOM   1043 O  OD1 . ASP A 1 141 ? 0.294   5.976   20.377  1.00 37.86 ? 129 ASP A OD1 1 
ATOM   1044 O  OD2 . ASP A 1 141 ? 1.073   4.077   21.180  1.00 38.03 ? 129 ASP A OD2 1 
ATOM   1045 N  N   . ILE A 1 142 ? 0.284   3.549   15.819  1.00 13.34 ? 130 ILE A N   1 
ATOM   1046 C  CA  . ILE A 1 142 ? 0.787   3.196   14.484  1.00 12.35 ? 130 ILE A CA  1 
ATOM   1047 C  C   . ILE A 1 142 ? 0.254   4.156   13.417  1.00 12.51 ? 130 ILE A C   1 
ATOM   1048 O  O   . ILE A 1 142 ? 0.971   4.504   12.480  1.00 14.02 ? 130 ILE A O   1 
ATOM   1049 C  CB  . ILE A 1 142 ? 0.416   1.723   14.105  1.00 14.90 ? 130 ILE A CB  1 
ATOM   1050 C  CG1 . ILE A 1 142 ? 1.133   0.764   15.059  1.00 17.29 ? 130 ILE A CG1 1 
ATOM   1051 C  CG2 . ILE A 1 142 ? 0.842   1.418   12.666  1.00 14.66 ? 130 ILE A CG2 1 
ATOM   1052 C  CD1 . ILE A 1 142 ? 2.604   1.042   15.217  1.00 18.87 ? 130 ILE A CD1 1 
ATOM   1053 N  N   . LYS A 1 143 ? -0.991  4.591   13.566  1.00 11.83 ? 131 LYS A N   1 
ATOM   1054 C  CA  . LYS A 1 143 ? -1.576  5.520   12.597  1.00 12.43 ? 131 LYS A CA  1 
ATOM   1055 C  C   . LYS A 1 143 ? -0.802  6.842   12.636  1.00 14.01 ? 131 LYS A C   1 
ATOM   1056 O  O   . LYS A 1 143 ? -0.583  7.460   11.593  1.00 12.26 ? 131 LYS A O   1 
ATOM   1057 C  CB  . LYS A 1 143 ? -3.073  5.731   12.882  1.00 10.85 ? 131 LYS A CB  1 
ATOM   1058 C  CG  . LYS A 1 143 ? -3.934  4.483   12.553  1.00 11.12 ? 131 LYS A CG  1 
ATOM   1059 C  CD  . LYS A 1 143 ? -5.406  4.792   12.750  1.00 13.48 ? 131 LYS A CD  1 
ATOM   1060 C  CE  . LYS A 1 143 ? -6.275  3.568   12.433  1.00 14.45 ? 131 LYS A CE  1 
ATOM   1061 N  NZ  . LYS A 1 143 ? -7.748  3.843   12.588  1.00 14.15 ? 131 LYS A NZ  1 
ATOM   1062 N  N   . GLU A 1 144 ? -0.369  7.252   13.830  1.00 12.73 ? 132 GLU A N   1 
ATOM   1063 C  CA  . GLU A 1 144 ? 0.408   8.507   13.962  1.00 13.12 ? 132 GLU A CA  1 
ATOM   1064 C  C   . GLU A 1 144 ? 1.787   8.334   13.316  1.00 13.29 ? 132 GLU A C   1 
ATOM   1065 O  O   . GLU A 1 144 ? 2.277   9.243   12.645  1.00 13.33 ? 132 GLU A O   1 
ATOM   1066 C  CB  . GLU A 1 144 ? 0.549   8.898   15.442  1.00 16.20 ? 132 GLU A CB  1 
ATOM   1067 C  CG  . GLU A 1 144 ? 1.394   10.170  15.719  1.00 14.40 ? 132 GLU A CG  1 
ATOM   1068 C  CD  . GLU A 1 144 ? 0.893   11.433  15.034  1.00 17.30 ? 132 GLU A CD  1 
ATOM   1069 O  OE1 . GLU A 1 144 ? -0.275  11.487  14.561  1.00 16.82 ? 132 GLU A OE1 1 
ATOM   1070 O  OE2 . GLU A 1 144 ? 1.707   12.387  14.981  1.00 15.94 ? 132 GLU A OE2 1 
ATOM   1071 N  N   . ARG A 1 145 ? 2.406   7.153   13.467  1.00 11.87 ? 133 ARG A N   1 
ATOM   1072 C  CA  . ARG A 1 145 ? 3.708   6.911   12.848  1.00 10.93 ? 133 ARG A CA  1 
ATOM   1073 C  C   . ARG A 1 145 ? 3.564   6.981   11.318  1.00 10.75 ? 133 ARG A C   1 
ATOM   1074 O  O   . ARG A 1 145 ? 4.464   7.465   10.625  1.00 10.90 ? 133 ARG A O   1 
ATOM   1075 C  CB  . ARG A 1 145 ? 4.266   5.538   13.250  1.00 10.91 ? 133 ARG A CB  1 
ATOM   1076 C  CG  . ARG A 1 145 ? 4.664   5.426   14.748  1.00 16.39 ? 133 ARG A CG  1 
ATOM   1077 C  CD  . ARG A 1 145 ? 5.275   4.026   15.029  1.00 20.22 ? 133 ARG A CD  1 
ATOM   1078 N  NE  . ARG A 1 145 ? 6.469   3.789   14.226  1.00 22.45 ? 133 ARG A NE  1 
ATOM   1079 C  CZ  . ARG A 1 145 ? 7.101   2.619   14.150  1.00 26.64 ? 133 ARG A CZ  1 
ATOM   1080 N  NH1 . ARG A 1 145 ? 6.649   1.576   14.834  1.00 23.46 ? 133 ARG A NH1 1 
ATOM   1081 N  NH2 . ARG A 1 145 ? 8.185   2.489   13.393  1.00 28.93 ? 133 ARG A NH2 1 
ATOM   1082 N  N   . PHE A 1 146 ? 2.427   6.520   10.797  1.00 12.22 ? 134 PHE A N   1 
ATOM   1083 C  CA  . PHE A 1 146 ? 2.191   6.604   9.375   1.00 11.53 ? 134 PHE A CA  1 
ATOM   1084 C  C   . PHE A 1 146 ? 2.057   8.066   8.925   1.00 12.28 ? 134 PHE A C   1 
ATOM   1085 O  O   . PHE A 1 146 ? 2.573   8.456   7.882   1.00 10.21 ? 134 PHE A O   1 
ATOM   1086 C  CB  . PHE A 1 146 ? 0.920   5.807   9.014   1.00 10.51 ? 134 PHE A CB  1 
ATOM   1087 C  CG  . PHE A 1 146 ? 0.622   5.798   7.551   1.00 11.31 ? 134 PHE A CG  1 
ATOM   1088 C  CD1 . PHE A 1 146 ? 1.436   5.091   6.660   1.00 10.79 ? 134 PHE A CD1 1 
ATOM   1089 C  CD2 . PHE A 1 146 ? -0.476  6.491   7.053   1.00 11.63 ? 134 PHE A CD2 1 
ATOM   1090 C  CE1 . PHE A 1 146 ? 1.154   5.071   5.291   1.00 10.67 ? 134 PHE A CE1 1 
ATOM   1091 C  CE2 . PHE A 1 146 ? -0.764  6.472   5.684   1.00 12.18 ? 134 PHE A CE2 1 
ATOM   1092 C  CZ  . PHE A 1 146 ? 0.041   5.771   4.811   1.00 10.20 ? 134 PHE A CZ  1 
ATOM   1093 N  N   . ALA A 1 147 ? 1.342   8.870   9.692   1.00 9.94  ? 135 ALA A N   1 
ATOM   1094 C  CA  . ALA A 1 147 ? 1.186   10.271  9.350   1.00 9.56  ? 135 ALA A CA  1 
ATOM   1095 C  C   . ALA A 1 147 ? 2.554   10.945  9.295   1.00 11.24 ? 135 ALA A C   1 
ATOM   1096 O  O   . ALA A 1 147 ? 2.781   11.808  8.453   1.00 10.77 ? 135 ALA A O   1 
ATOM   1097 C  CB  . ALA A 1 147 ? 0.291   10.948  10.375  1.00 10.36 ? 135 ALA A CB  1 
ATOM   1098 N  N   . GLN A 1 148 ? 3.453   10.568  10.209  1.00 9.92  ? 136 GLN A N   1 
ATOM   1099 C  CA  . GLN A 1 148 ? 4.790   11.131  10.204  1.00 13.08 ? 136 GLN A CA  1 
ATOM   1100 C  C   . GLN A 1 148 ? 5.564   10.681  8.959   1.00 12.03 ? 136 GLN A C   1 
ATOM   1101 O  O   . GLN A 1 148 ? 6.307   11.473  8.398   1.00 12.14 ? 136 GLN A O   1 
ATOM   1102 C  CB  . GLN A 1 148 ? 5.569   10.736  11.466  1.00 13.03 ? 136 GLN A CB  1 
ATOM   1103 C  CG  . GLN A 1 148 ? 4.911   11.280  12.759  1.00 12.48 ? 136 GLN A CG  1 
ATOM   1104 C  CD  . GLN A 1 148 ? 4.980   12.821  12.859  1.00 12.33 ? 136 GLN A CD  1 
ATOM   1105 O  OE1 . GLN A 1 148 ? 4.091   13.469  13.445  1.00 15.01 ? 136 GLN A OE1 1 
ATOM   1106 N  NE2 . GLN A 1 148 ? 6.041   13.399  12.324  1.00 10.38 ? 136 GLN A NE2 1 
ATOM   1107 N  N   . LEU A 1 149 ? 5.416   9.419   8.542   1.00 11.32 ? 137 LEU A N   1 
ATOM   1108 C  CA  . LEU A 1 149 ? 6.109   8.969   7.333   1.00 12.37 ? 137 LEU A CA  1 
ATOM   1109 C  C   . LEU A 1 149 ? 5.570   9.737   6.101   1.00 12.55 ? 137 LEU A C   1 
ATOM   1110 O  O   . LEU A 1 149 ? 6.342   10.104  5.191   1.00 11.75 ? 137 LEU A O   1 
ATOM   1111 C  CB  . LEU A 1 149 ? 5.908   7.469   7.144   1.00 11.64 ? 137 LEU A CB  1 
ATOM   1112 C  CG  . LEU A 1 149 ? 6.528   6.832   5.901   1.00 18.04 ? 137 LEU A CG  1 
ATOM   1113 C  CD1 . LEU A 1 149 ? 8.060   6.828   6.057   1.00 19.68 ? 137 LEU A CD1 1 
ATOM   1114 C  CD2 . LEU A 1 149 ? 5.972   5.430   5.711   1.00 18.77 ? 137 LEU A CD2 1 
ATOM   1115 N  N   . CYS A 1 150 ? 4.263   9.991   6.082   1.00 12.41 ? 138 CYS A N   1 
ATOM   1116 C  CA  . CYS A 1 150 ? 3.651   10.736  4.985   1.00 10.51 ? 138 CYS A CA  1 
ATOM   1117 C  C   . CYS A 1 150 ? 4.226   12.152  4.935   1.00 10.52 ? 138 CYS A C   1 
ATOM   1118 O  O   . CYS A 1 150 ? 4.532   12.667  3.861   1.00 10.12 ? 138 CYS A O   1 
ATOM   1119 C  CB  . CYS A 1 150 ? 2.121   10.781  5.151   1.00 10.80 ? 138 CYS A CB  1 
ATOM   1120 S  SG  . CYS A 1 150 ? 1.283   9.215   4.742   1.00 12.28 ? 138 CYS A SG  1 
ATOM   1121 N  N   . GLU A 1 151 ? 4.367   12.765  6.101   1.00 9.88  ? 139 GLU A N   1 
ATOM   1122 C  CA  . GLU A 1 151 ? 4.938   14.117  6.207   1.00 9.77  ? 139 GLU A CA  1 
ATOM   1123 C  C   . GLU A 1 151 ? 6.355   14.150  5.634   1.00 10.91 ? 139 GLU A C   1 
ATOM   1124 O  O   . GLU A 1 151 ? 6.750   15.104  4.942   1.00 10.34 ? 139 GLU A O   1 
ATOM   1125 C  CB  . GLU A 1 151 ? 4.945   14.565  7.673   1.00 11.51 ? 139 GLU A CB  1 
ATOM   1126 C  CG  . GLU A 1 151 ? 5.714   15.889  7.953   1.00 11.76 ? 139 GLU A CG  1 
ATOM   1127 C  CD  . GLU A 1 151 ? 5.529   16.386  9.400   1.00 14.26 ? 139 GLU A CD  1 
ATOM   1128 O  OE1 . GLU A 1 151 ? 6.070   17.467  9.762   1.00 13.92 ? 139 GLU A OE1 1 
ATOM   1129 O  OE2 . GLU A 1 151 ? 4.832   15.716  10.182  1.00 12.13 ? 139 GLU A OE2 1 
ATOM   1130 N  N   . GLU A 1 152 ? 7.114   13.082  5.869   1.00 10.29 ? 140 GLU A N   1 
ATOM   1131 C  CA  . GLU A 1 152 ? 8.481   13.020  5.371   1.00 11.35 ? 140 GLU A CA  1 
ATOM   1132 C  C   . GLU A 1 152 ? 8.518   12.949  3.865   1.00 13.24 ? 140 GLU A C   1 
ATOM   1133 O  O   . GLU A 1 152 ? 9.558   13.176  3.262   1.00 13.65 ? 140 GLU A O   1 
ATOM   1134 C  CB  . GLU A 1 152 ? 9.219   11.794  5.952   1.00 13.19 ? 140 GLU A CB  1 
ATOM   1135 C  CG  . GLU A 1 152 ? 9.512   11.931  7.423   1.00 15.29 ? 140 GLU A CG  1 
ATOM   1136 C  CD  . GLU A 1 152 ? 9.965   10.606  8.064   1.00 25.45 ? 140 GLU A CD  1 
ATOM   1137 O  OE1 . GLU A 1 152 ? 9.975   9.568   7.378   1.00 28.19 ? 140 GLU A OE1 1 
ATOM   1138 O  OE2 . GLU A 1 152 ? 10.290  10.609  9.268   1.00 31.18 ? 140 GLU A OE2 1 
ATOM   1139 N  N   . HIS A 1 153 ? 7.386   12.619  3.250   1.00 10.22 ? 141 HIS A N   1 
ATOM   1140 C  CA  . HIS A 1 153 ? 7.317   12.533  1.802   1.00 12.20 ? 141 HIS A CA  1 
ATOM   1141 C  C   . HIS A 1 153 ? 6.527   13.691  1.207   1.00 12.65 ? 141 HIS A C   1 
ATOM   1142 O  O   . HIS A 1 153 ? 6.179   13.680  0.024   1.00 13.96 ? 141 HIS A O   1 
ATOM   1143 C  CB  . HIS A 1 153 ? 6.731   11.173  1.385   1.00 12.93 ? 141 HIS A CB  1 
ATOM   1144 C  CG  . HIS A 1 153 ? 7.686   10.043  1.588   1.00 14.95 ? 141 HIS A CG  1 
ATOM   1145 N  ND1 . HIS A 1 153 ? 8.537   9.620   0.593   1.00 18.50 ? 141 HIS A ND1 1 
ATOM   1146 C  CD2 . HIS A 1 153 ? 7.968   9.289   2.680   1.00 14.61 ? 141 HIS A CD2 1 
ATOM   1147 C  CE1 . HIS A 1 153 ? 9.297   8.644   1.058   1.00 14.00 ? 141 HIS A CE1 1 
ATOM   1148 N  NE2 . HIS A 1 153 ? 8.976   8.423   2.317   1.00 17.36 ? 141 HIS A NE2 1 
ATOM   1149 N  N   . GLY A 1 154 ? 6.243   14.695  2.038   1.00 11.11 ? 142 GLY A N   1 
ATOM   1150 C  CA  . GLY A 1 154 ? 5.565   15.879  1.536   1.00 12.67 ? 142 GLY A CA  1 
ATOM   1151 C  C   . GLY A 1 154 ? 4.078   15.715  1.295   1.00 12.15 ? 142 GLY A C   1 
ATOM   1152 O  O   . GLY A 1 154 ? 3.505   16.435  0.464   1.00 13.93 ? 142 GLY A O   1 
ATOM   1153 N  N   . ILE A 1 155 ? 3.462   14.777  2.010   1.00 12.42 ? 143 ILE A N   1 
ATOM   1154 C  CA  . ILE A 1 155 ? 2.025   14.552  1.896   1.00 12.91 ? 143 ILE A CA  1 
ATOM   1155 C  C   . ILE A 1 155 ? 1.344   15.056  3.155   1.00 14.42 ? 143 ILE A C   1 
ATOM   1156 O  O   . ILE A 1 155 ? 1.599   14.568  4.256   1.00 14.47 ? 143 ILE A O   1 
ATOM   1157 C  CB  . ILE A 1 155 ? 1.705   13.046  1.706   1.00 11.48 ? 143 ILE A CB  1 
ATOM   1158 C  CG1 . ILE A 1 155 ? 2.354   12.549  0.397   1.00 13.62 ? 143 ILE A CG1 1 
ATOM   1159 C  CG2 . ILE A 1 155 ? 0.169   12.847  1.629   1.00 13.11 ? 143 ILE A CG2 1 
ATOM   1160 C  CD1 . ILE A 1 155 ? 2.244   11.031  0.184   1.00 18.20 ? 143 ILE A CD1 1 
ATOM   1161 N  N   . LEU A 1 156 ? 0.497   16.067  2.982   1.00 15.53 ? 144 LEU A N   1 
ATOM   1162 C  CA  . LEU A 1 156 ? -0.243  16.667  4.085   1.00 17.08 ? 144 LEU A CA  1 
ATOM   1163 C  C   . LEU A 1 156 ? -1.260  15.713  4.702   1.00 15.85 ? 144 LEU A C   1 
ATOM   1164 O  O   . LEU A 1 156 ? -1.785  14.853  4.010   1.00 14.56 ? 144 LEU A O   1 
ATOM   1165 C  CB  . LEU A 1 156 ? -1.002  17.904  3.561   1.00 17.32 ? 144 LEU A CB  1 
ATOM   1166 C  CG  . LEU A 1 156 ? -0.186  19.117  3.141   1.00 22.36 ? 144 LEU A CG  1 
ATOM   1167 C  CD1 . LEU A 1 156 ? -1.056  20.034  2.317   1.00 22.84 ? 144 LEU A CD1 1 
ATOM   1168 C  CD2 . LEU A 1 156 ? 0.343   19.821  4.383   1.00 24.17 ? 144 LEU A CD2 1 
ATOM   1169 N  N   . ARG A 1 157 ? -1.557  15.878  5.995   1.00 15.06 ? 145 ARG A N   1 
ATOM   1170 C  CA  . ARG A 1 157 ? -2.560  15.029  6.633   1.00 15.89 ? 145 ARG A CA  1 
ATOM   1171 C  C   . ARG A 1 157 ? -3.919  15.148  5.971   1.00 14.86 ? 145 ARG A C   1 
ATOM   1172 O  O   . ARG A 1 157 ? -4.697  14.195  5.973   1.00 14.45 ? 145 ARG A O   1 
ATOM   1173 C  CB  . ARG A 1 157 ? -2.721  15.356  8.117   1.00 17.12 ? 145 ARG A CB  1 
ATOM   1174 C  CG  . ARG A 1 157 ? -1.689  14.719  8.995   1.00 16.55 ? 145 ARG A CG  1 
ATOM   1175 C  CD  . ARG A 1 157 ? -1.724  15.355  10.359  1.00 17.83 ? 145 ARG A CD  1 
ATOM   1176 N  NE  . ARG A 1 157 ? -0.493  15.110  11.090  1.00 15.41 ? 145 ARG A NE  1 
ATOM   1177 C  CZ  . ARG A 1 157 ? -0.388  14.211  12.071  1.00 17.05 ? 145 ARG A CZ  1 
ATOM   1178 N  NH1 . ARG A 1 157 ? -1.426  13.482  12.429  1.00 17.62 ? 145 ARG A NH1 1 
ATOM   1179 N  NH2 . ARG A 1 157 ? 0.753   14.078  12.708  1.00 15.40 ? 145 ARG A NH2 1 
ATOM   1180 N  N   . GLU A 1 158 ? -4.225  16.311  5.398   1.00 14.95 ? 146 GLU A N   1 
ATOM   1181 C  CA  . GLU A 1 158 ? -5.525  16.444  4.747   1.00 14.65 ? 146 GLU A CA  1 
ATOM   1182 C  C   . GLU A 1 158 ? -5.646  15.548  3.518   1.00 14.85 ? 146 GLU A C   1 
ATOM   1183 O  O   . GLU A 1 158 ? -6.748  15.363  2.977   1.00 17.23 ? 146 GLU A O   1 
ATOM   1184 C  CB  . GLU A 1 158 ? -5.812  17.896  4.379   1.00 15.68 ? 146 GLU A CB  1 
ATOM   1185 C  CG  . GLU A 1 158 ? -4.875  18.498  3.386   1.00 22.05 ? 146 GLU A CG  1 
ATOM   1186 C  CD  . GLU A 1 158 ? -5.230  19.956  3.118   1.00 30.05 ? 146 GLU A CD  1 
ATOM   1187 O  OE1 . GLU A 1 158 ? -5.670  20.626  4.078   1.00 29.20 ? 146 GLU A OE1 1 
ATOM   1188 O  OE2 . GLU A 1 158 ? -5.064  20.427  1.965   1.00 29.22 ? 146 GLU A OE2 1 
ATOM   1189 N  N   . ASN A 1 159 ? -4.516  14.979  3.088   1.00 12.62 ? 147 ASN A N   1 
ATOM   1190 C  CA  . ASN A 1 159 ? -4.498  14.053  1.950   1.00 12.21 ? 147 ASN A CA  1 
ATOM   1191 C  C   . ASN A 1 159 ? -4.320  12.597  2.430   1.00 11.82 ? 147 ASN A C   1 
ATOM   1192 O  O   . ASN A 1 159 ? -3.980  11.716  1.628   1.00 12.37 ? 147 ASN A O   1 
ATOM   1193 C  CB  . ASN A 1 159 ? -3.356  14.412  0.997   1.00 14.65 ? 147 ASN A CB  1 
ATOM   1194 C  CG  . ASN A 1 159 ? -3.608  15.704  0.228   1.00 20.10 ? 147 ASN A CG  1 
ATOM   1195 O  OD1 . ASN A 1 159 ? -2.674  16.287  -0.324  1.00 30.16 ? 147 ASN A OD1 1 
ATOM   1196 N  ND2 . ASN A 1 159 ? -4.848  16.148  0.183   1.00 16.15 ? 147 ASN A ND2 1 
ATOM   1197 N  N   . ILE A 1 160 ? -4.559  12.352  3.727   1.00 10.50 ? 148 ILE A N   1 
ATOM   1198 C  CA  . ILE A 1 160 ? -4.466  10.991  4.307   1.00 10.92 ? 148 ILE A CA  1 
ATOM   1199 C  C   . ILE A 1 160 ? -5.903  10.583  4.660   1.00 14.66 ? 148 ILE A C   1 
ATOM   1200 O  O   . ILE A 1 160 ? -6.572  11.278  5.430   1.00 16.49 ? 148 ILE A O   1 
ATOM   1201 C  CB  . ILE A 1 160 ? -3.581  11.014  5.587   1.00 12.46 ? 148 ILE A CB  1 
ATOM   1202 C  CG1 . ILE A 1 160 ? -2.164  11.459  5.216   1.00 12.35 ? 148 ILE A CG1 1 
ATOM   1203 C  CG2 . ILE A 1 160 ? -3.564  9.632   6.279   1.00 13.64 ? 148 ILE A CG2 1 
ATOM   1204 C  CD1 . ILE A 1 160 ? -1.269  11.646  6.468   1.00 13.85 ? 148 ILE A CD1 1 
ATOM   1205 N  N   . ILE A 1 161 ? -6.374  9.466   4.106   1.00 11.48 ? 149 ILE A N   1 
ATOM   1206 C  CA  . ILE A 1 161 ? -7.748  9.007   4.346   1.00 11.98 ? 149 ILE A CA  1 
ATOM   1207 C  C   . ILE A 1 161 ? -7.792  7.691   5.116   1.00 13.60 ? 149 ILE A C   1 
ATOM   1208 O  O   . ILE A 1 161 ? -7.302  6.690   4.637   1.00 12.84 ? 149 ILE A O   1 
ATOM   1209 C  CB  . ILE A 1 161 ? -8.460  8.817   3.003   1.00 13.97 ? 149 ILE A CB  1 
ATOM   1210 C  CG1 . ILE A 1 161 ? -8.359  10.114  2.179   1.00 15.55 ? 149 ILE A CG1 1 
ATOM   1211 C  CG2 . ILE A 1 161 ? -9.934  8.418   3.212   1.00 15.62 ? 149 ILE A CG2 1 
ATOM   1212 C  CD1 . ILE A 1 161 ? -9.056  10.018  0.791   1.00 17.08 ? 149 ILE A CD1 1 
ATOM   1213 N  N   . ASP A 1 162 ? -8.392  7.703   6.303   1.00 13.64 ? 150 ASP A N   1 
ATOM   1214 C  CA  . ASP A 1 162 ? -8.516  6.478   7.108   1.00 14.48 ? 150 ASP A CA  1 
ATOM   1215 C  C   . ASP A 1 162 ? -9.732  5.717   6.580   1.00 18.59 ? 150 ASP A C   1 
ATOM   1216 O  O   . ASP A 1 162 ? -10.850 6.242   6.626   1.00 17.53 ? 150 ASP A O   1 
ATOM   1217 C  CB  . ASP A 1 162 ? -8.717  6.847   8.584   1.00 16.95 ? 150 ASP A CB  1 
ATOM   1218 C  CG  . ASP A 1 162 ? -8.704  5.627   9.510   1.00 20.40 ? 150 ASP A CG  1 
ATOM   1219 O  OD1 . ASP A 1 162 ? -9.262  4.575   9.140   1.00 19.58 ? 150 ASP A OD1 1 
ATOM   1220 O  OD2 . ASP A 1 162 ? -8.154  5.739   10.627  1.00 23.28 ? 150 ASP A OD2 1 
ATOM   1221 N  N   . LEU A 1 163 ? -9.512  4.488   6.096   1.00 14.93 ? 151 LEU A N   1 
ATOM   1222 C  CA  . LEU A 1 163 ? -10.574 3.663   5.526   1.00 17.15 ? 151 LEU A CA  1 
ATOM   1223 C  C   . LEU A 1 163 ? -10.913 2.468   6.401   1.00 18.04 ? 151 LEU A C   1 
ATOM   1224 O  O   . LEU A 1 163 ? -11.583 1.526   5.933   1.00 18.24 ? 151 LEU A O   1 
ATOM   1225 C  CB  . LEU A 1 163 ? -10.152 3.166   4.121   1.00 14.96 ? 151 LEU A CB  1 
ATOM   1226 C  CG  . LEU A 1 163 ? -9.893  4.329   3.147   1.00 17.34 ? 151 LEU A CG  1 
ATOM   1227 C  CD1 . LEU A 1 163 ? -9.109  3.905   1.880   1.00 16.80 ? 151 LEU A CD1 1 
ATOM   1228 C  CD2 . LEU A 1 163 ? -11.271 4.957   2.797   1.00 19.58 ? 151 LEU A CD2 1 
ATOM   1229 N  N   . SER A 1 164 ? -10.481 2.514   7.662   1.00 17.19 ? 152 SER A N   1 
ATOM   1230 C  CA  . SER A 1 164 ? -10.700 1.389   8.566   1.00 23.33 ? 152 SER A CA  1 
ATOM   1231 C  C   . SER A 1 164 ? -12.174 1.112   8.854   1.00 25.86 ? 152 SER A C   1 
ATOM   1232 O  O   . SER A 1 164 ? -12.529 -0.001  9.224   1.00 30.69 ? 152 SER A O   1 
ATOM   1233 C  CB  . SER A 1 164 ? -9.905  1.564   9.870   1.00 21.79 ? 152 SER A CB  1 
ATOM   1234 O  OG  . SER A 1 164 ? -10.355 2.665   10.638  1.00 20.89 ? 152 SER A OG  1 
ATOM   1235 N  N   . ASN A 1 165 ? -13.034 2.100   8.676   1.00 29.05 ? 153 ASN A N   1 
ATOM   1236 C  CA  . ASN A 1 165 ? -14.454 1.838   8.891   1.00 35.17 ? 153 ASN A CA  1 
ATOM   1237 C  C   . ASN A 1 165 ? -15.183 1.544   7.584   1.00 36.27 ? 153 ASN A C   1 
ATOM   1238 O  O   . ASN A 1 165 ? -16.411 1.664   7.509   1.00 37.79 ? 153 ASN A O   1 
ATOM   1239 C  CB  . ASN A 1 165 ? -15.119 3.003   9.615   1.00 38.40 ? 153 ASN A CB  1 
ATOM   1240 C  CG  . ASN A 1 165 ? -14.828 2.991   11.101  1.00 43.33 ? 153 ASN A CG  1 
ATOM   1241 O  OD1 . ASN A 1 165 ? -14.672 1.922   11.706  1.00 49.09 ? 153 ASN A OD1 1 
ATOM   1242 N  ND2 . ASN A 1 165 ? -14.768 4.171   11.707  1.00 44.63 ? 153 ASN A ND2 1 
ATOM   1243 N  N   . ALA A 1 166 ? -14.433 1.149   6.558   1.00 33.93 ? 154 ALA A N   1 
ATOM   1244 C  CA  . ALA A 1 166 ? -15.035 0.844   5.265   1.00 33.84 ? 154 ALA A CA  1 
ATOM   1245 C  C   . ALA A 1 166 ? -14.199 -0.102  4.404   1.00 34.27 ? 154 ALA A C   1 
ATOM   1246 O  O   . ALA A 1 166 ? -14.291 -0.042  3.176   1.00 33.28 ? 154 ALA A O   1 
ATOM   1247 C  CB  . ALA A 1 166 ? -15.272 2.133   4.503   1.00 35.34 ? 154 ALA A CB  1 
ATOM   1248 N  N   . ASN A 1 167 ? -13.406 -0.975  5.036   1.00 33.59 ? 155 ASN A N   1 
ATOM   1249 C  CA  . ASN A 1 167 ? -12.544 -1.899  4.289   1.00 34.45 ? 155 ASN A CA  1 
ATOM   1250 C  C   . ASN A 1 167 ? -13.050 -3.338  4.167   1.00 37.96 ? 155 ASN A C   1 
ATOM   1251 O  O   . ASN A 1 167 ? -12.348 -4.208  3.652   1.00 37.52 ? 155 ASN A O   1 
ATOM   1252 C  CB  . ASN A 1 167 ? -11.105 -1.883  4.868   1.00 32.45 ? 155 ASN A CB  1 
ATOM   1253 C  CG  . ASN A 1 167 ? -11.050 -2.186  6.370   1.00 32.24 ? 155 ASN A CG  1 
ATOM   1254 O  OD1 . ASN A 1 167 ? -9.989  -2.049  7.018   1.00 26.66 ? 155 ASN A OD1 1 
ATOM   1255 N  ND2 . ASN A 1 167 ? -12.178 -2.590  6.928   1.00 29.64 ? 155 ASN A ND2 1 
ATOM   1256 N  N   . ARG A 1 168 ? -14.274 -3.584  4.618   1.00 40.86 ? 156 ARG A N   1 
ATOM   1257 C  CA  . ARG A 1 168 ? -14.856 -4.916  4.535   1.00 45.19 ? 156 ARG A CA  1 
ATOM   1258 C  C   . ARG A 1 168 ? -16.096 -4.860  3.649   1.00 45.87 ? 156 ARG A C   1 
ATOM   1259 O  O   . ARG A 1 168 ? -16.839 -3.881  3.676   1.00 45.15 ? 156 ARG A O   1 
ATOM   1260 C  CB  . ARG A 1 168 ? -15.217 -5.420  5.934   1.00 47.76 ? 156 ARG A CB  1 
ATOM   1261 C  CG  . ARG A 1 168 ? -13.997 -5.662  6.833   1.00 52.20 ? 156 ARG A CG  1 
ATOM   1262 C  CD  . ARG A 1 168 ? -14.414 -5.869  8.288   1.00 54.91 ? 156 ARG A CD  1 
ATOM   1263 N  NE  . ARG A 1 168 ? -14.086 -4.724  9.136   1.00 59.28 ? 156 ARG A NE  1 
ATOM   1264 C  CZ  . ARG A 1 168 ? -14.380 -3.457  8.848   1.00 62.02 ? 156 ARG A CZ  1 
ATOM   1265 N  NH1 . ARG A 1 168 ? -15.015 -3.144  7.724   1.00 63.81 ? 156 ARG A NH1 1 
ATOM   1266 N  NH2 . ARG A 1 168 ? -14.039 -2.494  9.688   1.00 63.52 ? 156 ARG A NH2 1 
ATOM   1267 N  N   . CYS A 1 169 ? -16.319 -5.912  2.868   1.00 47.42 ? 157 CYS A N   1 
ATOM   1268 C  CA  . CYS A 1 169 ? -17.462 -5.945  1.963   1.00 49.50 ? 157 CYS A CA  1 
ATOM   1269 C  C   . CYS A 1 169 ? -18.796 -6.303  2.605   1.00 50.88 ? 157 CYS A C   1 
ATOM   1270 O  O   . CYS A 1 169 ? -18.799 -6.809  3.746   1.00 52.00 ? 157 CYS A O   1 
ATOM   1271 C  CB  . CYS A 1 169 ? -17.158 -6.890  0.807   1.00 49.26 ? 157 CYS A CB  1 
ATOM   1272 S  SG  . CYS A 1 169 ? -15.761 -6.253  -0.170  1.00 49.04 ? 157 CYS A SG  1 
HETATM 1273 CD CD  . CD  B 2 .   ? 5.264   17.463  11.853  1.00 13.52 ? 200 CD  A CD  1 
HETATM 1274 CD CD  . CD  C 2 .   ? 12.535  -19.276 3.957   1.00 24.69 ? 201 CD  A CD  1 
HETATM 1275 CD CD  . CD  D 2 .   ? 10.061  5.496   -1.898  1.00 38.27 ? 202 CD  A CD  1 
HETATM 1276 CD CD  . CD  E 2 .   ? 11.214  7.093   1.151   1.00 42.78 ? 203 CD  A CD  1 
HETATM 1277 C  CAA . DE1 F 3 .   ? 3.655   -4.609  -0.216  1.00 33.84 ? 400 DE1 A CAA 1 
HETATM 1278 C  CAC . DE1 F 3 .   ? 2.221   -4.768  -0.722  1.00 37.31 ? 400 DE1 A CAC 1 
HETATM 1279 C  CAE . DE1 F 3 .   ? 1.380   -3.542  -0.362  1.00 38.65 ? 400 DE1 A CAE 1 
HETATM 1280 C  CAG . DE1 F 3 .   ? 0.676   -2.972  -1.594  1.00 38.24 ? 400 DE1 A CAG 1 
HETATM 1281 C  CAI . DE1 F 3 .   ? 1.564   -1.967  -2.331  1.00 38.98 ? 400 DE1 A CAI 1 
HETATM 1282 C  CAK . DE1 F 3 .   ? 0.853   -0.625  -2.521  1.00 39.93 ? 400 DE1 A CAK 1 
HETATM 1283 C  CAJ . DE1 F 3 .   ? -0.138  -0.659  -3.686  1.00 39.27 ? 400 DE1 A CAJ 1 
HETATM 1284 C  CAH . DE1 F 3 .   ? -1.111  0.517   -3.596  1.00 37.39 ? 400 DE1 A CAH 1 
HETATM 1285 C  CAF . DE1 F 3 .   ? -2.466  0.177   -4.221  1.00 34.46 ? 400 DE1 A CAF 1 
HETATM 1286 C  CAD . DE1 F 3 .   ? -3.300  1.435   -4.478  1.00 34.35 ? 400 DE1 A CAD 1 
HETATM 1287 O  OAB . DE1 F 3 .   ? -3.851  1.917   -3.249  1.00 28.50 ? 400 DE1 A OAB 1 
HETATM 1288 O  O   . HOH G 4 .   ? 6.520   -7.950  16.391  1.00 16.53 ? 204 HOH A O   1 
HETATM 1289 O  O   . HOH G 4 .   ? -6.560  3.220   -16.599 1.00 15.88 ? 205 HOH A O   1 
HETATM 1290 O  O   . HOH G 4 .   ? 8.822   11.740  -1.252  0.50 16.94 ? 206 HOH A O   1 
HETATM 1291 O  O   . HOH G 4 .   ? 3.869   8.325   -18.042 1.00 14.16 ? 207 HOH A O   1 
HETATM 1292 O  O   . HOH G 4 .   ? 14.784  4.238   -8.996  1.00 18.04 ? 208 HOH A O   1 
HETATM 1293 O  O   . HOH G 4 .   ? -4.013  -0.108  -1.525  1.00 13.04 ? 209 HOH A O   1 
HETATM 1294 O  O   . HOH G 4 .   ? 11.608  -19.952 5.837   1.00 25.69 ? 210 HOH A O   1 
HETATM 1295 O  O   . HOH G 4 .   ? -11.295 15.847  -3.787  1.00 24.46 ? 211 HOH A O   1 
HETATM 1296 O  O   . HOH G 4 .   ? 11.605  10.750  2.430   1.00 14.21 ? 212 HOH A O   1 
HETATM 1297 O  O   . HOH G 4 .   ? -3.671  -4.916  12.536  1.00 16.12 ? 213 HOH A O   1 
HETATM 1298 O  O   . HOH G 4 .   ? -8.644  -4.087  2.856   1.00 15.54 ? 214 HOH A O   1 
HETATM 1299 O  O   . HOH G 4 .   ? -11.301 -0.706  15.222  1.00 15.30 ? 215 HOH A O   1 
HETATM 1300 O  O   . HOH G 4 .   ? -2.794  7.064   -12.521 1.00 19.41 ? 216 HOH A O   1 
HETATM 1301 O  O   . HOH G 4 .   ? 8.074   10.649  -10.065 1.00 16.68 ? 217 HOH A O   1 
HETATM 1302 O  O   . HOH G 4 .   ? 13.930  -10.970 1.835   1.00 22.68 ? 218 HOH A O   1 
HETATM 1303 O  O   . HOH G 4 .   ? 6.544   4.633   -11.612 1.00 17.64 ? 219 HOH A O   1 
HETATM 1304 O  O   . HOH G 4 .   ? -1.975  -2.015  16.206  1.00 17.03 ? 220 HOH A O   1 
HETATM 1305 O  O   . HOH G 4 .   ? -9.774  10.183  7.363   1.00 21.00 ? 221 HOH A O   1 
HETATM 1306 O  O   . HOH G 4 .   ? 2.560   15.112  -12.640 1.00 19.52 ? 222 HOH A O   1 
HETATM 1307 O  O   . HOH G 4 .   ? -2.383  -5.042  15.078  1.00 25.77 ? 223 HOH A O   1 
HETATM 1308 O  O   . HOH G 4 .   ? 13.820  -8.310  9.231   1.00 27.72 ? 224 HOH A O   1 
HETATM 1309 O  O   . HOH G 4 .   ? 3.614   5.526   -17.796 1.00 17.82 ? 225 HOH A O   1 
HETATM 1310 O  O   . HOH G 4 .   ? -5.088  2.633   19.776  1.00 21.75 ? 226 HOH A O   1 
HETATM 1311 O  O   . HOH G 4 .   ? 6.565   -12.014 16.712  1.00 23.99 ? 229 HOH A O   1 
HETATM 1312 O  O   . HOH G 4 .   ? -1.045  14.066  -19.289 1.00 23.13 ? 230 HOH A O   1 
HETATM 1313 O  O   . HOH G 4 .   ? 12.043  -18.529 0.120   1.00 52.83 ? 231 HOH A O   1 
HETATM 1314 O  O   . HOH G 4 .   ? 2.250   -5.712  -14.222 1.00 32.02 ? 232 HOH A O   1 
HETATM 1315 O  O   . HOH G 4 .   ? -13.147 9.407   1.075   1.00 32.70 ? 233 HOH A O   1 
HETATM 1316 O  O   . HOH G 4 .   ? 4.270   -6.949  -12.978 1.00 32.97 ? 234 HOH A O   1 
HETATM 1317 O  O   . HOH G 4 .   ? 4.900   -13.752 13.747  1.00 25.66 ? 235 HOH A O   1 
HETATM 1318 O  O   . HOH G 4 .   ? -4.368  16.759  -3.865  1.00 30.92 ? 236 HOH A O   1 
HETATM 1319 O  O   . HOH G 4 .   ? -0.348  -7.880  -12.881 1.00 31.62 ? 237 HOH A O   1 
HETATM 1320 O  O   . HOH G 4 .   ? 5.173   -12.739 9.469   1.00 23.80 ? 238 HOH A O   1 
HETATM 1321 O  O   . HOH G 4 .   ? -2.066  0.799   -17.372 1.00 27.27 ? 239 HOH A O   1 
HETATM 1322 O  O   . HOH G 4 .   ? -4.901  -0.768  -15.474 1.00 26.40 ? 240 HOH A O   1 
HETATM 1323 O  O   . HOH G 4 .   ? 9.022   4.896   -10.900 1.00 27.64 ? 241 HOH A O   1 
HETATM 1324 O  O   . HOH G 4 .   ? 0.642   9.663   -12.926 1.00 17.24 ? 242 HOH A O   1 
HETATM 1325 O  O   . HOH G 4 .   ? -3.739  22.717  2.763   1.00 21.66 ? 243 HOH A O   1 
HETATM 1326 O  O   . HOH G 4 .   ? 6.208   -5.179  -13.645 1.00 28.36 ? 244 HOH A O   1 
HETATM 1327 O  O   . HOH G 4 .   ? 16.938  -2.578  8.699   1.00 31.31 ? 245 HOH A O   1 
HETATM 1328 O  O   . HOH G 4 .   ? 4.161   13.618  -7.110  1.00 18.47 ? 246 HOH A O   1 
HETATM 1329 O  O   . HOH G 4 .   ? 2.437   14.849  -8.561  1.00 26.70 ? 247 HOH A O   1 
HETATM 1330 O  O   . HOH G 4 .   ? 0.053   16.621  -18.715 1.00 27.38 ? 248 HOH A O   1 
HETATM 1331 O  O   . HOH G 4 .   ? 8.326   -15.227 -8.840  1.00 32.65 ? 249 HOH A O   1 
HETATM 1332 O  O   . HOH G 4 .   ? 4.558   -14.369 -10.428 1.00 34.33 ? 250 HOH A O   1 
HETATM 1333 O  O   . HOH G 4 .   ? -1.958  -15.699 -1.853  1.00 46.11 ? 251 HOH A O   1 
HETATM 1334 O  O   . HOH G 4 .   ? 16.464  -5.690  0.894   1.00 31.40 ? 252 HOH A O   1 
HETATM 1335 O  O   . HOH G 4 .   ? -2.936  16.306  -14.843 1.00 48.13 ? 253 HOH A O   1 
HETATM 1336 O  O   . HOH G 4 .   ? 3.692   12.392  16.733  1.00 24.49 ? 254 HOH A O   1 
HETATM 1337 O  O   . HOH G 4 .   ? 9.422   3.526   -5.987  1.00 39.73 ? 255 HOH A O   1 
HETATM 1338 O  O   . HOH G 4 .   ? 13.459  -6.227  -6.179  1.00 30.12 ? 256 HOH A O   1 
HETATM 1339 O  O   . HOH G 4 .   ? -8.464  7.674   -10.464 1.00 22.57 ? 257 HOH A O   1 
HETATM 1340 O  O   . HOH G 4 .   ? 9.255   -19.198 0.494   1.00 48.24 ? 258 HOH A O   1 
HETATM 1341 O  O   . HOH G 4 .   ? -12.698 1.373   -4.270  1.00 25.10 ? 259 HOH A O   1 
HETATM 1342 O  O   . HOH G 4 .   ? 3.339   -16.816 5.999   1.00 31.11 ? 260 HOH A O   1 
HETATM 1343 O  O   . HOH G 4 .   ? -13.646 4.700   7.245   1.00 50.99 ? 261 HOH A O   1 
HETATM 1344 O  O   . HOH G 4 .   ? 9.715   -11.145 -11.418 1.00 37.55 ? 262 HOH A O   1 
HETATM 1345 O  O   . HOH G 4 .   ? 12.106  -8.205  -1.766  1.00 31.25 ? 263 HOH A O   1 
HETATM 1346 O  O   . HOH G 4 .   ? 0.912   0.360   18.915  1.00 35.22 ? 264 HOH A O   1 
HETATM 1347 O  O   . HOH G 4 .   ? 1.341   14.163  7.141   1.00 23.11 ? 265 HOH A O   1 
HETATM 1348 O  O   . HOH G 4 .   ? -3.131  18.845  6.279   1.00 24.12 ? 266 HOH A O   1 
HETATM 1349 O  O   . HOH G 4 .   ? -6.463  7.501   -12.482 1.00 31.66 ? 267 HOH A O   1 
HETATM 1350 O  O   . HOH G 4 .   ? 10.863  -13.282 -2.806  1.00 41.32 ? 268 HOH A O   1 
HETATM 1351 O  O   . HOH G 4 .   ? -4.307  13.510  11.131  1.00 26.02 ? 269 HOH A O   1 
HETATM 1352 O  O   . HOH G 4 .   ? -1.910  11.681  -15.615 1.00 39.28 ? 270 HOH A O   1 
HETATM 1353 O  O   . HOH G 4 .   ? 7.281   7.096   11.028  1.00 29.23 ? 271 HOH A O   1 
HETATM 1354 O  O   . HOH G 4 .   ? 2.583   14.213  10.290  1.00 26.76 ? 272 HOH A O   1 
HETATM 1355 O  O   . HOH G 4 .   ? -4.781  -13.804 -7.197  1.00 46.10 ? 273 HOH A O   1 
HETATM 1356 O  O   . HOH G 4 .   ? -7.363  3.106   15.833  1.00 23.21 ? 274 HOH A O   1 
HETATM 1357 O  O   . HOH G 4 .   ? 3.463   -17.795 -0.165  1.00 50.96 ? 275 HOH A O   1 
HETATM 1358 O  O   . HOH G 4 .   ? -15.200 -9.635  -8.654  1.00 44.72 ? 276 HOH A O   1 
HETATM 1359 O  O   . HOH G 4 .   ? -7.831  -10.050 4.217   1.00 26.38 ? 277 HOH A O   1 
HETATM 1360 O  O   . HOH G 4 .   ? 6.196   -16.667 5.640   1.00 34.12 ? 278 HOH A O   1 
HETATM 1361 O  O   . HOH G 4 .   ? -1.321  11.557  -12.667 1.00 31.29 ? 279 HOH A O   1 
HETATM 1362 O  O   . HOH G 4 .   ? -11.997 10.146  -7.395  1.00 35.92 ? 280 HOH A O   1 
HETATM 1363 O  O   . HOH G 4 .   ? 12.328  3.889   -9.181  1.00 33.42 ? 281 HOH A O   1 
HETATM 1364 O  O   . HOH G 4 .   ? -2.057  3.538   20.476  1.00 22.68 ? 282 HOH A O   1 
HETATM 1365 O  O   . HOH G 4 .   ? 14.422  -0.350  8.707   1.00 50.16 ? 283 HOH A O   1 
HETATM 1366 O  O   . HOH G 4 .   ? 10.086  -2.952  -14.029 1.00 42.33 ? 284 HOH A O   1 
HETATM 1367 O  O   . HOH G 4 .   ? -14.449 -7.769  3.039   1.00 48.59 ? 285 HOH A O   1 
HETATM 1368 O  O   . HOH G 4 .   ? -5.414  -11.527 16.048  1.00 25.76 ? 286 HOH A O   1 
HETATM 1369 O  O   . HOH G 4 .   ? -0.211  17.789  7.814   1.00 32.75 ? 287 HOH A O   1 
HETATM 1370 O  O   . HOH G 4 .   ? -16.628 -2.083  5.435   1.00 56.36 ? 289 HOH A O   1 
HETATM 1371 O  O   . HOH G 4 .   ? -12.860 3.561   -6.148  1.00 34.74 ? 290 HOH A O   1 
HETATM 1372 O  O   . HOH G 4 .   ? -12.308 8.659   7.267   1.00 41.62 ? 291 HOH A O   1 
HETATM 1373 O  O   . HOH G 4 .   ? 9.443   -11.367 -3.557  1.00 35.92 ? 292 HOH A O   1 
HETATM 1374 O  O   . HOH G 4 .   ? -14.605 2.890   -1.023  1.00 33.43 ? 293 HOH A O   1 
HETATM 1375 O  O   . HOH G 4 .   ? -15.990 -4.338  11.060  1.00 35.16 ? 294 HOH A O   1 
HETATM 1376 O  O   . HOH G 4 .   ? -13.027 12.551  -6.217  1.00 36.42 ? 295 HOH A O   1 
HETATM 1377 O  O   . HOH G 4 .   ? -7.889  11.291  -11.891 1.00 54.87 ? 296 HOH A O   1 
HETATM 1378 O  O   . HOH G 4 .   ? -14.420 -2.443  1.413   1.00 30.71 ? 297 HOH A O   1 
HETATM 1379 O  O   . HOH G 4 .   ? 7.965   5.930   13.036  1.00 36.81 ? 298 HOH A O   1 
HETATM 1380 O  O   . HOH G 4 .   ? -12.780 -8.163  7.553   1.00 43.27 ? 299 HOH A O   1 
HETATM 1381 O  O   . HOH G 4 .   ? 0.710   17.038  0.053   1.00 31.87 ? 300 HOH A O   1 
HETATM 1382 O  O   . HOH G 4 .   ? -9.202  16.780  3.712   1.00 36.68 ? 301 HOH A O   1 
HETATM 1383 O  O   . HOH G 4 .   ? 13.817  -17.635 -9.431  1.00 58.06 ? 302 HOH A O   1 
HETATM 1384 O  O   . HOH G 4 .   ? -11.876 -1.781  10.747  1.00 34.49 ? 303 HOH A O   1 
HETATM 1385 O  O   . HOH G 4 .   ? 12.666  3.271   5.593   1.00 32.17 ? 304 HOH A O   1 
HETATM 1386 O  O   . HOH G 4 .   ? 4.124   -9.771  -14.367 1.00 57.63 ? 305 HOH A O   1 
HETATM 1387 O  O   . HOH G 4 .   ? -7.392  8.228   11.507  1.00 32.25 ? 306 HOH A O   1 
HETATM 1388 O  O   . HOH G 4 .   ? 3.225   7.337   17.394  1.00 28.50 ? 307 HOH A O   1 
HETATM 1389 O  O   . HOH G 4 .   ? -11.761 -2.997  -9.714  1.00 48.75 ? 308 HOH A O   1 
HETATM 1390 O  O   . HOH G 4 .   ? -12.645 -2.144  13.316  1.00 29.83 ? 309 HOH A O   1 
HETATM 1391 O  O   . HOH G 4 .   ? 7.709   13.315  10.060  1.00 32.27 ? 310 HOH A O   1 
HETATM 1392 O  O   . HOH G 4 .   ? -3.165  -15.407 2.509   1.00 43.75 ? 311 HOH A O   1 
HETATM 1393 O  O   . HOH G 4 .   ? -12.112 12.077  2.572   1.00 39.70 ? 312 HOH A O   1 
HETATM 1394 O  O   . HOH G 4 .   ? -2.795  8.766   10.219  1.00 36.97 ? 313 HOH A O   1 
HETATM 1395 O  O   . HOH G 4 .   ? 12.530  -14.278 2.770   1.00 43.17 ? 314 HOH A O   1 
HETATM 1396 O  O   . HOH G 4 .   ? 7.728   -2.453  16.469  1.00 47.12 ? 315 HOH A O   1 
HETATM 1397 O  O   . HOH G 4 .   ? 10.748  -5.421  -12.817 1.00 49.08 ? 316 HOH A O   1 
HETATM 1398 O  O   . HOH G 4 .   ? -14.270 10.451  -1.165  1.00 43.63 ? 317 HOH A O   1 
HETATM 1399 O  O   . HOH G 4 .   ? -2.252  -5.164  -13.338 1.00 51.96 ? 318 HOH A O   1 
HETATM 1400 O  O   . HOH G 4 .   ? 11.818  3.157   0.408   1.00 43.29 ? 319 HOH A O   1 
HETATM 1401 O  O   . HOH G 4 .   ? 9.221   3.739   -2.990  1.00 18.09 ? 320 HOH A O   1 
HETATM 1402 O  O   . HOH G 4 .   ? -9.805  14.924  -11.725 1.00 28.70 ? 321 HOH A O   1 
HETATM 1403 O  O   . HOH G 4 .   ? 10.194  4.910   0.528   1.00 15.45 ? 322 HOH A O   1 
HETATM 1404 O  O   . HOH G 4 .   ? 8.874   -12.050 15.642  1.00 22.99 ? 323 HOH A O   1 
HETATM 1405 O  O   . HOH G 4 .   ? 6.346   19.535  11.889  1.00 20.19 ? 324 HOH A O   1 
HETATM 1406 O  O   . HOH G 4 .   ? 10.543  5.602   -8.895  1.00 29.82 ? 325 HOH A O   1 
HETATM 1407 O  O   . HOH G 4 .   ? -10.785 -10.277 8.426   1.00 24.32 ? 326 HOH A O   1 
HETATM 1408 O  O   . HOH G 4 .   ? 11.150  6.701   3.564   1.00 24.61 ? 327 HOH A O   1 
HETATM 1409 O  O   . HOH G 4 .   ? 11.442  3.665   -11.901 1.00 27.17 ? 328 HOH A O   1 
HETATM 1410 O  O   . HOH G 4 .   ? -3.422  11.509  9.532   1.00 28.09 ? 329 HOH A O   1 
HETATM 1411 O  O   . HOH G 4 .   ? 4.899   9.017   15.867  1.00 35.25 ? 330 HOH A O   1 
HETATM 1412 O  O   . HOH G 4 .   ? 13.959  -9.373  -0.516  1.00 29.49 ? 331 HOH A O   1 
HETATM 1413 O  O   . HOH G 4 .   ? 4.066   16.204  -4.863  1.00 47.98 ? 332 HOH A O   1 
HETATM 1414 O  O   . HOH G 4 .   ? 1.671   16.768  9.573   1.00 27.59 ? 333 HOH A O   1 
HETATM 1415 O  O   . HOH G 4 .   ? -0.963  -15.439 1.250   1.00 33.32 ? 334 HOH A O   1 
HETATM 1416 O  O   . HOH G 4 .   ? -5.182  -13.816 2.562   1.00 43.80 ? 335 HOH A O   1 
HETATM 1417 O  O   . HOH G 4 .   ? -9.188  9.916   -10.130 1.00 46.28 ? 336 HOH A O   1 
HETATM 1418 O  O   . HOH G 4 .   ? 12.961  2.119   2.365   1.00 50.61 ? 337 HOH A O   1 
HETATM 1419 O  O   . HOH G 4 .   ? 2.466   -15.639 8.032   1.00 41.33 ? 338 HOH A O   1 
HETATM 1420 O  O   . HOH G 4 .   ? 11.354  8.905   5.038   1.00 35.84 ? 339 HOH A O   1 
HETATM 1421 O  O   . HOH G 4 .   ? -14.749 10.653  -5.544  1.00 43.28 ? 340 HOH A O   1 
HETATM 1422 O  O   . HOH G 4 .   ? 3.786   16.456  -10.628 1.00 35.44 ? 341 HOH A O   1 
HETATM 1423 O  O   . HOH G 4 .   ? 2.166   16.911  -14.594 1.00 34.70 ? 342 HOH A O   1 
HETATM 1424 O  O   . HOH G 4 .   ? -10.365 -5.690  4.395   1.00 28.23 ? 343 HOH A O   1 
HETATM 1425 O  O   . HOH G 4 .   ? -13.343 7.728   5.001   1.00 44.95 ? 344 HOH A O   1 
HETATM 1426 O  O   . HOH G 4 .   ? -8.035  5.629   15.032  1.00 37.96 ? 345 HOH A O   1 
HETATM 1427 O  O   . HOH G 4 .   ? 13.970  -7.293  -3.670  1.00 40.07 ? 346 HOH A O   1 
HETATM 1428 O  O   . HOH G 4 .   ? -14.691 2.003   -8.252  1.00 43.33 ? 347 HOH A O   1 
HETATM 1429 O  O   . HOH G 4 .   ? 8.750   8.663   9.861   1.00 48.26 ? 348 HOH A O   1 
HETATM 1430 O  O   . HOH G 4 .   ? 0.738   1.333   -18.316 1.00 37.89 ? 349 HOH A O   1 
HETATM 1431 O  O   . HOH G 4 .   ? -4.178  2.352   -18.012 1.00 57.66 ? 350 HOH A O   1 
HETATM 1432 O  O   . HOH G 4 .   ? 9.567   -2.197  -16.427 1.00 44.22 ? 351 HOH A O   1 
HETATM 1433 O  O   . HOH G 4 .   ? 11.057  -15.393 -0.923  1.00 45.34 ? 352 HOH A O   1 
HETATM 1434 O  O   . HOH G 4 .   ? -7.800  -9.140  -11.575 1.00 35.77 ? 353 HOH A O   1 
HETATM 1435 O  O   . HOH G 4 .   ? 6.934   -17.113 0.551   1.00 33.99 ? 354 HOH A O   1 
HETATM 1436 O  O   . HOH G 4 .   ? 16.885  1.102   3.296   1.00 54.56 ? 355 HOH A O   1 
HETATM 1437 O  O   . HOH G 4 .   ? -2.431  -12.998 -3.266  1.00 36.48 ? 356 HOH A O   1 
HETATM 1438 O  O   . HOH G 4 .   ? 11.255  7.794   9.003   1.00 48.06 ? 357 HOH A O   1 
HETATM 1439 O  O   . HOH G 4 .   ? -12.129 -5.445  -10.576 1.00 48.62 ? 358 HOH A O   1 
HETATM 1440 O  O   . HOH G 4 .   ? 5.607   14.369  16.946  1.00 47.58 ? 359 HOH A O   1 
HETATM 1441 O  O   . HOH G 4 .   ? -1.544  -16.287 -5.311  1.00 49.75 ? 360 HOH A O   1 
HETATM 1442 O  O   . HOH G 4 .   ? 20.433  -7.815  8.540   1.00 49.88 ? 361 HOH A O   1 
HETATM 1443 O  O   . HOH G 4 .   ? -9.829  -11.494 5.872   1.00 36.27 ? 362 HOH A O   1 
HETATM 1444 O  O   . HOH G 4 .   ? 10.496  5.537   13.818  1.00 49.98 ? 363 HOH A O   1 
HETATM 1445 O  O   . HOH G 4 .   ? -11.236 14.915  -9.652  1.00 65.38 ? 364 HOH A O   1 
HETATM 1446 O  O   . HOH G 4 .   ? 13.360  -11.062 10.337  1.00 48.08 ? 365 HOH A O   1 
HETATM 1447 O  O   . HOH G 4 .   ? 5.566   -3.337  16.373  1.00 51.85 ? 366 HOH A O   1 
HETATM 1448 O  O   . HOH G 4 .   ? 8.344   -7.722  14.284  1.00 38.73 ? 367 HOH A O   1 
HETATM 1449 O  O   . HOH G 4 .   ? -6.660  15.216  -6.712  1.00 32.92 ? 368 HOH A O   1 
HETATM 1450 O  O   . HOH G 4 .   ? 7.145   15.844  15.252  1.00 36.62 ? 369 HOH A O   1 
HETATM 1451 O  O   . HOH G 4 .   ? 6.874   8.515   14.282  1.00 35.07 ? 370 HOH A O   1 
HETATM 1452 O  O   . HOH G 4 .   ? -12.303 16.196  -1.598  1.00 53.53 ? 371 HOH A O   1 
HETATM 1453 O  O   . HOH G 4 .   ? 14.058  -18.001 5.038   1.00 39.53 ? 372 HOH A O   1 
HETATM 1454 O  O   . HOH G 4 .   ? -11.718 1.001   -9.697  1.00 47.40 ? 373 HOH A O   1 
HETATM 1455 O  O   . HOH G 4 .   ? 2.399   18.035  -5.473  0.50 52.69 ? 374 HOH A O   1 
HETATM 1456 O  O   . HOH G 4 .   ? 5.251   -11.862 -13.339 1.00 43.58 ? 375 HOH A O   1 
HETATM 1457 O  O   . HOH G 4 .   ? -1.748  19.686  8.313   1.00 36.25 ? 376 HOH A O   1 
HETATM 1458 O  O   . HOH G 4 .   ? -11.113 -7.693  2.928   1.00 51.02 ? 377 HOH A O   1 
HETATM 1459 O  O   . HOH G 4 .   ? -6.079  18.693  -0.391  1.00 50.24 ? 378 HOH A O   1 
HETATM 1460 O  O   . HOH G 4 .   ? 5.140   -0.950  17.344  1.00 39.35 ? 379 HOH A O   1 
HETATM 1461 O  O   . HOH G 4 .   ? -11.947 16.616  5.018   1.00 51.23 ? 380 HOH A O   1 
HETATM 1462 O  O   . HOH G 4 .   ? -14.279 4.997   -10.908 1.00 47.40 ? 381 HOH A O   1 
HETATM 1463 O  O   . HOH G 4 .   ? 11.750  5.502   6.445   1.00 49.30 ? 382 HOH A O   1 
HETATM 1464 O  O   . HOH G 4 .   ? 17.690  -0.827  -2.899  1.00 41.77 ? 383 HOH A O   1 
HETATM 1465 O  O   . HOH G 4 .   ? -9.955  -0.919  -10.434 1.00 42.50 ? 384 HOH A O   1 
HETATM 1466 O  O   . HOH G 4 .   ? 12.236  4.928   2.225   1.00 47.14 ? 385 HOH A O   1 
HETATM 1467 O  O   . HOH G 4 .   ? 16.292  -8.381  0.158   1.00 47.63 ? 386 HOH A O   1 
HETATM 1468 O  O   . HOH G 4 .   ? -17.607 -9.673  -5.755  1.00 64.01 ? 387 HOH A O   1 
HETATM 1469 O  O   . HOH G 4 .   ? 4.996   -3.476  -15.143 1.00 50.22 ? 388 HOH A O   1 
HETATM 1470 O  O   . HOH G 4 .   ? 8.746   -4.930  17.035  1.00 61.08 ? 389 HOH A O   1 
HETATM 1471 O  O   . HOH G 4 .   ? 19.862  -6.255  -16.577 1.00 62.71 ? 390 HOH A O   1 
HETATM 1472 O  O   . HOH G 4 .   ? 6.847   15.963  12.662  1.00 12.58 ? 401 HOH A O   1 
HETATM 1473 O  O   . HOH G 4 .   ? 12.974  -19.071 2.121   1.00 28.62 ? 402 HOH A O   1 
HETATM 1474 O  O   . HOH G 4 .   ? 0.727   -11.000 2.906   1.00 90.58 ? 405 HOH A O   1 
HETATM 1475 O  O   . HOH G 4 .   ? 11.883  -0.496  1.823   1.00 84.16 ? 406 HOH A O   1 
HETATM 1476 O  O   . HOH G 4 .   ? 7.813   2.511   -0.998  1.00 92.94 ? 407 HOH A O   1 
HETATM 1477 O  O   . HOH G 4 .   ? 14.576  -20.426 4.218   1.00 21.57 ? 408 HOH A O   1 
HETATM 1478 O  O   . HOH G 4 .   ? 10.033  5.883   -4.389  1.00 26.33 ? 409 HOH A O   1 
HETATM 1479 O  O   . HOH G 4 .   ? 1.746   -15.172 -10.925 1.00 47.08 ? 410 HOH A O   1 
HETATM 1480 O  O   . HOH G 4 .   ? -12.321 2.667   12.573  1.00 39.86 ? 411 HOH A O   1 
HETATM 1481 O  O   . HOH G 4 .   ? -9.292  5.545   -15.507 1.00 54.78 ? 412 HOH A O   1 
HETATM 1482 O  O   . HOH G 4 .   ? -5.421  23.368  4.299   1.00 55.66 ? 413 HOH A O   1 
HETATM 1483 O  O   . HOH G 4 .   ? 8.344   -10.625 13.428  1.00 46.98 ? 414 HOH A O   1 
HETATM 1484 O  O   . HOH G 4 .   ? -17.105 -8.866  3.126   1.00 59.52 ? 415 HOH A O   1 
HETATM 1485 O  O   . HOH G 4 .   ? 13.829  0.136   -10.757 1.00 48.66 ? 416 HOH A O   1 
HETATM 1486 O  O   . HOH G 4 .   ? -8.508  21.024  3.898   1.00 51.62 ? 417 HOH A O   1 
HETATM 1487 O  O   . HOH G 4 .   ? -16.149 8.802   1.367   1.00 57.51 ? 418 HOH A O   1 
HETATM 1488 O  O   . HOH G 4 .   ? 16.531  -8.363  -3.821  1.00 55.48 ? 419 HOH A O   1 
HETATM 1489 O  O   . HOH G 4 .   ? -8.254  7.815   -14.505 1.00 48.24 ? 420 HOH A O   1 
HETATM 1490 O  O   . HOH G 4 .   ? 11.802  3.083   -5.152  1.00 48.25 ? 421 HOH A O   1 
HETATM 1491 O  O   . HOH G 4 .   ? -14.106 -12.293 -8.789  1.00 42.94 ? 422 HOH A O   1 
HETATM 1492 O  O   . HOH G 4 .   ? -22.059 4.888   -5.898  1.00 56.20 ? 423 HOH A O   1 
HETATM 1493 O  O   . HOH G 4 .   ? -9.091  -10.244 -5.240  1.00 46.12 ? 424 HOH A O   1 
HETATM 1494 O  O   . HOH G 4 .   ? 14.015  3.556   -1.297  1.00 40.25 ? 425 HOH A O   1 
HETATM 1495 O  O   . HOH G 4 .   ? 8.561   4.475   10.903  1.00 54.76 ? 426 HOH A O   1 
HETATM 1496 O  O   . HOH G 4 .   ? -9.099  -12.820 -3.263  1.00 48.21 ? 427 HOH A O   1 
HETATM 1497 O  O   . HOH G 4 .   ? -17.128 -2.994  -7.803  1.00 42.35 ? 428 HOH A O   1 
HETATM 1498 O  O   . HOH G 4 .   ? -16.053 -9.738  -3.539  1.00 48.94 ? 429 HOH A O   1 
HETATM 1499 O  O   . HOH G 4 .   ? 6.609   -12.304 11.841  1.00 36.46 ? 430 HOH A O   1 
HETATM 1500 O  O   . HOH G 4 .   ? -15.269 -1.282  -8.316  1.00 53.07 ? 431 HOH A O   1 
HETATM 1501 O  O   . HOH G 4 .   ? -26.475 3.756   1.051   1.00 56.34 ? 432 HOH A O   1 
HETATM 1502 O  O   . HOH G 4 .   ? -13.699 14.778  -8.132  1.00 58.70 ? 433 HOH A O   1 
HETATM 1503 O  O   . HOH G 4 .   ? 17.519  -9.398  3.098   1.00 54.16 ? 434 HOH A O   1 
HETATM 1504 O  O   . HOH G 4 .   ? -6.104  -11.010 -12.934 1.00 58.62 ? 435 HOH A O   1 
HETATM 1505 O  O   . HOH G 4 .   ? -22.396 -6.439  1.654   1.00 56.97 ? 436 HOH A O   1 
HETATM 1506 O  O   . HOH G 4 .   ? 3.319   18.462  10.974  1.00 16.90 ? 437 HOH A O   1 
# 
